data_6S7K
#
_entry.id   6S7K
#
_cell.length_a   174.669
_cell.length_b   96.388
_cell.length_c   123.707
_cell.angle_alpha   90.000
_cell.angle_beta   102.650
_cell.angle_gamma   90.000
#
_symmetry.space_group_name_H-M   'C 1 2 1'
#
loop_
_entity.id
_entity.type
_entity.pdbx_description
1 polymer 'Fumarate hydratase class II'
2 non-polymer ~{N}-[2-methoxy-5-(methylsulfamoyl)phenyl]-2-(4-oxidanylidene-3~{H}-phthalazin-1-yl)ethanamide
3 non-polymer 'FORMIC ACID'
4 non-polymer 'MAGNESIUM ION'
5 water water
#
_entity_poly.entity_id   1
_entity_poly.type   'polypeptide(L)'
_entity_poly.pdbx_seq_one_letter_code
;MAVDADSANYRIEHDTMGEVRVPAKALWRAQTQRAVENFPISGRGLERTQIRALGLLKGACAQVNSDLGLLAPEKADAII
AAAAEIADGQHDDQFPIDVFQTGSGTSSNMNTNEVIASIAAKGGVTLHPNDDVNMSQSSNDTFPTATHIAATEAAVAHLI
PALQQLHDALAAKALDWHTVVKSGRTHLMDAVPVTLGQEFSGYARQIEAGIERVRACLPRLGELAIGGTAVGTGLNAPDD
FGVRVVAVLVAQTGLSELRTAANSFEAQAARDGLVEASGALRTIAVSLTKIANDIRWMGSGPLTGLAEIQLPDLQPGSSI
MPGKVNPVLPEAVTQVAAQVIGNDAAIAWGGANGAFELNVYIPMMARNILESFKLLTNVSRLFAQRCIAGLTANVEHLRR
LAESSPSIVTPLNSAIGYEEAAAVAKQALKERKTIRQTVIDRGLIGDRLSIEDLDRRLDVLAMAKAEQLDSDRL
;
_entity_poly.pdbx_strand_id   A,B,C,D
#
loop_
_chem_comp.id
_chem_comp.type
_chem_comp.name
_chem_comp.formula
FMT non-polymer 'FORMIC ACID' 'C H2 O2'
KYZ non-polymer ~{N}-[2-methoxy-5-(methylsulfamoyl)phenyl]-2-(4-oxidanylidene-3~{H}-phthalazin-1-yl)ethanamide 'C18 H18 N4 O5 S'
MG non-polymer 'MAGNESIUM ION' 'Mg 2'
#
# COMPACT_ATOMS: atom_id res chain seq x y z
N TYR A 10 37.40 -9.61 23.96
CA TYR A 10 37.12 -10.73 23.01
C TYR A 10 37.06 -12.08 23.76
N ARG A 11 36.23 -12.19 24.82
CA ARG A 11 36.12 -13.39 25.71
C ARG A 11 35.41 -14.54 24.98
N ILE A 12 35.56 -15.78 25.48
CA ILE A 12 35.11 -17.04 24.81
C ILE A 12 33.94 -17.61 25.62
N GLU A 13 32.96 -18.25 24.94
CA GLU A 13 31.79 -18.94 25.56
C GLU A 13 31.55 -20.26 24.83
N HIS A 14 30.92 -21.23 25.50
CA HIS A 14 30.75 -22.62 24.97
C HIS A 14 29.25 -22.97 24.92
N ASP A 15 28.77 -23.34 23.72
CA ASP A 15 27.36 -23.61 23.37
C ASP A 15 27.20 -25.13 23.14
N THR A 16 26.03 -25.56 22.68
CA THR A 16 25.77 -26.92 22.15
C THR A 16 26.76 -27.18 21.01
N MET A 17 26.73 -26.32 19.99
CA MET A 17 27.43 -26.54 18.68
C MET A 17 28.89 -26.09 18.76
N GLY A 18 29.39 -25.74 19.96
CA GLY A 18 30.84 -25.58 20.23
C GLY A 18 31.21 -24.17 20.69
N GLU A 19 32.20 -23.56 20.01
CA GLU A 19 32.96 -22.37 20.48
C GLU A 19 32.38 -21.10 19.83
N VAL A 20 32.22 -20.03 20.62
CA VAL A 20 31.78 -18.74 20.05
C VAL A 20 32.40 -17.60 20.85
N ARG A 21 33.11 -16.72 20.16
CA ARG A 21 33.74 -15.52 20.76
C ARG A 21 32.66 -14.43 20.94
N VAL A 22 32.62 -13.81 22.11
CA VAL A 22 31.68 -12.71 22.47
C VAL A 22 32.54 -11.51 22.90
N PRO A 23 32.25 -10.26 22.51
CA PRO A 23 33.03 -9.13 23.02
C PRO A 23 33.16 -9.13 24.56
N ALA A 24 34.29 -8.58 25.03
CA ALA A 24 34.70 -8.54 26.45
C ALA A 24 33.57 -7.94 27.29
N LYS A 25 33.09 -6.74 26.94
CA LYS A 25 32.12 -5.93 27.72
C LYS A 25 30.67 -6.21 27.31
N ALA A 26 30.41 -7.24 26.50
CA ALA A 26 29.03 -7.67 26.14
C ALA A 26 28.44 -8.45 27.33
N LEU A 27 27.21 -8.16 27.72
CA LEU A 27 26.50 -8.91 28.79
C LEU A 27 25.65 -10.01 28.14
N TRP A 28 25.54 -10.05 26.82
CA TRP A 28 24.86 -11.18 26.16
C TRP A 28 25.80 -12.39 26.13
N ARG A 29 25.27 -13.56 25.80
CA ARG A 29 25.98 -14.85 25.89
C ARG A 29 25.87 -15.58 24.53
N ALA A 30 25.98 -16.89 24.55
CA ALA A 30 26.24 -17.68 23.33
C ALA A 30 25.06 -17.61 22.36
N GLN A 31 23.83 -17.66 22.87
CA GLN A 31 22.64 -17.79 21.98
C GLN A 31 22.44 -16.47 21.23
N THR A 32 22.67 -15.34 21.89
CA THR A 32 22.62 -14.01 21.25
C THR A 32 23.72 -13.96 20.18
N GLN A 33 24.93 -14.35 20.55
CA GLN A 33 26.05 -14.27 19.57
C GLN A 33 25.77 -15.14 18.33
N ARG A 34 25.15 -16.32 18.46
CA ARG A 34 24.70 -17.19 17.34
C ARG A 34 23.69 -16.41 16.46
N ALA A 35 22.77 -15.70 17.09
CA ALA A 35 21.75 -14.92 16.35
C ALA A 35 22.42 -13.75 15.62
N VAL A 36 23.45 -13.15 16.20
CA VAL A 36 24.23 -12.06 15.54
C VAL A 36 24.83 -12.62 14.25
N GLU A 37 25.35 -13.84 14.32
CA GLU A 37 25.97 -14.51 13.16
C GLU A 37 24.91 -14.95 12.13
N ASN A 38 23.72 -15.34 12.56
N ASN A 38 23.72 -15.39 12.58
CA ASN A 38 22.68 -15.95 11.69
CA ASN A 38 22.63 -15.93 11.72
C ASN A 38 21.90 -14.85 10.94
C ASN A 38 21.98 -14.81 10.90
N PHE A 39 21.79 -13.64 11.48
CA PHE A 39 20.89 -12.60 10.88
C PHE A 39 21.59 -11.29 10.57
N PRO A 40 22.75 -11.25 9.87
CA PRO A 40 23.33 -9.95 9.47
C PRO A 40 22.62 -9.32 8.26
N ILE A 41 21.47 -8.71 8.49
CA ILE A 41 20.51 -8.41 7.39
C ILE A 41 20.40 -6.89 7.29
N SER A 42 19.93 -6.24 8.34
CA SER A 42 19.61 -4.80 8.29
C SER A 42 20.66 -4.00 9.06
N GLY A 43 21.33 -4.59 10.04
CA GLY A 43 22.25 -3.88 10.93
C GLY A 43 21.50 -2.98 11.90
N ARG A 44 20.19 -3.16 12.06
CA ARG A 44 19.37 -2.37 13.01
C ARG A 44 18.71 -3.37 13.94
N GLY A 45 18.86 -3.18 15.25
CA GLY A 45 18.22 -4.06 16.23
C GLY A 45 17.02 -3.40 16.86
N LEU A 46 16.66 -3.88 18.02
CA LEU A 46 15.46 -3.42 18.75
C LEU A 46 15.65 -1.96 19.15
N GLU A 47 14.52 -1.30 19.21
CA GLU A 47 14.48 0.10 19.67
C GLU A 47 14.39 0.12 21.19
N ARG A 48 14.72 1.27 21.74
CA ARG A 48 14.75 1.54 23.19
C ARG A 48 13.40 1.25 23.87
N THR A 49 12.30 1.29 23.12
N THR A 49 12.28 1.36 23.13
CA THR A 49 10.99 1.07 23.78
CA THR A 49 10.93 1.15 23.75
C THR A 49 10.71 -0.43 23.90
C THR A 49 10.68 -0.37 23.88
N GLN A 50 11.12 -1.24 22.92
N GLN A 50 11.08 -1.15 22.88
CA GLN A 50 10.93 -2.70 22.95
CA GLN A 50 11.02 -2.62 22.89
C GLN A 50 11.95 -3.32 23.92
C GLN A 50 11.90 -3.16 24.03
N ILE A 51 13.15 -2.72 24.07
CA ILE A 51 14.12 -3.21 25.07
C ILE A 51 13.55 -2.90 26.45
N ARG A 52 13.08 -1.67 26.66
CA ARG A 52 12.44 -1.33 27.95
C ARG A 52 11.34 -2.35 28.30
N ALA A 53 10.41 -2.61 27.36
CA ALA A 53 9.26 -3.50 27.61
C ALA A 53 9.75 -4.90 27.98
N LEU A 54 10.77 -5.39 27.28
CA LEU A 54 11.31 -6.76 27.59
C LEU A 54 11.80 -6.78 29.04
N GLY A 55 12.47 -5.72 29.46
CA GLY A 55 12.86 -5.56 30.87
C GLY A 55 11.66 -5.53 31.80
N LEU A 56 10.66 -4.72 31.49
CA LEU A 56 9.48 -4.61 32.41
C LEU A 56 8.88 -6.03 32.53
N LEU A 57 8.73 -6.74 31.42
CA LEU A 57 8.08 -8.06 31.39
C LEU A 57 8.87 -9.08 32.22
N LYS A 58 10.20 -9.18 32.03
CA LYS A 58 11.03 -10.16 32.77
C LYS A 58 10.97 -9.88 34.27
N GLY A 59 10.98 -8.61 34.69
CA GLY A 59 10.79 -8.23 36.10
C GLY A 59 9.47 -8.74 36.63
N ALA A 60 8.39 -8.46 35.92
CA ALA A 60 7.03 -8.85 36.35
C ALA A 60 6.92 -10.37 36.41
N CYS A 61 7.49 -11.09 35.46
CA CYS A 61 7.44 -12.56 35.47
C CYS A 61 8.18 -13.11 36.70
N ALA A 62 9.36 -12.57 37.01
CA ALA A 62 10.15 -13.02 38.17
C ALA A 62 9.33 -12.75 39.44
N GLN A 63 8.66 -11.59 39.50
CA GLN A 63 7.83 -11.23 40.69
C GLN A 63 6.79 -12.33 40.90
N VAL A 64 6.10 -12.70 39.82
CA VAL A 64 4.98 -13.63 39.94
C VAL A 64 5.53 -15.02 40.26
N ASN A 65 6.58 -15.47 39.59
CA ASN A 65 7.18 -16.81 39.85
C ASN A 65 7.60 -16.87 41.34
N SER A 66 8.12 -15.80 41.85
CA SER A 66 8.48 -15.67 43.30
C SER A 66 7.20 -15.75 44.16
N ASP A 67 6.19 -14.94 43.83
CA ASP A 67 4.90 -14.89 44.58
C ASP A 67 4.29 -16.29 44.66
N LEU A 68 4.34 -17.08 43.58
CA LEU A 68 3.76 -18.44 43.50
C LEU A 68 4.69 -19.52 44.09
N GLY A 69 5.83 -19.15 44.64
CA GLY A 69 6.77 -20.11 45.28
C GLY A 69 7.45 -20.99 44.26
N LEU A 70 7.56 -20.56 43.00
CA LEU A 70 8.19 -21.39 41.94
C LEU A 70 9.65 -21.02 41.77
N LEU A 71 10.05 -19.84 42.20
CA LEU A 71 11.40 -19.28 42.00
C LEU A 71 11.92 -18.77 43.35
N ALA A 72 13.14 -19.15 43.69
CA ALA A 72 13.77 -18.74 44.97
C ALA A 72 13.80 -17.22 45.04
N PRO A 73 13.43 -16.60 46.18
CA PRO A 73 13.43 -15.15 46.25
C PRO A 73 14.75 -14.40 45.95
N GLU A 74 15.92 -14.98 46.27
N GLU A 74 15.85 -15.06 46.26
CA GLU A 74 17.21 -14.33 45.97
CA GLU A 74 17.15 -14.41 45.95
C GLU A 74 17.38 -14.24 44.44
C GLU A 74 17.31 -14.32 44.43
N LYS A 75 16.99 -15.30 43.74
CA LYS A 75 17.04 -15.31 42.26
C LYS A 75 16.04 -14.29 41.69
N ALA A 76 14.80 -14.25 42.21
CA ALA A 76 13.75 -13.32 41.73
C ALA A 76 14.22 -11.88 41.98
N ASP A 77 14.80 -11.58 43.16
CA ASP A 77 15.33 -10.23 43.45
C ASP A 77 16.43 -9.83 42.43
N ALA A 78 17.34 -10.74 42.11
CA ALA A 78 18.42 -10.49 41.15
C ALA A 78 17.81 -10.21 39.76
N ILE A 79 16.78 -10.96 39.36
CA ILE A 79 16.11 -10.75 38.03
C ILE A 79 15.46 -9.38 38.04
N ILE A 80 14.71 -9.09 39.10
CA ILE A 80 13.97 -7.81 39.21
C ILE A 80 14.97 -6.64 39.15
N ALA A 81 16.10 -6.71 39.89
CA ALA A 81 17.08 -5.60 39.87
C ALA A 81 17.66 -5.44 38.45
N ALA A 82 18.03 -6.55 37.80
CA ALA A 82 18.61 -6.53 36.45
C ALA A 82 17.56 -6.01 35.45
N ALA A 83 16.34 -6.52 35.53
CA ALA A 83 15.23 -6.09 34.63
C ALA A 83 14.97 -4.60 34.79
N ALA A 84 15.07 -4.02 36.00
CA ALA A 84 14.80 -2.59 36.20
C ALA A 84 15.86 -1.75 35.48
N GLU A 85 17.11 -2.20 35.48
CA GLU A 85 18.22 -1.52 34.77
C GLU A 85 17.92 -1.51 33.27
N ILE A 86 17.44 -2.63 32.72
CA ILE A 86 17.07 -2.72 31.27
C ILE A 86 15.89 -1.79 31.00
N ALA A 87 14.88 -1.78 31.87
CA ALA A 87 13.69 -0.92 31.70
C ALA A 87 14.09 0.55 31.77
N ASP A 88 15.09 0.90 32.57
CA ASP A 88 15.55 2.30 32.77
C ASP A 88 16.48 2.73 31.62
N GLY A 89 16.72 1.87 30.64
CA GLY A 89 17.49 2.24 29.44
C GLY A 89 19.00 2.17 29.66
N GLN A 90 19.47 1.42 30.64
CA GLN A 90 20.93 1.38 30.96
C GLN A 90 21.68 0.38 30.09
N HIS A 91 20.99 -0.43 29.28
CA HIS A 91 21.65 -1.54 28.55
C HIS A 91 21.14 -1.62 27.11
N ASP A 92 20.77 -0.50 26.52
CA ASP A 92 20.32 -0.44 25.10
C ASP A 92 21.42 -0.98 24.17
N ASP A 93 22.69 -0.97 24.59
CA ASP A 93 23.82 -1.47 23.73
C ASP A 93 24.04 -2.96 23.92
N GLN A 94 23.18 -3.66 24.68
CA GLN A 94 23.39 -5.11 24.94
C GLN A 94 22.40 -5.97 24.13
N PHE A 95 21.75 -5.35 23.15
CA PHE A 95 20.73 -6.01 22.29
C PHE A 95 21.15 -5.92 20.82
N PRO A 96 22.13 -6.73 20.35
CA PRO A 96 22.68 -6.53 19.01
C PRO A 96 21.97 -7.32 17.91
N ILE A 97 20.95 -8.12 18.26
CA ILE A 97 20.27 -8.99 17.27
C ILE A 97 19.48 -8.15 16.27
N ASP A 98 19.62 -8.43 14.99
CA ASP A 98 18.80 -7.79 13.93
C ASP A 98 17.29 -7.92 14.20
N VAL A 99 16.51 -6.93 13.80
CA VAL A 99 15.04 -7.05 13.72
C VAL A 99 14.65 -8.26 12.89
N PHE A 100 15.38 -8.55 11.82
CA PHE A 100 15.00 -9.60 10.86
C PHE A 100 15.58 -10.92 11.38
N GLN A 101 14.92 -11.43 12.40
CA GLN A 101 15.29 -12.67 13.13
C GLN A 101 14.12 -13.67 13.07
N THR A 102 14.25 -14.80 13.73
CA THR A 102 13.15 -15.77 13.87
C THR A 102 11.84 -15.02 14.19
N GLY A 103 10.76 -15.36 13.51
CA GLY A 103 9.54 -14.54 13.48
C GLY A 103 8.78 -14.49 14.79
N SER A 104 9.10 -15.35 15.74
CA SER A 104 8.50 -15.32 17.10
C SER A 104 9.20 -14.30 17.97
N GLY A 105 10.38 -13.79 17.57
CA GLY A 105 11.21 -12.96 18.46
C GLY A 105 11.90 -13.80 19.53
N THR A 106 11.95 -15.12 19.36
CA THR A 106 12.69 -16.00 20.31
C THR A 106 14.14 -15.51 20.52
N SER A 107 14.85 -15.12 19.47
CA SER A 107 16.27 -14.69 19.63
C SER A 107 16.34 -13.50 20.58
N SER A 108 15.48 -12.51 20.42
CA SER A 108 15.55 -11.33 21.32
C SER A 108 15.07 -11.71 22.72
N ASN A 109 14.14 -12.66 22.84
CA ASN A 109 13.72 -13.11 24.20
C ASN A 109 14.96 -13.71 24.92
N MET A 110 15.68 -14.60 24.24
CA MET A 110 16.91 -15.21 24.80
C MET A 110 17.98 -14.15 25.09
N ASN A 111 18.12 -13.11 24.24
CA ASN A 111 19.04 -11.95 24.47
C ASN A 111 18.73 -11.33 25.84
N THR A 112 17.47 -11.06 26.11
CA THR A 112 17.03 -10.50 27.40
C THR A 112 17.41 -11.47 28.52
N ASN A 113 17.09 -12.75 28.40
CA ASN A 113 17.38 -13.76 29.47
C ASN A 113 18.91 -13.78 29.75
N GLU A 114 19.75 -13.76 28.71
CA GLU A 114 21.22 -13.82 28.86
C GLU A 114 21.78 -12.55 29.49
N VAL A 115 21.29 -11.38 29.13
CA VAL A 115 21.77 -10.08 29.66
C VAL A 115 21.38 -10.03 31.14
N ILE A 116 20.15 -10.42 31.49
CA ILE A 116 19.74 -10.44 32.93
C ILE A 116 20.68 -11.37 33.72
N ALA A 117 20.98 -12.56 33.24
CA ALA A 117 21.87 -13.52 33.96
C ALA A 117 23.27 -12.91 34.13
N SER A 118 23.81 -12.21 33.12
CA SER A 118 25.16 -11.58 33.22
C SER A 118 25.15 -10.41 34.22
N ILE A 119 24.05 -9.64 34.26
CA ILE A 119 23.94 -8.54 35.26
C ILE A 119 23.86 -9.19 36.64
N ALA A 120 23.08 -10.25 36.81
CA ALA A 120 22.91 -10.88 38.14
C ALA A 120 24.27 -11.45 38.59
N ALA A 121 25.05 -11.99 37.66
CA ALA A 121 26.34 -12.66 37.97
C ALA A 121 27.32 -11.66 38.59
N LYS A 122 27.27 -10.39 38.17
N LYS A 122 27.28 -10.39 38.16
CA LYS A 122 28.18 -9.31 38.64
CA LYS A 122 28.19 -9.32 38.65
C LYS A 122 27.80 -8.87 40.06
C LYS A 122 27.83 -8.96 40.10
N GLY A 123 26.58 -9.24 40.52
CA GLY A 123 26.13 -9.01 41.90
C GLY A 123 26.19 -10.29 42.70
N GLY A 124 26.82 -11.33 42.15
CA GLY A 124 27.11 -12.58 42.88
C GLY A 124 26.00 -13.58 42.86
N VAL A 125 25.03 -13.46 41.94
CA VAL A 125 23.88 -14.40 41.89
C VAL A 125 23.91 -15.11 40.55
N THR A 126 23.86 -16.43 40.61
CA THR A 126 23.82 -17.34 39.46
C THR A 126 22.37 -17.54 39.02
N LEU A 127 22.04 -17.16 37.80
CA LEU A 127 20.71 -17.43 37.17
C LEU A 127 20.95 -18.26 35.92
N HIS A 128 20.11 -19.26 35.70
CA HIS A 128 20.05 -19.94 34.39
C HIS A 128 19.13 -19.13 33.47
N PRO A 129 19.59 -18.65 32.30
CA PRO A 129 18.75 -17.84 31.41
C PRO A 129 17.40 -18.49 31.10
N ASN A 130 17.38 -19.76 30.70
CA ASN A 130 16.13 -20.45 30.37
C ASN A 130 15.37 -20.81 31.66
N ASP A 131 16.00 -21.56 32.56
CA ASP A 131 15.24 -22.28 33.61
C ASP A 131 14.77 -21.24 34.63
N ASP A 132 15.53 -20.16 34.82
CA ASP A 132 15.15 -19.14 35.83
C ASP A 132 14.50 -17.92 35.17
N VAL A 133 15.18 -17.24 34.24
CA VAL A 133 14.68 -15.93 33.73
C VAL A 133 13.48 -16.19 32.82
N ASN A 134 13.43 -17.35 32.17
CA ASN A 134 12.35 -17.69 31.23
C ASN A 134 11.35 -18.63 31.92
N MET A 135 11.39 -18.72 33.25
CA MET A 135 10.48 -19.66 33.95
C MET A 135 9.00 -19.29 33.69
N SER A 136 8.19 -20.26 33.34
CA SER A 136 6.72 -20.14 33.11
C SER A 136 6.41 -19.48 31.77
N GLN A 137 7.44 -19.23 30.97
CA GLN A 137 7.26 -18.43 29.72
C GLN A 137 7.64 -19.29 28.54
N SER A 138 7.22 -18.90 27.39
CA SER A 138 7.73 -19.59 26.22
C SER A 138 8.39 -18.58 25.31
N SER A 139 8.99 -19.15 24.28
CA SER A 139 9.61 -18.39 23.19
C SER A 139 8.57 -17.63 22.36
N ASN A 140 7.21 -17.74 22.59
CA ASN A 140 6.05 -17.30 21.72
C ASN A 140 5.02 -16.37 22.35
N ASP A 141 4.92 -16.31 23.69
CA ASP A 141 4.00 -15.39 24.37
C ASP A 141 4.74 -14.16 24.95
N THR A 142 6.06 -14.19 25.05
CA THR A 142 6.86 -13.09 25.66
C THR A 142 7.11 -11.95 24.66
N PHE A 143 7.69 -12.21 23.50
CA PHE A 143 8.05 -11.11 22.59
C PHE A 143 6.80 -10.32 22.18
N PRO A 144 5.66 -10.92 21.78
CA PRO A 144 4.48 -10.12 21.44
C PRO A 144 3.86 -9.39 22.63
N THR A 145 4.03 -9.94 23.85
CA THR A 145 3.62 -9.23 25.07
C THR A 145 4.45 -7.95 25.17
N ALA A 146 5.76 -8.07 25.08
CA ALA A 146 6.67 -6.90 25.16
C ALA A 146 6.25 -5.89 24.06
N THR A 147 5.94 -6.37 22.86
CA THR A 147 5.59 -5.46 21.74
C THR A 147 4.33 -4.64 22.09
N HIS A 148 3.32 -5.31 22.63
CA HIS A 148 2.04 -4.66 23.01
C HIS A 148 2.22 -3.78 24.24
N ILE A 149 3.11 -4.10 25.18
CA ILE A 149 3.44 -3.18 26.29
C ILE A 149 4.08 -1.91 25.71
N ALA A 150 5.04 -2.05 24.81
CA ALA A 150 5.78 -0.91 24.25
C ALA A 150 4.79 -0.04 23.48
N ALA A 151 3.92 -0.66 22.67
CA ALA A 151 3.00 0.09 21.80
C ALA A 151 1.95 0.81 22.64
N THR A 152 1.46 0.18 23.72
CA THR A 152 0.46 0.81 24.60
C THR A 152 1.11 1.99 25.30
N GLU A 153 2.30 1.78 25.86
CA GLU A 153 3.01 2.88 26.54
C GLU A 153 3.30 4.03 25.55
N ALA A 154 3.68 3.71 24.31
CA ALA A 154 3.98 4.76 23.31
C ALA A 154 2.69 5.54 23.04
N ALA A 155 1.54 4.88 22.96
CA ALA A 155 0.25 5.54 22.64
C ALA A 155 -0.15 6.42 23.79
N VAL A 156 -0.13 5.91 25.04
CA VAL A 156 -0.72 6.61 26.20
C VAL A 156 0.23 7.68 26.74
N ALA A 157 1.47 7.34 26.92
CA ALA A 157 2.42 8.20 27.66
C ALA A 157 3.10 9.22 26.73
N HIS A 158 3.20 8.95 25.42
CA HIS A 158 4.02 9.78 24.50
C HIS A 158 3.19 10.35 23.35
N LEU A 159 2.51 9.54 22.54
CA LEU A 159 1.81 10.09 21.35
C LEU A 159 0.61 10.94 21.76
N ILE A 160 -0.25 10.45 22.65
CA ILE A 160 -1.46 11.24 22.97
C ILE A 160 -1.04 12.61 23.51
N PRO A 161 -0.11 12.74 24.49
CA PRO A 161 0.32 14.05 24.95
C PRO A 161 0.93 14.93 23.88
N ALA A 162 1.65 14.35 22.89
CA ALA A 162 2.30 15.12 21.80
C ALA A 162 1.19 15.67 20.88
N LEU A 163 0.20 14.83 20.63
CA LEU A 163 -0.95 15.24 19.78
C LEU A 163 -1.72 16.32 20.51
N GLN A 164 -1.88 16.19 21.84
CA GLN A 164 -2.66 17.19 22.57
C GLN A 164 -1.89 18.51 22.47
N GLN A 165 -0.56 18.49 22.55
CA GLN A 165 0.27 19.72 22.44
C GLN A 165 -0.01 20.39 21.07
N LEU A 166 -0.02 19.63 19.99
CA LEU A 166 -0.27 20.15 18.62
C LEU A 166 -1.71 20.65 18.54
N HIS A 167 -2.67 19.87 19.02
CA HIS A 167 -4.07 20.31 19.09
C HIS A 167 -4.13 21.69 19.75
N ASP A 168 -3.50 21.84 20.91
CA ASP A 168 -3.62 23.09 21.68
C ASP A 168 -2.95 24.25 20.93
N ALA A 169 -1.85 24.00 20.22
CA ALA A 169 -1.21 25.06 19.41
C ALA A 169 -2.15 25.47 18.25
N LEU A 170 -2.74 24.50 17.53
CA LEU A 170 -3.66 24.81 16.41
C LEU A 170 -4.88 25.58 16.96
N ALA A 171 -5.41 25.16 18.08
CA ALA A 171 -6.60 25.77 18.72
C ALA A 171 -6.25 27.21 19.14
N ALA A 172 -5.05 27.43 19.67
CA ALA A 172 -4.61 28.79 20.05
C ALA A 172 -4.55 29.69 18.83
N LYS A 173 -4.03 29.21 17.69
CA LYS A 173 -4.00 30.04 16.46
C LYS A 173 -5.43 30.27 15.96
N ALA A 174 -6.31 29.30 16.07
CA ALA A 174 -7.72 29.39 15.64
C ALA A 174 -8.32 30.58 16.41
N LEU A 175 -7.99 30.73 17.68
CA LEU A 175 -8.58 31.79 18.50
C LEU A 175 -7.94 33.13 18.13
N ASP A 176 -6.62 33.20 18.04
CA ASP A 176 -5.87 34.44 17.69
C ASP A 176 -6.36 34.99 16.32
N TRP A 177 -6.68 34.09 15.40
CA TRP A 177 -7.03 34.46 14.00
C TRP A 177 -8.54 34.36 13.74
N HIS A 178 -9.34 34.44 14.81
CA HIS A 178 -10.81 34.34 14.73
C HIS A 178 -11.41 35.33 13.72
N THR A 179 -10.87 36.53 13.60
CA THR A 179 -11.42 37.58 12.70
C THR A 179 -10.51 37.84 11.51
N VAL A 180 -9.56 36.96 11.24
CA VAL A 180 -8.62 37.17 10.10
C VAL A 180 -9.27 36.62 8.84
N VAL A 181 -10.04 37.47 8.18
CA VAL A 181 -10.83 37.09 7.00
C VAL A 181 -9.92 36.91 5.78
N LYS A 182 -10.28 35.96 4.93
CA LYS A 182 -9.52 35.64 3.72
C LYS A 182 -10.47 34.95 2.76
N SER A 183 -10.02 34.78 1.53
N SER A 183 -10.08 34.80 1.50
CA SER A 183 -10.68 34.01 0.47
CA SER A 183 -10.88 34.04 0.54
C SER A 183 -10.72 32.51 0.86
C SER A 183 -10.77 32.56 0.88
N GLY A 184 -11.89 31.87 0.81
CA GLY A 184 -11.90 30.40 0.76
C GLY A 184 -11.29 29.96 -0.55
N ARG A 185 -10.90 28.69 -0.58
CA ARG A 185 -10.47 28.03 -1.82
C ARG A 185 -11.08 26.64 -1.91
N THR A 186 -11.69 26.35 -3.06
CA THR A 186 -12.25 25.04 -3.37
C THR A 186 -11.75 24.65 -4.74
N HIS A 187 -11.20 23.44 -4.87
CA HIS A 187 -10.61 23.00 -6.15
C HIS A 187 -9.43 23.87 -6.52
N LEU A 188 -8.85 24.58 -5.55
CA LEU A 188 -7.75 25.57 -5.65
C LEU A 188 -8.22 26.91 -6.22
N MET A 189 -9.51 27.07 -6.42
CA MET A 189 -10.09 28.27 -7.03
C MET A 189 -10.74 29.12 -5.96
N ASP A 190 -10.79 30.43 -6.25
CA ASP A 190 -11.28 31.41 -5.26
C ASP A 190 -12.74 31.04 -4.93
N ALA A 191 -13.12 31.18 -3.67
CA ALA A 191 -14.48 30.87 -3.19
C ALA A 191 -14.86 31.95 -2.18
N VAL A 192 -16.02 31.81 -1.59
CA VAL A 192 -16.50 32.84 -0.63
C VAL A 192 -15.60 32.87 0.60
N PRO A 193 -15.72 33.93 1.42
CA PRO A 193 -14.78 34.12 2.53
C PRO A 193 -14.88 33.10 3.67
N VAL A 194 -13.74 32.89 4.30
CA VAL A 194 -13.56 32.14 5.57
C VAL A 194 -12.65 33.00 6.44
N THR A 195 -12.36 32.56 7.63
CA THR A 195 -11.28 33.13 8.42
C THR A 195 -10.16 32.08 8.53
N LEU A 196 -8.92 32.55 8.70
N LEU A 196 -8.95 32.57 8.70
CA LEU A 196 -7.78 31.66 9.07
CA LEU A 196 -7.79 31.72 9.03
C LEU A 196 -8.14 30.90 10.34
C LEU A 196 -8.10 30.95 10.33
N GLY A 197 -8.80 31.55 11.29
CA GLY A 197 -9.25 30.90 12.51
C GLY A 197 -10.12 29.68 12.22
N GLN A 198 -11.03 29.81 11.27
CA GLN A 198 -11.94 28.67 10.97
C GLN A 198 -11.12 27.51 10.40
N GLU A 199 -10.22 27.83 9.47
CA GLU A 199 -9.35 26.80 8.85
C GLU A 199 -8.55 26.11 9.96
N PHE A 200 -7.94 26.86 10.88
CA PHE A 200 -7.13 26.28 12.00
C PHE A 200 -8.05 25.51 12.97
N SER A 201 -9.33 25.88 13.14
CA SER A 201 -10.28 25.10 13.95
C SER A 201 -10.48 23.72 13.28
N GLY A 202 -10.51 23.67 11.94
CA GLY A 202 -10.60 22.39 11.22
C GLY A 202 -9.35 21.51 11.45
N TYR A 203 -8.17 22.10 11.35
CA TYR A 203 -6.88 21.41 11.63
C TYR A 203 -6.92 20.86 13.06
N ALA A 204 -7.37 21.69 13.99
CA ALA A 204 -7.44 21.28 15.40
C ALA A 204 -8.38 20.07 15.54
N ARG A 205 -9.54 20.10 14.92
CA ARG A 205 -10.46 18.95 14.99
C ARG A 205 -9.78 17.71 14.41
N GLN A 206 -9.05 17.82 13.31
CA GLN A 206 -8.38 16.64 12.73
C GLN A 206 -7.52 16.00 13.82
N ILE A 207 -6.80 16.80 14.60
CA ILE A 207 -5.83 16.27 15.59
C ILE A 207 -6.60 15.74 16.79
N GLU A 208 -7.65 16.43 17.22
CA GLU A 208 -8.56 15.91 18.29
C GLU A 208 -9.16 14.56 17.90
N ALA A 209 -9.65 14.39 16.67
CA ALA A 209 -10.18 13.13 16.12
C ALA A 209 -9.07 12.09 16.06
N GLY A 210 -7.82 12.50 15.79
CA GLY A 210 -6.66 11.59 15.87
C GLY A 210 -6.50 10.99 17.25
N ILE A 211 -6.59 11.81 18.29
CA ILE A 211 -6.51 11.32 19.68
C ILE A 211 -7.67 10.36 19.95
N GLU A 212 -8.92 10.70 19.53
CA GLU A 212 -10.08 9.78 19.65
C GLU A 212 -9.76 8.43 18.98
N ARG A 213 -9.17 8.44 17.78
CA ARG A 213 -8.83 7.21 17.06
C ARG A 213 -7.80 6.38 17.83
N VAL A 214 -6.77 7.00 18.42
CA VAL A 214 -5.78 6.24 19.23
C VAL A 214 -6.50 5.70 20.47
N ARG A 215 -7.27 6.49 21.18
CA ARG A 215 -7.99 6.02 22.40
CA ARG A 215 -8.02 6.02 22.38
C ARG A 215 -8.88 4.81 22.04
N ALA A 216 -9.51 4.83 20.88
CA ALA A 216 -10.49 3.82 20.45
C ALA A 216 -9.79 2.47 20.19
N CYS A 217 -8.51 2.44 19.87
CA CYS A 217 -7.79 1.18 19.57
C CYS A 217 -7.22 0.54 20.87
N LEU A 218 -7.17 1.28 21.98
CA LEU A 218 -6.40 0.84 23.18
C LEU A 218 -7.01 -0.41 23.83
N PRO A 219 -8.34 -0.65 23.80
CA PRO A 219 -8.91 -1.88 24.39
C PRO A 219 -8.29 -3.14 23.81
N ARG A 220 -7.92 -3.09 22.53
CA ARG A 220 -7.31 -4.26 21.86
C ARG A 220 -5.79 -4.09 21.77
N LEU A 221 -5.24 -2.89 21.64
CA LEU A 221 -3.78 -2.71 21.62
C LEU A 221 -3.17 -3.18 22.95
N GLY A 222 -3.87 -2.97 24.05
CA GLY A 222 -3.31 -3.31 25.37
C GLY A 222 -3.46 -4.78 25.75
N GLU A 223 -4.06 -5.61 24.90
CA GLU A 223 -4.19 -7.06 25.17
C GLU A 223 -2.82 -7.74 25.11
N LEU A 224 -2.47 -8.47 26.17
CA LEU A 224 -1.19 -9.18 26.31
C LEU A 224 -1.40 -10.70 26.25
N ALA A 225 -0.53 -11.40 25.53
CA ALA A 225 -0.52 -12.87 25.39
C ALA A 225 0.13 -13.57 26.59
N ILE A 226 0.82 -12.90 27.49
CA ILE A 226 1.64 -13.60 28.51
C ILE A 226 0.75 -14.61 29.26
N GLY A 227 1.28 -15.80 29.48
CA GLY A 227 0.54 -16.88 30.14
C GLY A 227 0.05 -17.93 29.17
N GLY A 228 0.00 -17.61 27.87
CA GLY A 228 -0.52 -18.53 26.86
C GLY A 228 0.52 -19.58 26.47
N THR A 229 1.77 -19.36 26.83
CA THR A 229 2.95 -20.22 26.54
C THR A 229 2.94 -20.59 25.05
N ALA A 230 3.30 -21.81 24.69
CA ALA A 230 3.79 -22.07 23.31
C ALA A 230 2.66 -21.89 22.29
N VAL A 231 1.44 -22.25 22.61
CA VAL A 231 0.38 -22.31 21.56
C VAL A 231 -0.89 -21.59 22.00
N GLY A 232 -0.94 -21.08 23.23
CA GLY A 232 -2.10 -20.34 23.75
C GLY A 232 -2.83 -21.06 24.86
N THR A 233 -2.52 -22.33 25.11
CA THR A 233 -3.22 -23.19 26.09
C THR A 233 -2.73 -22.90 27.51
N GLY A 234 -1.54 -22.31 27.67
CA GLY A 234 -0.94 -22.07 28.98
C GLY A 234 -0.29 -23.34 29.57
N LEU A 235 -0.11 -24.39 28.80
CA LEU A 235 0.64 -25.59 29.26
C LEU A 235 2.02 -25.14 29.75
N ASN A 236 2.41 -25.61 30.96
CA ASN A 236 3.73 -25.39 31.59
C ASN A 236 3.80 -23.99 32.20
N ALA A 237 2.68 -23.28 32.35
CA ALA A 237 2.61 -22.08 33.20
C ALA A 237 1.54 -22.30 34.23
N PRO A 238 1.64 -21.66 35.41
CA PRO A 238 0.46 -21.57 36.28
C PRO A 238 -0.77 -21.02 35.54
N ASP A 239 -1.96 -21.49 35.93
CA ASP A 239 -3.22 -21.14 35.25
C ASP A 239 -3.51 -19.64 35.32
N ASP A 240 -3.02 -18.98 36.36
CA ASP A 240 -3.29 -17.55 36.56
C ASP A 240 -1.99 -16.78 36.33
N PHE A 241 -1.03 -17.32 35.57
CA PHE A 241 0.24 -16.58 35.36
C PHE A 241 -0.08 -15.26 34.63
N GLY A 242 -0.86 -15.32 33.55
CA GLY A 242 -1.22 -14.14 32.77
C GLY A 242 -1.81 -13.03 33.62
N VAL A 243 -2.89 -13.33 34.34
CA VAL A 243 -3.55 -12.22 35.06
C VAL A 243 -2.58 -11.71 36.13
N ARG A 244 -1.78 -12.56 36.76
CA ARG A 244 -0.83 -12.09 37.80
C ARG A 244 0.22 -11.14 37.20
N VAL A 245 0.81 -11.52 36.05
CA VAL A 245 1.89 -10.72 35.44
C VAL A 245 1.31 -9.38 34.98
N VAL A 246 0.14 -9.39 34.33
CA VAL A 246 -0.49 -8.14 33.86
C VAL A 246 -0.77 -7.22 35.05
N ALA A 247 -1.21 -7.77 36.19
CA ALA A 247 -1.53 -6.93 37.33
C ALA A 247 -0.24 -6.29 37.85
N VAL A 248 0.85 -7.05 37.86
CA VAL A 248 2.17 -6.48 38.30
C VAL A 248 2.57 -5.38 37.31
N LEU A 249 2.43 -5.63 36.00
CA LEU A 249 2.79 -4.56 35.03
C LEU A 249 1.96 -3.30 35.23
N VAL A 250 0.66 -3.43 35.51
CA VAL A 250 -0.26 -2.28 35.71
C VAL A 250 0.19 -1.56 36.97
N ALA A 251 0.47 -2.31 38.05
CA ALA A 251 0.86 -1.69 39.33
C ALA A 251 2.14 -0.88 39.15
N GLN A 252 3.10 -1.39 38.42
CA GLN A 252 4.45 -0.79 38.29
C GLN A 252 4.44 0.36 37.28
N THR A 253 3.68 0.28 36.18
CA THR A 253 3.78 1.27 35.05
C THR A 253 2.69 2.34 35.16
N GLY A 254 1.59 2.04 35.84
CA GLY A 254 0.37 2.85 35.83
C GLY A 254 -0.42 2.73 34.54
N LEU A 255 -0.10 1.79 33.65
CA LEU A 255 -0.85 1.66 32.37
C LEU A 255 -2.04 0.73 32.55
N SER A 256 -3.18 1.26 32.96
CA SER A 256 -4.40 0.48 33.21
C SER A 256 -4.94 -0.14 31.92
N GLU A 257 -4.49 0.34 30.75
CA GLU A 257 -4.89 -0.20 29.43
C GLU A 257 -4.38 -1.62 29.20
N LEU A 258 -3.34 -2.04 29.91
CA LEU A 258 -2.79 -3.41 29.79
C LEU A 258 -3.77 -4.39 30.42
N ARG A 259 -4.10 -5.43 29.69
N ARG A 259 -4.09 -5.45 29.70
CA ARG A 259 -5.10 -6.45 30.07
CA ARG A 259 -5.06 -6.47 30.13
C ARG A 259 -4.66 -7.80 29.51
C ARG A 259 -4.66 -7.79 29.51
N THR A 260 -5.03 -8.88 30.16
N THR A 260 -4.97 -8.89 30.19
CA THR A 260 -4.89 -10.23 29.57
CA THR A 260 -4.89 -10.23 29.57
C THR A 260 -5.81 -10.29 28.34
C THR A 260 -5.75 -10.21 28.30
N ALA A 261 -5.37 -10.96 27.27
CA ALA A 261 -6.19 -11.08 26.05
C ALA A 261 -7.55 -11.71 26.31
N ALA A 262 -8.58 -11.28 25.55
CA ALA A 262 -9.93 -11.86 25.61
C ALA A 262 -9.85 -13.33 25.20
N ASN A 263 -9.03 -13.64 24.19
CA ASN A 263 -8.89 -15.03 23.69
C ASN A 263 -7.41 -15.33 23.54
N SER A 264 -6.91 -16.36 24.23
CA SER A 264 -5.44 -16.62 24.30
C SER A 264 -4.92 -17.13 22.95
N PHE A 265 -5.80 -17.72 22.14
CA PHE A 265 -5.40 -18.25 20.81
C PHE A 265 -5.28 -17.08 19.82
N GLU A 266 -6.29 -16.23 19.75
CA GLU A 266 -6.24 -15.02 18.90
C GLU A 266 -5.01 -14.15 19.27
N ALA A 267 -4.61 -14.08 20.53
CA ALA A 267 -3.50 -13.22 20.96
C ALA A 267 -2.13 -13.76 20.52
N GLN A 268 -2.02 -15.02 20.08
CA GLN A 268 -0.74 -15.56 19.57
C GLN A 268 -0.83 -15.91 18.08
N ALA A 269 -1.99 -16.32 17.59
CA ALA A 269 -2.13 -16.67 16.16
C ALA A 269 -2.15 -15.39 15.31
N ALA A 270 -2.53 -14.29 15.89
CA ALA A 270 -2.67 -13.00 15.18
C ALA A 270 -2.03 -11.85 15.96
N ARG A 271 -1.77 -10.75 15.27
CA ARG A 271 -1.28 -9.47 15.83
C ARG A 271 -2.25 -8.40 15.33
N ASP A 272 -3.53 -8.74 15.29
CA ASP A 272 -4.55 -7.83 14.70
C ASP A 272 -4.61 -6.50 15.47
N GLY A 273 -4.33 -6.50 16.77
CA GLY A 273 -4.24 -5.27 17.55
C GLY A 273 -3.20 -4.28 17.03
N LEU A 274 -2.05 -4.74 16.53
CA LEU A 274 -1.04 -3.82 15.94
C LEU A 274 -1.57 -3.31 14.59
N VAL A 275 -2.19 -4.17 13.78
CA VAL A 275 -2.75 -3.74 12.48
C VAL A 275 -3.76 -2.62 12.77
N GLU A 276 -4.64 -2.83 13.73
CA GLU A 276 -5.67 -1.85 14.11
C GLU A 276 -5.00 -0.52 14.51
N ALA A 277 -4.04 -0.57 15.44
CA ALA A 277 -3.37 0.66 15.91
C ALA A 277 -2.63 1.35 14.76
N SER A 278 -1.99 0.61 13.87
CA SER A 278 -1.30 1.25 12.74
C SER A 278 -2.30 2.04 11.88
N GLY A 279 -3.52 1.52 11.73
CA GLY A 279 -4.59 2.21 11.00
C GLY A 279 -4.88 3.58 11.62
N ALA A 280 -4.94 3.68 12.94
CA ALA A 280 -5.13 4.97 13.59
C ALA A 280 -3.92 5.87 13.25
N LEU A 281 -2.70 5.35 13.36
CA LEU A 281 -1.48 6.14 13.09
C LEU A 281 -1.51 6.60 11.61
N ARG A 282 -1.93 5.73 10.69
CA ARG A 282 -1.99 6.04 9.23
C ARG A 282 -3.02 7.17 9.03
N THR A 283 -4.15 7.12 9.75
CA THR A 283 -5.15 8.19 9.64
C THR A 283 -4.55 9.50 10.13
N ILE A 284 -3.83 9.48 11.26
CA ILE A 284 -3.17 10.72 11.78
C ILE A 284 -2.18 11.23 10.74
N ALA A 285 -1.47 10.32 10.07
CA ALA A 285 -0.50 10.72 9.02
C ALA A 285 -1.22 11.43 7.87
N VAL A 286 -2.37 10.91 7.48
CA VAL A 286 -3.26 11.50 6.44
C VAL A 286 -3.66 12.90 6.90
N SER A 287 -4.11 13.05 8.13
CA SER A 287 -4.51 14.37 8.64
C SER A 287 -3.32 15.33 8.57
N LEU A 288 -2.20 14.93 9.16
CA LEU A 288 -1.00 15.78 9.25
C LEU A 288 -0.55 16.19 7.86
N THR A 289 -0.67 15.34 6.86
CA THR A 289 -0.30 15.66 5.47
C THR A 289 -1.13 16.86 4.99
N LYS A 290 -2.45 16.83 5.19
CA LYS A 290 -3.37 17.95 4.83
C LYS A 290 -2.95 19.23 5.56
N ILE A 291 -2.77 19.15 6.87
CA ILE A 291 -2.46 20.35 7.67
C ILE A 291 -1.11 20.95 7.20
N ALA A 292 -0.08 20.12 7.12
CA ALA A 292 1.29 20.54 6.75
C ALA A 292 1.29 21.12 5.31
N ASN A 293 0.61 20.45 4.39
N ASN A 293 0.56 20.47 4.40
CA ASN A 293 0.49 20.92 2.98
CA ASN A 293 0.53 20.90 2.98
C ASN A 293 -0.15 22.32 2.96
C ASN A 293 -0.22 22.23 2.86
N ASP A 294 -1.27 22.49 3.65
CA ASP A 294 -1.97 23.78 3.62
C ASP A 294 -1.02 24.83 4.19
N ILE A 295 -0.30 24.55 5.26
CA ILE A 295 0.57 25.56 5.93
C ILE A 295 1.71 25.94 4.99
N ARG A 296 2.34 24.99 4.28
CA ARG A 296 3.44 25.36 3.39
C ARG A 296 2.89 26.13 2.18
N TRP A 297 1.71 25.80 1.69
CA TRP A 297 1.08 26.60 0.60
C TRP A 297 0.75 28.01 1.10
N MET A 298 0.23 28.14 2.30
N MET A 298 0.17 28.12 2.29
CA MET A 298 -0.14 29.49 2.82
CA MET A 298 -0.14 29.44 2.90
C MET A 298 1.11 30.33 3.07
C MET A 298 1.13 30.29 2.93
N GLY A 299 2.27 29.69 3.29
CA GLY A 299 3.55 30.40 3.43
C GLY A 299 4.29 30.63 2.13
N SER A 300 3.77 30.18 0.99
CA SER A 300 4.47 30.19 -0.31
C SER A 300 4.70 31.64 -0.74
N GLY A 301 5.86 31.93 -1.32
CA GLY A 301 6.17 33.29 -1.78
C GLY A 301 7.65 33.55 -1.62
N PRO A 302 8.06 34.81 -1.32
CA PRO A 302 7.16 35.88 -0.86
C PRO A 302 6.39 36.65 -1.93
N LEU A 303 6.68 36.45 -3.23
CA LEU A 303 6.03 37.25 -4.29
C LEU A 303 5.05 36.42 -5.09
N THR A 304 5.47 35.25 -5.60
CA THR A 304 4.72 34.55 -6.66
C THR A 304 3.77 33.50 -6.09
N GLY A 305 3.73 33.28 -4.79
CA GLY A 305 2.86 32.29 -4.15
C GLY A 305 1.67 32.98 -3.48
N LEU A 306 1.08 32.29 -2.53
CA LEU A 306 -0.18 32.74 -1.87
C LEU A 306 0.13 33.84 -0.87
N ALA A 307 1.27 33.75 -0.16
CA ALA A 307 1.77 34.80 0.76
C ALA A 307 0.73 35.10 1.84
N GLU A 308 0.05 34.09 2.34
CA GLU A 308 -1.01 34.27 3.37
C GLU A 308 -0.38 34.45 4.75
N ILE A 309 0.64 33.67 5.06
CA ILE A 309 1.28 33.65 6.39
C ILE A 309 2.80 33.60 6.17
N GLN A 310 3.52 33.85 7.27
N GLN A 310 3.54 33.92 7.22
CA GLN A 310 4.99 33.70 7.37
CA GLN A 310 4.99 33.62 7.27
C GLN A 310 5.34 32.60 8.38
C GLN A 310 5.25 32.56 8.32
N LEU A 311 6.10 31.59 7.96
CA LEU A 311 6.58 30.55 8.88
C LEU A 311 7.83 31.05 9.59
N PRO A 312 8.05 30.67 10.85
CA PRO A 312 9.31 30.97 11.54
C PRO A 312 10.47 30.30 10.79
N ASP A 313 11.56 31.05 10.66
CA ASP A 313 12.77 30.65 9.87
C ASP A 313 13.69 29.86 10.80
N LEU A 314 13.86 28.56 10.53
CA LEU A 314 14.62 27.62 11.39
C LEU A 314 16.00 27.35 10.77
N GLN A 315 16.08 27.30 9.44
N GLN A 315 16.09 27.34 9.45
CA GLN A 315 17.38 27.01 8.79
CA GLN A 315 17.39 27.08 8.79
C GLN A 315 17.94 28.30 8.18
C GLN A 315 17.86 28.35 8.08
N LYS A 324 13.27 33.91 1.24
CA LYS A 324 13.27 32.43 0.95
C LYS A 324 13.43 31.70 2.29
N VAL A 325 12.35 31.65 3.07
CA VAL A 325 12.26 30.83 4.32
C VAL A 325 11.60 29.51 3.96
N ASN A 326 12.36 28.43 3.86
CA ASN A 326 11.79 27.15 3.40
C ASN A 326 10.91 26.57 4.51
N PRO A 327 9.80 25.88 4.15
CA PRO A 327 8.88 25.26 5.11
C PRO A 327 9.44 23.92 5.58
N VAL A 328 10.58 23.97 6.26
CA VAL A 328 11.32 22.71 6.62
C VAL A 328 10.49 21.84 7.56
N LEU A 329 9.71 22.39 8.49
N LEU A 329 9.73 22.41 8.50
CA LEU A 329 8.98 21.49 9.42
CA LEU A 329 8.96 21.53 9.43
C LEU A 329 7.77 20.86 8.72
C LEU A 329 7.81 20.87 8.68
N PRO A 330 6.99 21.58 7.87
CA PRO A 330 6.06 20.90 6.98
C PRO A 330 6.67 19.78 6.13
N GLU A 331 7.89 19.96 5.64
CA GLU A 331 8.58 18.88 4.89
C GLU A 331 8.87 17.71 5.83
N ALA A 332 9.41 17.96 7.01
CA ALA A 332 9.67 16.86 7.96
C ALA A 332 8.32 16.12 8.22
N VAL A 333 7.25 16.85 8.47
CA VAL A 333 5.94 16.26 8.81
C VAL A 333 5.43 15.39 7.65
N THR A 334 5.51 15.88 6.41
CA THR A 334 4.98 15.14 5.23
C THR A 334 5.89 13.92 4.94
N GLN A 335 7.18 14.00 5.18
CA GLN A 335 8.09 12.83 5.05
C GLN A 335 7.79 11.80 6.15
N VAL A 336 7.60 12.24 7.39
CA VAL A 336 7.22 11.29 8.46
C VAL A 336 5.90 10.59 8.06
N ALA A 337 4.94 11.33 7.55
CA ALA A 337 3.65 10.77 7.15
C ALA A 337 3.86 9.72 6.08
N ALA A 338 4.72 9.96 5.10
CA ALA A 338 5.01 8.96 4.09
C ALA A 338 5.54 7.69 4.75
N GLN A 339 6.45 7.84 5.70
CA GLN A 339 7.05 6.69 6.38
C GLN A 339 5.97 5.92 7.15
N VAL A 340 5.11 6.64 7.83
CA VAL A 340 4.02 5.96 8.60
C VAL A 340 3.13 5.13 7.66
N ILE A 341 2.86 5.65 6.46
N ILE A 341 2.88 5.66 6.46
CA ILE A 341 2.02 4.97 5.45
CA ILE A 341 2.02 4.97 5.46
C ILE A 341 2.74 3.72 4.95
C ILE A 341 2.75 3.71 4.98
N GLY A 342 4.03 3.82 4.68
CA GLY A 342 4.80 2.61 4.31
C GLY A 342 4.87 1.58 5.41
N ASN A 343 5.18 2.02 6.62
CA ASN A 343 5.23 1.11 7.80
C ASN A 343 3.88 0.41 7.98
N ASP A 344 2.79 1.15 7.75
CA ASP A 344 1.41 0.61 7.89
C ASP A 344 1.21 -0.53 6.90
N ALA A 345 1.71 -0.41 5.67
CA ALA A 345 1.57 -1.48 4.68
C ALA A 345 2.36 -2.73 5.10
N ALA A 346 3.56 -2.53 5.63
CA ALA A 346 4.40 -3.65 6.11
C ALA A 346 3.71 -4.35 7.28
N ILE A 347 3.11 -3.58 8.18
CA ILE A 347 2.44 -4.18 9.37
C ILE A 347 1.26 -5.02 8.94
N ALA A 348 0.43 -4.53 8.03
CA ALA A 348 -0.75 -5.30 7.59
C ALA A 348 -0.31 -6.59 6.90
N TRP A 349 0.73 -6.50 6.08
CA TRP A 349 1.27 -7.66 5.34
C TRP A 349 1.72 -8.72 6.35
N GLY A 350 2.47 -8.36 7.37
CA GLY A 350 2.85 -9.36 8.38
C GLY A 350 1.64 -9.87 9.15
N GLY A 351 0.68 -8.99 9.44
CA GLY A 351 -0.48 -9.35 10.24
C GLY A 351 -1.30 -10.43 9.57
N ALA A 352 -1.37 -10.41 8.24
CA ALA A 352 -2.31 -11.29 7.50
C ALA A 352 -1.75 -12.71 7.39
N ASN A 353 -0.43 -12.85 7.60
CA ASN A 353 0.33 -14.04 7.14
C ASN A 353 0.73 -14.93 8.31
N GLY A 354 -0.01 -14.86 9.42
CA GLY A 354 0.09 -15.88 10.48
C GLY A 354 -0.27 -17.26 9.98
N ALA A 355 0.16 -18.30 10.70
CA ALA A 355 -0.33 -19.64 10.40
C ALA A 355 -0.65 -20.39 11.69
N PHE A 356 -1.83 -21.01 11.76
CA PHE A 356 -2.23 -21.86 12.90
C PHE A 356 -1.96 -21.11 14.21
N GLU A 357 -1.09 -21.62 15.09
CA GLU A 357 -1.02 -21.10 16.47
C GLU A 357 -0.05 -19.92 16.63
N LEU A 358 0.61 -19.44 15.59
CA LEU A 358 1.60 -18.37 15.76
C LEU A 358 1.72 -17.50 14.53
N ASN A 359 1.57 -16.20 14.71
CA ASN A 359 2.02 -15.23 13.68
C ASN A 359 3.53 -14.99 13.84
N VAL A 360 4.32 -15.28 12.81
CA VAL A 360 5.80 -15.24 12.89
C VAL A 360 6.33 -14.02 12.09
N TYR A 361 5.68 -12.87 12.23
CA TYR A 361 6.13 -11.58 11.65
C TYR A 361 6.35 -10.53 12.75
N ILE A 362 6.44 -10.97 14.00
CA ILE A 362 6.31 -10.08 15.15
C ILE A 362 7.49 -9.11 15.18
N PRO A 363 8.78 -9.51 15.02
CA PRO A 363 9.86 -8.51 15.07
C PRO A 363 9.70 -7.41 14.04
N MET A 364 9.32 -7.77 12.80
CA MET A 364 9.15 -6.78 11.71
C MET A 364 7.95 -5.87 12.08
N MET A 365 6.84 -6.45 12.53
CA MET A 365 5.65 -5.64 12.89
C MET A 365 5.99 -4.71 14.04
N ALA A 366 6.74 -5.18 15.04
CA ALA A 366 7.12 -4.35 16.21
C ALA A 366 7.99 -3.16 15.78
N ARG A 367 8.97 -3.41 14.91
CA ARG A 367 9.85 -2.31 14.47
C ARG A 367 8.97 -1.23 13.86
N ASN A 368 8.09 -1.64 12.96
CA ASN A 368 7.32 -0.69 12.15
C ASN A 368 6.33 0.10 13.02
N ILE A 369 5.58 -0.59 13.88
N ILE A 369 5.59 -0.56 13.89
CA ILE A 369 4.55 0.08 14.72
CA ILE A 369 4.57 0.20 14.66
C ILE A 369 5.27 1.03 15.68
C ILE A 369 5.29 1.08 15.69
N LEU A 370 6.33 0.58 16.32
CA LEU A 370 7.02 1.41 17.33
C LEU A 370 7.71 2.61 16.65
N GLU A 371 8.24 2.43 15.44
CA GLU A 371 8.81 3.58 14.74
C GLU A 371 7.70 4.60 14.42
N SER A 372 6.56 4.13 13.92
CA SER A 372 5.43 5.02 13.57
C SER A 372 5.03 5.83 14.79
N PHE A 373 4.94 5.19 15.97
CA PHE A 373 4.60 5.94 17.18
C PHE A 373 5.67 7.01 17.48
N LYS A 374 6.94 6.63 17.39
N LYS A 374 6.93 6.64 17.38
CA LYS A 374 8.06 7.55 17.72
CA LYS A 374 8.05 7.56 17.72
C LYS A 374 8.07 8.75 16.75
C LYS A 374 8.07 8.75 16.75
N LEU A 375 8.03 8.48 15.44
CA LEU A 375 8.10 9.59 14.45
C LEU A 375 6.94 10.56 14.65
N LEU A 376 5.72 10.06 14.87
CA LEU A 376 4.55 10.96 14.98
C LEU A 376 4.67 11.74 16.27
N THR A 377 5.14 11.12 17.33
CA THR A 377 5.30 11.81 18.63
C THR A 377 6.28 12.97 18.45
N ASN A 378 7.46 12.70 17.91
CA ASN A 378 8.54 13.71 17.91
C ASN A 378 8.19 14.81 16.94
N VAL A 379 7.66 14.48 15.75
CA VAL A 379 7.44 15.52 14.72
C VAL A 379 6.23 16.36 15.12
N SER A 380 5.25 15.80 15.85
CA SER A 380 4.04 16.54 16.29
C SER A 380 4.49 17.63 17.26
N ARG A 381 5.37 17.30 18.21
CA ARG A 381 5.84 18.29 19.19
C ARG A 381 6.65 19.37 18.47
N LEU A 382 7.55 18.96 17.56
CA LEU A 382 8.39 19.94 16.81
C LEU A 382 7.48 20.85 15.99
N PHE A 383 6.51 20.27 15.29
CA PHE A 383 5.58 21.07 14.45
C PHE A 383 4.83 22.07 15.33
N ALA A 384 4.33 21.65 16.47
CA ALA A 384 3.57 22.52 17.39
C ALA A 384 4.44 23.68 17.83
N GLN A 385 5.64 23.39 18.36
CA GLN A 385 6.49 24.39 19.04
C GLN A 385 7.25 25.30 18.06
N ARG A 386 7.77 24.77 16.96
N ARG A 386 7.83 24.71 17.02
CA ARG A 386 8.74 25.51 16.13
CA ARG A 386 8.81 25.37 16.12
C ARG A 386 8.16 25.85 14.76
C ARG A 386 8.12 25.98 14.89
N CYS A 387 6.87 25.60 14.56
CA CYS A 387 6.18 26.02 13.33
C CYS A 387 4.87 26.71 13.73
N ILE A 388 3.91 25.95 14.21
CA ILE A 388 2.55 26.48 14.47
C ILE A 388 2.62 27.68 15.40
N ALA A 389 3.27 27.57 16.53
CA ALA A 389 3.17 28.63 17.58
C ALA A 389 3.65 29.99 17.02
N GLY A 390 4.62 30.04 16.11
CA GLY A 390 5.22 31.29 15.64
C GLY A 390 4.70 31.74 14.28
N LEU A 391 3.67 31.09 13.70
CA LEU A 391 3.13 31.55 12.42
C LEU A 391 2.65 33.00 12.60
N THR A 392 2.83 33.82 11.57
N THR A 392 2.89 33.83 11.58
CA THR A 392 2.20 35.17 11.52
CA THR A 392 2.30 35.19 11.46
C THR A 392 1.44 35.39 10.23
C THR A 392 1.37 35.26 10.26
N ALA A 393 0.28 36.00 10.38
CA ALA A 393 -0.67 36.18 9.26
C ALA A 393 -0.41 37.54 8.59
N ASN A 394 -0.47 37.57 7.26
CA ASN A 394 -0.46 38.84 6.49
C ASN A 394 -1.89 39.39 6.42
N VAL A 395 -2.35 39.91 7.54
CA VAL A 395 -3.77 40.23 7.76
C VAL A 395 -4.28 41.19 6.68
N GLU A 396 -3.54 42.24 6.38
N GLU A 396 -3.60 42.16 6.37
CA GLU A 396 -4.03 43.25 5.41
CA GLU A 396 -4.09 43.17 5.40
C GLU A 396 -4.15 42.65 4.01
C GLU A 396 -4.21 42.58 4.00
N HIS A 397 -3.13 41.94 3.57
CA HIS A 397 -3.17 41.24 2.25
C HIS A 397 -4.37 40.31 2.21
N LEU A 398 -4.61 39.52 3.25
CA LEU A 398 -5.70 38.52 3.22
C LEU A 398 -7.05 39.22 3.09
N ARG A 399 -7.28 40.29 3.86
CA ARG A 399 -8.57 41.03 3.80
C ARG A 399 -8.69 41.76 2.45
N ARG A 400 -7.62 42.37 1.96
CA ARG A 400 -7.70 43.10 0.68
C ARG A 400 -8.03 42.12 -0.46
N LEU A 401 -7.45 40.93 -0.48
CA LEU A 401 -7.81 39.96 -1.53
C LEU A 401 -9.28 39.55 -1.35
N ALA A 402 -9.75 39.26 -0.12
CA ALA A 402 -11.16 38.84 0.08
C ALA A 402 -12.09 39.93 -0.49
N GLU A 403 -11.77 41.19 -0.17
CA GLU A 403 -12.56 42.38 -0.58
C GLU A 403 -12.45 42.69 -2.08
N SER A 404 -11.56 42.02 -2.81
CA SER A 404 -11.29 42.27 -4.24
C SER A 404 -11.76 41.08 -5.09
N SER A 405 -12.30 40.04 -4.47
CA SER A 405 -12.61 38.76 -5.15
C SER A 405 -13.96 38.82 -5.88
N PRO A 406 -13.99 38.47 -7.19
CA PRO A 406 -15.24 38.21 -7.90
C PRO A 406 -16.22 37.34 -7.12
N SER A 407 -15.75 36.43 -6.25
CA SER A 407 -16.62 35.51 -5.44
C SER A 407 -17.61 36.28 -4.57
N ILE A 408 -17.35 37.53 -4.21
CA ILE A 408 -18.19 38.24 -3.22
C ILE A 408 -19.19 39.16 -3.93
N VAL A 409 -19.35 39.09 -5.26
CA VAL A 409 -20.35 40.01 -5.91
C VAL A 409 -21.78 39.46 -5.80
N THR A 410 -21.98 38.18 -5.44
CA THR A 410 -23.33 37.56 -5.36
C THR A 410 -24.31 38.40 -4.54
N PRO A 411 -23.96 38.88 -3.32
CA PRO A 411 -24.86 39.72 -2.54
C PRO A 411 -25.16 41.12 -3.09
N LEU A 412 -24.58 41.47 -4.23
CA LEU A 412 -24.97 42.72 -4.94
C LEU A 412 -26.14 42.44 -5.89
N ASN A 413 -26.39 41.17 -6.25
CA ASN A 413 -27.32 40.80 -7.35
C ASN A 413 -28.70 41.42 -7.10
N SER A 414 -29.19 41.36 -5.86
CA SER A 414 -30.56 41.80 -5.52
C SER A 414 -30.66 43.34 -5.61
N ALA A 415 -29.55 44.07 -5.71
CA ALA A 415 -29.54 45.55 -5.85
C ALA A 415 -29.31 45.92 -7.33
N ILE A 416 -28.36 45.29 -8.02
CA ILE A 416 -27.90 45.80 -9.35
C ILE A 416 -28.04 44.75 -10.44
N GLY A 417 -28.51 43.55 -10.13
CA GLY A 417 -28.65 42.48 -11.13
C GLY A 417 -27.35 41.77 -11.41
N TYR A 418 -27.45 40.53 -11.86
CA TYR A 418 -26.30 39.60 -11.97
C TYR A 418 -25.42 40.03 -13.15
N GLU A 419 -25.95 40.78 -14.12
CA GLU A 419 -25.12 41.23 -15.27
C GLU A 419 -24.21 42.39 -14.87
N GLU A 420 -24.72 43.37 -14.15
CA GLU A 420 -23.87 44.47 -13.69
C GLU A 420 -22.92 43.94 -12.59
N ALA A 421 -23.34 42.94 -11.83
CA ALA A 421 -22.50 42.35 -10.76
C ALA A 421 -21.32 41.65 -11.45
N ALA A 422 -21.55 40.99 -12.58
CA ALA A 422 -20.49 40.30 -13.34
C ALA A 422 -19.55 41.33 -13.98
N ALA A 423 -20.04 42.50 -14.41
CA ALA A 423 -19.20 43.60 -14.94
C ALA A 423 -18.34 44.19 -13.82
N VAL A 424 -18.89 44.31 -12.62
CA VAL A 424 -18.12 44.83 -11.45
C VAL A 424 -16.96 43.84 -11.20
N ALA A 425 -17.26 42.56 -11.14
CA ALA A 425 -16.29 41.47 -10.88
C ALA A 425 -15.16 41.53 -11.91
N LYS A 426 -15.50 41.69 -13.20
CA LYS A 426 -14.49 41.71 -14.27
C LYS A 426 -13.60 42.95 -14.15
N GLN A 427 -14.16 44.14 -13.93
CA GLN A 427 -13.37 45.38 -13.84
C GLN A 427 -12.51 45.35 -12.57
N ALA A 428 -13.04 44.89 -11.42
CA ALA A 428 -12.28 44.81 -10.16
C ALA A 428 -11.02 43.97 -10.37
N LEU A 429 -11.16 42.85 -11.02
CA LEU A 429 -10.02 41.93 -11.26
C LEU A 429 -9.01 42.63 -12.20
N LYS A 430 -9.51 43.17 -13.31
CA LYS A 430 -8.62 43.81 -14.31
C LYS A 430 -7.86 44.99 -13.71
N GLU A 431 -8.51 45.80 -12.90
CA GLU A 431 -7.92 47.01 -12.34
C GLU A 431 -7.25 46.73 -10.99
N ARG A 432 -7.36 45.51 -10.44
CA ARG A 432 -6.77 45.11 -9.13
C ARG A 432 -7.30 46.00 -8.01
N LYS A 433 -8.62 46.23 -8.05
CA LYS A 433 -9.36 47.08 -7.10
C LYS A 433 -10.29 46.22 -6.23
N THR A 434 -10.71 46.76 -5.10
CA THR A 434 -11.77 46.14 -4.28
C THR A 434 -13.08 46.16 -5.08
N ILE A 435 -13.98 45.26 -4.72
CA ILE A 435 -15.34 45.24 -5.30
C ILE A 435 -15.99 46.58 -4.89
N ARG A 436 -15.79 47.00 -3.65
CA ARG A 436 -16.36 48.27 -3.12
C ARG A 436 -15.95 49.43 -4.02
N GLN A 437 -14.65 49.59 -4.24
CA GLN A 437 -14.12 50.74 -5.00
C GLN A 437 -14.67 50.65 -6.42
N THR A 438 -14.75 49.45 -7.01
CA THR A 438 -15.23 49.25 -8.39
C THR A 438 -16.71 49.69 -8.49
N VAL A 439 -17.49 49.46 -7.45
CA VAL A 439 -18.94 49.78 -7.49
C VAL A 439 -19.09 51.31 -7.47
N ILE A 440 -18.29 51.99 -6.65
CA ILE A 440 -18.21 53.46 -6.55
C ILE A 440 -17.73 54.02 -7.90
N ASP A 441 -16.64 53.49 -8.46
CA ASP A 441 -16.02 53.99 -9.72
C ASP A 441 -16.99 53.83 -10.88
N ARG A 442 -17.89 52.85 -10.84
CA ARG A 442 -18.83 52.57 -11.96
C ARG A 442 -20.11 53.41 -11.80
N GLY A 443 -20.15 54.31 -10.81
CA GLY A 443 -21.26 55.24 -10.54
C GLY A 443 -22.55 54.54 -10.14
N LEU A 444 -22.48 53.43 -9.38
CA LEU A 444 -23.70 52.66 -8.97
C LEU A 444 -24.28 53.18 -7.65
N ILE A 445 -23.57 54.05 -6.92
CA ILE A 445 -24.07 54.60 -5.61
C ILE A 445 -25.20 55.57 -5.95
N GLY A 446 -26.43 55.25 -5.52
CA GLY A 446 -27.62 56.10 -5.68
C GLY A 446 -28.74 55.71 -4.73
N ASP A 447 -30.00 55.90 -5.14
CA ASP A 447 -31.21 55.46 -4.39
C ASP A 447 -31.31 53.94 -4.52
N ARG A 448 -30.80 53.41 -5.64
CA ARG A 448 -30.67 51.97 -5.98
C ARG A 448 -29.78 51.27 -4.94
N LEU A 449 -28.82 51.98 -4.32
CA LEU A 449 -27.74 51.38 -3.47
C LEU A 449 -26.97 52.48 -2.75
N SER A 450 -27.14 52.62 -1.43
CA SER A 450 -26.39 53.59 -0.60
C SER A 450 -25.02 53.01 -0.25
N ILE A 451 -24.07 53.87 0.10
CA ILE A 451 -22.72 53.48 0.57
C ILE A 451 -22.89 52.50 1.76
N GLU A 452 -23.87 52.72 2.63
CA GLU A 452 -24.07 51.92 3.87
C GLU A 452 -24.63 50.55 3.50
N ASP A 453 -25.54 50.48 2.53
CA ASP A 453 -26.09 49.17 2.03
C ASP A 453 -24.95 48.42 1.29
N LEU A 454 -24.02 49.16 0.66
CA LEU A 454 -22.90 48.53 -0.10
C LEU A 454 -21.99 47.84 0.91
N ASP A 455 -21.69 48.54 2.00
CA ASP A 455 -20.72 48.12 3.04
C ASP A 455 -21.32 46.92 3.78
N ARG A 456 -22.64 46.94 4.01
N ARG A 456 -22.63 46.91 3.99
CA ARG A 456 -23.40 45.78 4.56
CA ARG A 456 -23.35 45.74 4.56
C ARG A 456 -23.29 44.60 3.59
C ARG A 456 -23.28 44.57 3.58
N ARG A 457 -23.55 44.79 2.30
CA ARG A 457 -23.59 43.66 1.33
C ARG A 457 -22.19 43.08 1.14
N LEU A 458 -21.14 43.91 1.27
CA LEU A 458 -19.76 43.47 0.97
C LEU A 458 -18.94 43.23 2.27
N ASP A 459 -19.62 43.06 3.41
CA ASP A 459 -18.93 42.80 4.70
C ASP A 459 -18.41 41.35 4.65
N VAL A 460 -17.14 41.19 4.29
CA VAL A 460 -16.55 39.84 4.05
C VAL A 460 -16.43 39.11 5.37
N LEU A 461 -16.21 39.77 6.50
CA LEU A 461 -16.12 39.02 7.77
C LEU A 461 -17.50 38.49 8.16
N ALA A 462 -18.57 39.26 7.90
CA ALA A 462 -19.93 38.74 8.08
C ALA A 462 -20.23 37.55 7.15
N MET A 463 -19.71 37.56 5.92
N MET A 463 -19.69 37.57 5.93
CA MET A 463 -19.92 36.45 4.97
CA MET A 463 -19.92 36.48 4.96
C MET A 463 -19.29 35.15 5.52
C MET A 463 -19.25 35.18 5.45
N ALA A 464 -18.19 35.27 6.26
CA ALA A 464 -17.48 34.09 6.82
C ALA A 464 -18.28 33.51 7.99
N LYS A 465 -19.24 34.25 8.56
CA LYS A 465 -20.16 33.75 9.63
C LYS A 465 -19.35 33.16 10.81
N ALA A 466 -18.39 33.94 11.34
CA ALA A 466 -17.54 33.53 12.49
C ALA A 466 -18.35 33.73 13.77
N GLU A 467 -18.26 32.80 14.73
CA GLU A 467 -18.73 33.02 16.14
C GLU A 467 -18.14 34.35 16.65
N TYR B 10 -33.93 10.23 -28.75
CA TYR B 10 -32.79 11.19 -28.65
C TYR B 10 -33.29 12.63 -28.67
N ARG B 11 -33.93 13.09 -27.58
CA ARG B 11 -34.39 14.51 -27.43
C ARG B 11 -33.18 15.43 -27.27
N ILE B 12 -33.29 16.72 -27.63
CA ILE B 12 -32.18 17.70 -27.56
C ILE B 12 -32.50 18.74 -26.48
N GLU B 13 -31.47 19.34 -25.87
CA GLU B 13 -31.58 20.30 -24.73
C GLU B 13 -30.63 21.47 -24.95
N HIS B 14 -30.65 22.47 -24.06
CA HIS B 14 -29.84 23.70 -24.16
C HIS B 14 -29.17 23.97 -22.81
N ASP B 15 -27.85 23.82 -22.74
CA ASP B 15 -26.99 24.25 -21.61
C ASP B 15 -26.55 25.69 -21.90
N THR B 16 -26.08 26.42 -20.88
CA THR B 16 -25.60 27.82 -20.98
C THR B 16 -24.34 27.90 -21.86
N MET B 17 -24.12 26.82 -22.63
CA MET B 17 -22.93 26.71 -23.52
C MET B 17 -23.20 25.83 -24.74
N GLY B 18 -24.47 25.70 -25.17
CA GLY B 18 -24.82 25.04 -26.44
C GLY B 18 -25.96 24.03 -26.33
N GLU B 19 -26.17 23.25 -27.40
CA GLU B 19 -27.22 22.18 -27.54
C GLU B 19 -26.64 20.80 -27.23
N VAL B 20 -27.38 20.00 -26.48
CA VAL B 20 -26.83 18.65 -26.20
C VAL B 20 -27.89 17.57 -26.39
N ARG B 21 -27.50 16.48 -27.04
CA ARG B 21 -28.43 15.36 -27.32
C ARG B 21 -28.46 14.41 -26.11
N VAL B 22 -29.66 13.94 -25.73
CA VAL B 22 -29.92 13.13 -24.50
C VAL B 22 -30.81 11.97 -24.90
N PRO B 23 -30.53 10.71 -24.51
CA PRO B 23 -31.46 9.60 -24.74
C PRO B 23 -32.91 9.93 -24.31
N ALA B 24 -33.89 9.31 -25.00
CA ALA B 24 -35.34 9.63 -24.92
C ALA B 24 -35.89 9.22 -23.56
N LYS B 25 -35.59 8.00 -23.11
CA LYS B 25 -36.04 7.43 -21.82
C LYS B 25 -35.21 7.97 -20.63
N ALA B 26 -34.36 8.99 -20.82
CA ALA B 26 -33.45 9.50 -19.79
C ALA B 26 -34.15 10.57 -18.96
N LEU B 27 -34.11 10.43 -17.64
CA LEU B 27 -34.62 11.45 -16.71
C LEU B 27 -33.55 12.49 -16.40
N TRP B 28 -32.28 12.25 -16.75
CA TRP B 28 -31.22 13.29 -16.54
C TRP B 28 -31.32 14.38 -17.60
N ARG B 29 -30.63 15.50 -17.43
CA ARG B 29 -30.76 16.64 -18.40
C ARG B 29 -29.38 17.11 -18.83
N ALA B 30 -29.19 18.39 -19.15
CA ALA B 30 -28.01 18.84 -19.93
C ALA B 30 -26.71 18.73 -19.11
N GLN B 31 -26.69 19.12 -17.85
CA GLN B 31 -25.42 19.08 -17.06
C GLN B 31 -24.95 17.61 -16.94
N THR B 32 -25.87 16.67 -16.73
CA THR B 32 -25.51 15.24 -16.62
C THR B 32 -24.99 14.75 -17.97
N GLN B 33 -25.67 15.08 -19.06
CA GLN B 33 -25.16 14.66 -20.39
C GLN B 33 -23.79 15.28 -20.69
N ARG B 34 -23.50 16.50 -20.23
CA ARG B 34 -22.15 17.12 -20.37
C ARG B 34 -21.09 16.30 -19.59
N ALA B 35 -21.41 15.91 -18.36
CA ALA B 35 -20.55 15.07 -17.50
C ALA B 35 -20.32 13.72 -18.17
N VAL B 36 -21.33 13.12 -18.80
CA VAL B 36 -21.19 11.84 -19.54
C VAL B 36 -20.11 12.01 -20.60
N GLU B 37 -20.11 13.13 -21.34
CA GLU B 37 -19.17 13.30 -22.49
C GLU B 37 -17.78 13.68 -21.96
N ASN B 38 -17.69 14.29 -20.79
CA ASN B 38 -16.44 14.83 -20.20
C ASN B 38 -15.59 13.73 -19.55
N PHE B 39 -16.22 12.68 -19.01
CA PHE B 39 -15.50 11.70 -18.17
C PHE B 39 -15.76 10.28 -18.66
N PRO B 40 -15.50 9.92 -19.95
CA PRO B 40 -15.50 8.51 -20.36
C PRO B 40 -14.21 7.78 -19.98
N ILE B 41 -14.13 7.38 -18.70
CA ILE B 41 -12.84 6.93 -18.10
C ILE B 41 -12.93 5.46 -17.72
N SER B 42 -13.84 5.08 -16.82
CA SER B 42 -13.96 3.70 -16.28
C SER B 42 -15.15 2.94 -16.89
N GLY B 43 -16.18 3.64 -17.35
CA GLY B 43 -17.45 3.02 -17.79
C GLY B 43 -18.27 2.48 -16.63
N ARG B 44 -18.02 2.89 -15.40
CA ARG B 44 -18.76 2.48 -14.16
C ARG B 44 -19.20 3.78 -13.48
N GLY B 45 -20.47 3.84 -13.08
CA GLY B 45 -21.06 4.96 -12.36
C GLY B 45 -21.33 4.61 -10.92
N LEU B 46 -22.11 5.44 -10.26
CA LEU B 46 -22.51 5.24 -8.85
C LEU B 46 -23.21 3.88 -8.73
N GLU B 47 -23.02 3.28 -7.57
CA GLU B 47 -23.68 2.04 -7.14
C GLU B 47 -25.04 2.34 -6.52
N ARG B 48 -25.86 1.32 -6.39
CA ARG B 48 -27.25 1.44 -5.84
C ARG B 48 -27.20 2.17 -4.49
N THR B 49 -26.23 1.86 -3.63
CA THR B 49 -26.18 2.43 -2.24
C THR B 49 -25.89 3.93 -2.27
N GLN B 50 -25.04 4.38 -3.18
CA GLN B 50 -24.78 5.85 -3.33
C GLN B 50 -25.99 6.58 -3.90
N ILE B 51 -26.66 6.00 -4.90
CA ILE B 51 -27.89 6.60 -5.50
C ILE B 51 -28.99 6.71 -4.45
N ARG B 52 -29.20 5.63 -3.70
CA ARG B 52 -30.17 5.61 -2.60
C ARG B 52 -29.86 6.77 -1.68
N ALA B 53 -28.60 6.95 -1.26
CA ALA B 53 -28.28 7.98 -0.24
C ALA B 53 -28.52 9.39 -0.82
N LEU B 54 -28.22 9.62 -2.09
CA LEU B 54 -28.50 10.93 -2.75
C LEU B 54 -30.01 11.19 -2.74
N GLY B 55 -30.82 10.16 -3.01
CA GLY B 55 -32.28 10.30 -2.91
C GLY B 55 -32.73 10.62 -1.49
N LEU B 56 -32.22 9.89 -0.48
CA LEU B 56 -32.58 10.17 0.94
C LEU B 56 -32.23 11.61 1.25
N LEU B 57 -31.03 12.02 0.88
CA LEU B 57 -30.59 13.38 1.20
C LEU B 57 -31.51 14.44 0.58
N LYS B 58 -31.81 14.34 -0.72
CA LYS B 58 -32.62 15.40 -1.37
C LYS B 58 -34.04 15.47 -0.77
N GLY B 59 -34.57 14.31 -0.38
CA GLY B 59 -35.90 14.23 0.26
C GLY B 59 -35.90 14.90 1.59
N ALA B 60 -34.85 14.69 2.40
CA ALA B 60 -34.74 15.34 3.72
C ALA B 60 -34.57 16.85 3.55
N CYS B 61 -33.72 17.28 2.63
CA CYS B 61 -33.47 18.72 2.38
C CYS B 61 -34.83 19.40 2.03
N ALA B 62 -35.63 18.77 1.17
CA ALA B 62 -36.93 19.35 0.73
C ALA B 62 -37.86 19.45 1.94
N GLN B 63 -37.89 18.43 2.81
CA GLN B 63 -38.75 18.42 4.02
C GLN B 63 -38.36 19.61 4.90
N VAL B 64 -37.06 19.85 5.06
CA VAL B 64 -36.56 20.93 5.94
C VAL B 64 -36.84 22.30 5.29
N ASN B 65 -36.57 22.44 4.01
CA ASN B 65 -36.79 23.73 3.32
C ASN B 65 -38.30 24.08 3.38
N SER B 66 -39.16 23.08 3.24
CA SER B 66 -40.62 23.27 3.40
C SER B 66 -40.92 23.72 4.83
N ASP B 67 -40.41 23.04 5.86
CA ASP B 67 -40.71 23.35 7.28
C ASP B 67 -40.26 24.77 7.61
N LEU B 68 -39.20 25.25 6.96
CA LEU B 68 -38.65 26.59 7.22
C LEU B 68 -39.33 27.67 6.38
N GLY B 69 -40.31 27.34 5.52
CA GLY B 69 -41.07 28.33 4.74
C GLY B 69 -40.26 28.82 3.54
N LEU B 70 -39.22 28.08 3.13
CA LEU B 70 -38.32 28.51 2.05
C LEU B 70 -38.76 27.92 0.72
N LEU B 71 -39.44 26.78 0.74
CA LEU B 71 -39.80 26.01 -0.46
C LEU B 71 -41.30 25.79 -0.42
N ALA B 72 -41.99 26.11 -1.52
CA ALA B 72 -43.46 26.01 -1.60
C ALA B 72 -43.87 24.55 -1.38
N PRO B 73 -44.94 24.28 -0.61
CA PRO B 73 -45.34 22.92 -0.27
C PRO B 73 -45.54 21.93 -1.43
N GLU B 74 -46.09 22.38 -2.56
N GLU B 74 -46.16 22.35 -2.55
CA GLU B 74 -46.36 21.52 -3.73
CA GLU B 74 -46.36 21.48 -3.74
C GLU B 74 -45.03 21.13 -4.41
C GLU B 74 -44.99 21.08 -4.30
N LYS B 75 -44.03 22.02 -4.37
CA LYS B 75 -42.65 21.77 -4.88
C LYS B 75 -41.92 20.82 -3.93
N ALA B 76 -41.99 21.04 -2.63
CA ALA B 76 -41.40 20.15 -1.62
C ALA B 76 -42.01 18.75 -1.78
N ASP B 77 -43.35 18.65 -1.97
CA ASP B 77 -44.02 17.33 -2.00
C ASP B 77 -43.56 16.56 -3.23
N ALA B 78 -43.42 17.23 -4.38
CA ALA B 78 -42.91 16.64 -5.62
C ALA B 78 -41.48 16.14 -5.40
N ILE B 79 -40.64 16.93 -4.73
CA ILE B 79 -39.23 16.50 -4.47
C ILE B 79 -39.25 15.26 -3.58
N ILE B 80 -40.01 15.30 -2.49
CA ILE B 80 -40.12 14.16 -1.53
C ILE B 80 -40.55 12.90 -2.26
N ALA B 81 -41.63 12.94 -3.06
CA ALA B 81 -42.10 11.76 -3.81
C ALA B 81 -41.02 11.25 -4.77
N ALA B 82 -40.39 12.13 -5.54
CA ALA B 82 -39.35 11.75 -6.52
C ALA B 82 -38.15 11.15 -5.77
N ALA B 83 -37.70 11.79 -4.69
CA ALA B 83 -36.51 11.35 -3.92
C ALA B 83 -36.77 9.98 -3.30
N ALA B 84 -38.01 9.68 -2.88
CA ALA B 84 -38.39 8.36 -2.33
C ALA B 84 -38.25 7.30 -3.42
N GLU B 85 -38.62 7.61 -4.66
CA GLU B 85 -38.48 6.63 -5.77
C GLU B 85 -36.99 6.33 -5.99
N ILE B 86 -36.15 7.36 -5.91
CA ILE B 86 -34.68 7.14 -6.09
C ILE B 86 -34.18 6.29 -4.92
N ALA B 87 -34.54 6.60 -3.69
CA ALA B 87 -34.03 5.89 -2.50
C ALA B 87 -34.49 4.42 -2.53
N ASP B 88 -35.61 4.16 -3.21
CA ASP B 88 -36.24 2.81 -3.27
C ASP B 88 -35.64 2.02 -4.45
N GLY B 89 -34.67 2.57 -5.18
CA GLY B 89 -33.96 1.83 -6.25
C GLY B 89 -34.74 1.81 -7.56
N GLN B 90 -35.68 2.71 -7.75
CA GLN B 90 -36.55 2.72 -8.97
C GLN B 90 -35.83 3.42 -10.13
N HIS B 91 -34.66 4.06 -9.91
CA HIS B 91 -34.05 4.94 -10.95
C HIS B 91 -32.53 4.67 -11.06
N ASP B 92 -32.10 3.47 -10.76
CA ASP B 92 -30.65 3.12 -10.68
C ASP B 92 -30.03 3.19 -12.08
N ASP B 93 -30.85 3.30 -13.13
CA ASP B 93 -30.41 3.36 -14.54
C ASP B 93 -30.33 4.84 -14.96
N GLN B 94 -30.63 5.80 -14.10
CA GLN B 94 -30.66 7.25 -14.48
C GLN B 94 -29.39 8.00 -14.01
N PHE B 95 -28.33 7.29 -13.65
CA PHE B 95 -27.09 7.89 -13.05
C PHE B 95 -25.89 7.41 -13.86
N PRO B 96 -25.71 7.94 -15.07
CA PRO B 96 -24.69 7.46 -16.01
C PRO B 96 -23.27 8.05 -15.86
N ILE B 97 -23.07 8.98 -14.94
CA ILE B 97 -21.77 9.71 -14.86
C ILE B 97 -20.74 8.74 -14.28
N ASP B 98 -19.56 8.76 -14.86
CA ASP B 98 -18.38 8.02 -14.37
C ASP B 98 -18.14 8.35 -12.90
N VAL B 99 -17.63 7.36 -12.17
CA VAL B 99 -16.98 7.58 -10.84
C VAL B 99 -15.89 8.66 -10.95
N PHE B 100 -15.04 8.62 -11.98
CA PHE B 100 -13.89 9.54 -12.13
C PHE B 100 -14.40 10.86 -12.75
N GLN B 101 -14.97 11.68 -11.90
CA GLN B 101 -15.67 12.94 -12.22
C GLN B 101 -15.04 14.04 -11.38
N THR B 102 -15.54 15.26 -11.50
CA THR B 102 -15.11 16.38 -10.66
C THR B 102 -15.08 15.90 -9.20
N GLY B 103 -14.00 16.23 -8.48
CA GLY B 103 -13.66 15.54 -7.22
C GLY B 103 -14.52 15.93 -6.03
N SER B 104 -15.41 16.91 -6.18
CA SER B 104 -16.41 17.29 -5.17
C SER B 104 -17.62 16.35 -5.28
N GLY B 105 -17.78 15.72 -6.44
CA GLY B 105 -18.99 14.96 -6.80
C GLY B 105 -20.15 15.87 -7.22
N THR B 106 -19.88 17.13 -7.56
N THR B 106 -19.83 17.14 -7.56
CA THR B 106 -20.94 18.06 -8.03
CA THR B 106 -20.75 18.14 -8.18
C THR B 106 -21.66 17.47 -9.27
C THR B 106 -21.61 17.46 -9.24
N SER B 107 -20.97 16.73 -10.15
CA SER B 107 -21.65 16.16 -11.35
C SER B 107 -22.78 15.23 -10.90
N SER B 108 -22.51 14.35 -9.95
CA SER B 108 -23.53 13.41 -9.44
C SER B 108 -24.59 14.15 -8.63
N ASN B 109 -24.22 15.15 -7.84
CA ASN B 109 -25.21 16.00 -7.16
C ASN B 109 -26.22 16.57 -8.21
N MET B 110 -25.72 17.18 -9.28
CA MET B 110 -26.58 17.76 -10.34
C MET B 110 -27.39 16.66 -11.05
N ASN B 111 -26.82 15.48 -11.30
CA ASN B 111 -27.54 14.31 -11.86
C ASN B 111 -28.78 14.06 -10.99
N THR B 112 -28.62 14.09 -9.67
CA THR B 112 -29.75 13.81 -8.74
C THR B 112 -30.81 14.90 -8.92
N ASN B 113 -30.37 16.14 -8.97
CA ASN B 113 -31.27 17.31 -9.01
C ASN B 113 -32.06 17.31 -10.34
N GLU B 114 -31.40 16.95 -11.44
CA GLU B 114 -32.02 16.86 -12.79
C GLU B 114 -33.02 15.70 -12.84
N VAL B 115 -32.68 14.54 -12.31
CA VAL B 115 -33.58 13.36 -12.36
C VAL B 115 -34.80 13.67 -11.48
N ILE B 116 -34.63 14.30 -10.33
CA ILE B 116 -35.80 14.68 -9.51
C ILE B 116 -36.71 15.66 -10.29
N ALA B 117 -36.13 16.66 -10.94
CA ALA B 117 -36.86 17.67 -11.74
C ALA B 117 -37.67 16.96 -12.84
N SER B 118 -37.09 15.96 -13.52
CA SER B 118 -37.75 15.20 -14.61
C SER B 118 -38.87 14.32 -14.05
N ILE B 119 -38.68 13.71 -12.87
CA ILE B 119 -39.76 12.92 -12.22
C ILE B 119 -40.91 13.86 -11.85
N ALA B 120 -40.63 14.99 -11.22
CA ALA B 120 -41.67 15.94 -10.80
C ALA B 120 -42.46 16.42 -12.04
N ALA B 121 -41.77 16.67 -13.17
CA ALA B 121 -42.35 17.18 -14.45
C ALA B 121 -43.42 16.21 -14.97
N LYS B 122 -43.23 14.90 -14.77
CA LYS B 122 -44.19 13.85 -15.20
C LYS B 122 -45.45 13.86 -14.34
N GLY B 123 -45.47 14.60 -13.22
CA GLY B 123 -46.66 14.76 -12.37
C GLY B 123 -47.15 16.18 -12.40
N GLY B 124 -46.67 17.01 -13.34
CA GLY B 124 -47.22 18.35 -13.60
C GLY B 124 -46.62 19.45 -12.76
N VAL B 125 -45.47 19.20 -12.07
CA VAL B 125 -44.82 20.23 -11.22
C VAL B 125 -43.47 20.58 -11.83
N THR B 126 -43.21 21.87 -12.05
CA THR B 126 -41.95 22.44 -12.55
C THR B 126 -41.04 22.72 -11.34
N LEU B 127 -39.94 21.96 -11.26
CA LEU B 127 -38.84 22.17 -10.28
C LEU B 127 -37.62 22.66 -11.04
N HIS B 128 -36.98 23.71 -10.54
CA HIS B 128 -35.64 24.15 -11.02
C HIS B 128 -34.60 23.25 -10.35
N PRO B 129 -33.79 22.47 -11.10
CA PRO B 129 -32.80 21.59 -10.45
C PRO B 129 -31.95 22.26 -9.37
N ASN B 130 -31.36 23.42 -9.69
CA ASN B 130 -30.54 24.20 -8.74
C ASN B 130 -31.43 24.91 -7.71
N ASP B 131 -32.39 25.76 -8.13
CA ASP B 131 -33.01 26.70 -7.14
C ASP B 131 -33.97 25.96 -6.19
N ASP B 132 -34.60 24.87 -6.65
CA ASP B 132 -35.56 24.12 -5.82
C ASP B 132 -34.88 22.86 -5.24
N VAL B 133 -34.36 21.96 -6.07
CA VAL B 133 -33.90 20.64 -5.56
C VAL B 133 -32.56 20.84 -4.80
N ASN B 134 -31.78 21.85 -5.14
CA ASN B 134 -30.48 22.14 -4.48
C ASN B 134 -30.61 23.29 -3.48
N MET B 135 -31.84 23.68 -3.11
CA MET B 135 -32.05 24.83 -2.21
C MET B 135 -31.33 24.55 -0.86
N SER B 136 -30.64 25.56 -0.37
CA SER B 136 -29.92 25.56 0.93
C SER B 136 -28.66 24.67 0.88
N GLN B 137 -28.32 24.16 -0.30
CA GLN B 137 -27.23 23.17 -0.47
C GLN B 137 -26.15 23.77 -1.35
N SER B 138 -24.99 23.16 -1.39
CA SER B 138 -23.99 23.61 -2.38
C SER B 138 -23.55 22.41 -3.16
N SER B 139 -22.67 22.67 -4.10
CA SER B 139 -22.04 21.62 -4.89
C SER B 139 -21.02 20.81 -4.08
N ASN B 140 -20.72 21.10 -2.77
CA ASN B 140 -19.56 20.60 -1.98
C ASN B 140 -19.92 19.90 -0.67
N ASP B 141 -21.13 20.13 -0.16
CA ASP B 141 -21.54 19.57 1.14
C ASP B 141 -22.52 18.42 0.90
N THR B 142 -23.01 18.25 -0.32
CA THR B 142 -24.03 17.21 -0.61
C THR B 142 -23.41 15.85 -0.88
N PHE B 143 -22.53 15.75 -1.86
CA PHE B 143 -21.96 14.43 -2.21
C PHE B 143 -21.26 13.79 -1.01
N PRO B 144 -20.41 14.47 -0.23
CA PRO B 144 -19.77 13.82 0.92
C PRO B 144 -20.79 13.40 1.98
N THR B 145 -21.88 14.16 2.10
CA THR B 145 -22.97 13.78 3.02
C THR B 145 -23.58 12.45 2.55
N ALA B 146 -23.91 12.32 1.27
CA ALA B 146 -24.50 11.10 0.70
C ALA B 146 -23.52 9.93 0.84
N THR B 147 -22.21 10.21 0.67
CA THR B 147 -21.15 9.19 0.83
C THR B 147 -21.17 8.66 2.26
N HIS B 148 -21.19 9.55 3.23
CA HIS B 148 -21.17 9.13 4.65
C HIS B 148 -22.49 8.44 5.07
N ILE B 149 -23.62 8.85 4.53
CA ILE B 149 -24.90 8.13 4.74
C ILE B 149 -24.79 6.71 4.23
N ALA B 150 -24.33 6.57 2.98
CA ALA B 150 -24.19 5.24 2.33
C ALA B 150 -23.22 4.35 3.13
N ALA B 151 -22.08 4.87 3.56
CA ALA B 151 -21.04 4.10 4.29
C ALA B 151 -21.58 3.71 5.65
N THR B 152 -22.35 4.57 6.32
CA THR B 152 -22.84 4.28 7.67
C THR B 152 -23.87 3.16 7.58
N GLU B 153 -24.75 3.29 6.57
CA GLU B 153 -25.79 2.27 6.28
C GLU B 153 -25.09 0.96 5.93
N ALA B 154 -24.05 1.02 5.12
CA ALA B 154 -23.35 -0.23 4.76
C ALA B 154 -22.76 -0.87 6.03
N ALA B 155 -22.17 -0.10 6.93
CA ALA B 155 -21.54 -0.62 8.16
C ALA B 155 -22.60 -1.26 9.06
N VAL B 156 -23.70 -0.55 9.31
N VAL B 156 -23.71 -0.59 9.35
CA VAL B 156 -24.65 -0.88 10.40
CA VAL B 156 -24.61 -1.02 10.47
C VAL B 156 -25.65 -1.92 9.93
C VAL B 156 -25.73 -1.93 9.97
N ALA B 157 -26.24 -1.72 8.75
CA ALA B 157 -27.38 -2.53 8.25
C ALA B 157 -26.90 -3.79 7.52
N HIS B 158 -25.67 -3.82 7.02
CA HIS B 158 -25.22 -4.91 6.13
C HIS B 158 -23.95 -5.58 6.68
N LEU B 159 -22.86 -4.84 6.88
CA LEU B 159 -21.58 -5.50 7.26
C LEU B 159 -21.64 -6.09 8.66
N ILE B 160 -22.08 -5.34 9.65
CA ILE B 160 -22.06 -5.87 11.03
C ILE B 160 -22.93 -7.14 11.13
N PRO B 161 -24.18 -7.16 10.58
CA PRO B 161 -24.95 -8.40 10.62
C PRO B 161 -24.28 -9.58 9.90
N ALA B 162 -23.63 -9.34 8.77
CA ALA B 162 -22.97 -10.42 8.04
C ALA B 162 -21.79 -10.95 8.89
N LEU B 163 -21.03 -10.04 9.48
CA LEU B 163 -19.91 -10.43 10.39
C LEU B 163 -20.46 -11.19 11.60
N GLN B 164 -21.60 -10.77 12.16
CA GLN B 164 -22.19 -11.50 13.28
C GLN B 164 -22.56 -12.91 12.81
N GLN B 165 -23.06 -13.09 11.60
CA GLN B 165 -23.43 -14.44 11.10
C GLN B 165 -22.16 -15.32 11.01
N LEU B 166 -21.06 -14.75 10.52
CA LEU B 166 -19.80 -15.53 10.43
C LEU B 166 -19.31 -15.82 11.84
N HIS B 167 -19.35 -14.84 12.72
CA HIS B 167 -18.88 -15.05 14.11
C HIS B 167 -19.65 -16.26 14.69
N ASP B 168 -20.97 -16.24 14.58
CA ASP B 168 -21.85 -17.29 15.16
C ASP B 168 -21.53 -18.65 14.54
N ALA B 169 -21.23 -18.70 13.25
CA ALA B 169 -20.90 -19.98 12.57
C ALA B 169 -19.58 -20.49 13.15
N LEU B 170 -18.60 -19.60 13.33
CA LEU B 170 -17.27 -19.99 13.83
C LEU B 170 -17.42 -20.47 15.28
N ALA B 171 -18.22 -19.76 16.07
CA ALA B 171 -18.38 -20.03 17.51
C ALA B 171 -19.10 -21.37 17.66
N ALA B 172 -20.07 -21.64 16.80
CA ALA B 172 -20.80 -22.93 16.83
C ALA B 172 -19.80 -24.07 16.58
N LYS B 173 -18.90 -23.91 15.62
CA LYS B 173 -17.87 -24.96 15.40
C LYS B 173 -16.94 -25.05 16.60
N ALA B 174 -16.62 -23.96 17.26
CA ALA B 174 -15.72 -23.98 18.43
C ALA B 174 -16.39 -24.87 19.50
N LEU B 175 -17.71 -24.75 19.66
CA LEU B 175 -18.42 -25.53 20.68
C LEU B 175 -18.50 -27.01 20.27
N ASP B 176 -18.88 -27.29 19.03
CA ASP B 176 -18.98 -28.67 18.48
C ASP B 176 -17.63 -29.38 18.58
N TRP B 177 -16.51 -28.64 18.42
CA TRP B 177 -15.17 -29.27 18.33
C TRP B 177 -14.37 -29.08 19.62
N HIS B 178 -15.06 -28.78 20.72
CA HIS B 178 -14.42 -28.47 21.99
C HIS B 178 -13.49 -29.60 22.48
N THR B 179 -13.76 -30.87 22.16
CA THR B 179 -12.91 -32.00 22.61
C THR B 179 -12.09 -32.59 21.48
N VAL B 180 -12.06 -31.96 20.32
CA VAL B 180 -11.35 -32.51 19.15
C VAL B 180 -9.88 -32.13 19.26
N VAL B 181 -9.11 -33.00 19.88
N VAL B 181 -9.10 -32.96 19.97
CA VAL B 181 -7.71 -32.73 20.22
CA VAL B 181 -7.67 -32.71 20.24
C VAL B 181 -6.84 -32.93 18.96
C VAL B 181 -6.89 -32.88 18.93
N LYS B 182 -5.80 -32.15 18.85
CA LYS B 182 -4.89 -32.24 17.68
C LYS B 182 -3.55 -31.65 18.10
N SER B 183 -2.52 -31.77 17.28
CA SER B 183 -1.24 -31.10 17.59
C SER B 183 -1.32 -29.62 17.18
N GLY B 184 -0.85 -28.74 18.03
CA GLY B 184 -0.59 -27.34 17.66
C GLY B 184 0.44 -27.30 16.53
N ARG B 185 0.56 -26.16 15.87
CA ARG B 185 1.63 -25.91 14.91
C ARG B 185 2.13 -24.49 15.14
N THR B 186 3.44 -24.34 15.35
CA THR B 186 4.12 -23.04 15.48
C THR B 186 5.29 -23.02 14.51
N HIS B 187 5.40 -21.96 13.71
CA HIS B 187 6.44 -21.91 12.65
C HIS B 187 6.18 -23.01 11.63
N LEU B 188 4.96 -23.61 11.57
CA LEU B 188 4.57 -24.78 10.73
C LEU B 188 5.14 -26.08 11.28
N MET B 189 5.69 -26.07 12.47
CA MET B 189 6.32 -27.28 13.06
C MET B 189 5.44 -27.80 14.20
N ASP B 190 5.55 -29.09 14.45
CA ASP B 190 4.76 -29.77 15.49
C ASP B 190 4.96 -29.08 16.82
N ALA B 191 3.86 -28.87 17.52
CA ALA B 191 3.85 -28.25 18.84
C ALA B 191 2.92 -29.04 19.77
N VAL B 192 2.79 -28.56 21.01
CA VAL B 192 1.93 -29.21 22.03
C VAL B 192 0.46 -29.13 21.63
N PRO B 193 -0.39 -29.97 22.28
CA PRO B 193 -1.77 -30.12 21.86
C PRO B 193 -2.63 -28.87 22.03
N VAL B 194 -3.57 -28.75 21.09
CA VAL B 194 -4.70 -27.80 21.17
C VAL B 194 -5.95 -28.58 20.81
N THR B 195 -7.10 -27.95 20.84
CA THR B 195 -8.29 -28.52 20.18
C THR B 195 -8.64 -27.68 18.96
N LEU B 196 -9.30 -28.30 18.01
N LEU B 196 -9.28 -28.30 17.96
CA LEU B 196 -9.84 -27.59 16.84
CA LEU B 196 -9.92 -27.59 16.84
C LEU B 196 -10.89 -26.58 17.32
C LEU B 196 -10.81 -26.50 17.40
N GLY B 197 -11.54 -26.82 18.48
CA GLY B 197 -12.47 -25.86 19.07
C GLY B 197 -11.73 -24.63 19.54
N GLN B 198 -10.57 -24.79 20.17
CA GLN B 198 -9.77 -23.60 20.60
C GLN B 198 -9.38 -22.76 19.39
N GLU B 199 -8.88 -23.39 18.33
CA GLU B 199 -8.45 -22.62 17.13
C GLU B 199 -9.66 -21.85 16.58
N PHE B 200 -10.81 -22.49 16.47
CA PHE B 200 -12.05 -21.83 15.93
C PHE B 200 -12.55 -20.74 16.90
N SER B 201 -12.33 -20.91 18.22
N SER B 201 -12.31 -20.88 18.21
CA SER B 201 -12.63 -19.83 19.21
CA SER B 201 -12.64 -19.79 19.16
C SER B 201 -11.78 -18.58 18.88
C SER B 201 -11.77 -18.55 18.87
N GLY B 202 -10.53 -18.77 18.47
CA GLY B 202 -9.62 -17.69 18.06
C GLY B 202 -10.18 -17.00 16.83
N TYR B 203 -10.56 -17.77 15.80
CA TYR B 203 -11.17 -17.18 14.57
C TYR B 203 -12.41 -16.38 14.95
N ALA B 204 -13.27 -16.95 15.82
CA ALA B 204 -14.48 -16.25 16.29
C ALA B 204 -14.08 -14.92 16.90
N ARG B 205 -13.09 -14.93 17.80
CA ARG B 205 -12.69 -13.69 18.48
C ARG B 205 -12.18 -12.68 17.44
N GLN B 206 -11.47 -13.10 16.41
CA GLN B 206 -11.00 -12.14 15.38
C GLN B 206 -12.21 -11.44 14.73
N ILE B 207 -13.26 -12.17 14.43
CA ILE B 207 -14.48 -11.61 13.79
C ILE B 207 -15.19 -10.71 14.80
N GLU B 208 -15.28 -11.13 16.06
CA GLU B 208 -15.95 -10.31 17.09
C GLU B 208 -15.18 -8.97 17.24
N ALA B 209 -13.87 -9.05 17.31
CA ALA B 209 -13.00 -7.86 17.36
C ALA B 209 -13.22 -6.99 16.11
N GLY B 210 -13.40 -7.60 14.96
CA GLY B 210 -13.71 -6.87 13.71
C GLY B 210 -15.00 -6.08 13.85
N ILE B 211 -16.01 -6.67 14.47
CA ILE B 211 -17.27 -5.92 14.74
C ILE B 211 -16.99 -4.77 15.70
N GLU B 212 -16.19 -5.00 16.74
CA GLU B 212 -15.81 -3.92 17.68
C GLU B 212 -15.11 -2.78 16.93
N ARG B 213 -14.23 -3.11 15.96
CA ARG B 213 -13.47 -2.09 15.18
C ARG B 213 -14.42 -1.28 14.30
N VAL B 214 -15.42 -1.92 13.70
CA VAL B 214 -16.44 -1.19 12.90
C VAL B 214 -17.20 -0.25 13.81
N ARG B 215 -17.63 -0.74 14.98
N ARG B 215 -17.63 -0.75 14.97
N ARG B 215 -17.64 -0.75 14.97
CA ARG B 215 -18.45 0.02 15.97
CA ARG B 215 -18.42 0.02 15.96
CA ARG B 215 -18.42 0.08 15.93
C ARG B 215 -17.64 1.21 16.53
C ARG B 215 -17.62 1.24 16.43
C ARG B 215 -17.58 1.31 16.35
N ALA B 216 -16.31 1.09 16.66
CA ALA B 216 -15.44 2.16 17.17
C ALA B 216 -15.31 3.29 16.17
N CYS B 217 -15.49 3.04 14.86
CA CYS B 217 -15.30 4.10 13.82
C CYS B 217 -16.60 4.88 13.57
N LEU B 218 -17.75 4.38 14.02
CA LEU B 218 -19.06 4.95 13.63
C LEU B 218 -19.26 6.37 14.17
N PRO B 219 -18.74 6.78 15.34
CA PRO B 219 -18.90 8.16 15.79
C PRO B 219 -18.34 9.20 14.84
N ARG B 220 -17.36 8.83 14.01
CA ARG B 220 -16.79 9.77 13.02
C ARG B 220 -17.25 9.41 11.59
N LEU B 221 -17.53 8.15 11.30
CA LEU B 221 -18.03 7.78 9.95
C LEU B 221 -19.42 8.41 9.73
N GLY B 222 -20.18 8.56 10.81
CA GLY B 222 -21.58 9.04 10.73
C GLY B 222 -21.68 10.56 10.68
N GLU B 223 -20.58 11.31 10.75
CA GLU B 223 -20.56 12.78 10.70
C GLU B 223 -20.90 13.19 9.29
N LEU B 224 -21.87 14.10 9.16
CA LEU B 224 -22.35 14.62 7.85
C LEU B 224 -21.98 16.09 7.71
N ALA B 225 -21.58 16.48 6.51
CA ALA B 225 -21.17 17.87 6.18
C ALA B 225 -22.37 18.77 5.87
N ILE B 226 -23.56 18.23 5.69
CA ILE B 226 -24.72 18.99 5.15
C ILE B 226 -24.97 20.22 6.02
N GLY B 227 -25.18 21.37 5.38
CA GLY B 227 -25.36 22.65 6.08
C GLY B 227 -24.14 23.54 6.00
N GLY B 228 -22.95 22.96 5.67
CA GLY B 228 -21.70 23.73 5.60
C GLY B 228 -21.58 24.53 4.31
N THR B 229 -22.42 24.22 3.31
CA THR B 229 -22.46 24.86 1.96
C THR B 229 -21.05 24.92 1.35
N ALA B 230 -20.68 25.99 0.64
CA ALA B 230 -19.55 25.87 -0.32
C ALA B 230 -18.24 25.64 0.43
N VAL B 231 -18.02 26.31 1.56
CA VAL B 231 -16.65 26.31 2.17
C VAL B 231 -16.65 25.83 3.61
N GLY B 232 -17.82 25.49 4.17
CA GLY B 232 -17.95 25.04 5.57
C GLY B 232 -18.61 26.08 6.44
N THR B 233 -18.77 27.31 5.97
CA THR B 233 -19.30 28.44 6.80
C THR B 233 -20.82 28.44 6.91
N GLY B 234 -21.54 27.73 6.05
CA GLY B 234 -23.01 27.66 6.05
C GLY B 234 -23.59 28.91 5.41
N LEU B 235 -22.76 29.76 4.77
CA LEU B 235 -23.29 30.88 3.95
C LEU B 235 -24.36 30.35 3.00
N ASN B 236 -25.51 31.02 2.96
CA ASN B 236 -26.64 30.76 2.02
C ASN B 236 -27.42 29.50 2.46
N ALA B 237 -27.25 29.00 3.68
CA ALA B 237 -28.15 27.98 4.24
C ALA B 237 -28.70 28.54 5.53
N PRO B 238 -29.85 28.04 6.00
CA PRO B 238 -30.25 28.27 7.40
C PRO B 238 -29.19 27.80 8.39
N ASP B 239 -29.02 28.52 9.51
CA ASP B 239 -27.99 28.24 10.53
C ASP B 239 -28.16 26.81 11.08
N ASP B 240 -29.39 26.31 11.14
CA ASP B 240 -29.65 24.96 11.71
C ASP B 240 -30.04 23.99 10.59
N PHE B 241 -29.66 24.24 9.34
CA PHE B 241 -30.03 23.31 8.26
C PHE B 241 -29.47 21.88 8.51
N GLY B 242 -28.22 21.80 8.91
CA GLY B 242 -27.55 20.53 9.20
C GLY B 242 -28.28 19.74 10.26
N VAL B 243 -28.49 20.31 11.44
CA VAL B 243 -29.17 19.51 12.50
C VAL B 243 -30.58 19.13 12.05
N ARG B 244 -31.29 19.98 11.29
CA ARG B 244 -32.67 19.63 10.86
C ARG B 244 -32.64 18.50 9.83
N VAL B 245 -31.72 18.55 8.87
CA VAL B 245 -31.66 17.48 7.87
C VAL B 245 -31.23 16.15 8.53
N VAL B 246 -30.23 16.19 9.39
CA VAL B 246 -29.78 14.97 10.12
C VAL B 246 -30.98 14.41 10.90
N ALA B 247 -31.76 15.24 11.59
CA ALA B 247 -32.90 14.73 12.37
C ALA B 247 -33.86 13.92 11.50
N VAL B 248 -34.16 14.41 10.28
CA VAL B 248 -35.07 13.77 9.33
C VAL B 248 -34.44 12.46 8.86
N LEU B 249 -33.16 12.51 8.47
CA LEU B 249 -32.50 11.27 8.00
C LEU B 249 -32.48 10.19 9.08
N VAL B 250 -32.18 10.56 10.31
CA VAL B 250 -32.12 9.56 11.40
C VAL B 250 -33.52 8.98 11.60
N ALA B 251 -34.54 9.84 11.64
CA ALA B 251 -35.94 9.38 11.85
C ALA B 251 -36.39 8.44 10.73
N GLN B 252 -36.06 8.73 9.47
CA GLN B 252 -36.58 7.95 8.33
C GLN B 252 -35.77 6.66 8.13
N THR B 253 -34.47 6.67 8.41
CA THR B 253 -33.58 5.51 8.09
C THR B 253 -33.40 4.60 9.30
N GLY B 254 -33.58 5.12 10.52
CA GLY B 254 -33.20 4.41 11.73
C GLY B 254 -31.69 4.33 11.94
N LEU B 255 -30.87 5.07 11.17
CA LEU B 255 -29.38 5.06 11.33
C LEU B 255 -29.03 6.03 12.44
N SER B 256 -29.04 5.54 13.67
N SER B 256 -29.05 5.56 13.69
CA SER B 256 -28.79 6.34 14.90
CA SER B 256 -28.77 6.38 14.91
C SER B 256 -27.37 6.91 14.93
C SER B 256 -27.35 6.97 14.89
N GLU B 257 -26.43 6.41 14.10
CA GLU B 257 -25.03 6.86 14.13
C GLU B 257 -24.85 8.18 13.34
N LEU B 258 -25.83 8.59 12.53
CA LEU B 258 -25.68 9.85 11.77
C LEU B 258 -25.78 11.07 12.70
N ARG B 259 -24.93 12.05 12.48
CA ARG B 259 -24.89 13.28 13.28
C ARG B 259 -24.28 14.38 12.43
N THR B 260 -24.56 15.63 12.79
N THR B 260 -24.58 15.62 12.75
CA THR B 260 -23.87 16.81 12.22
CA THR B 260 -23.84 16.75 12.15
C THR B 260 -22.39 16.77 12.62
C THR B 260 -22.36 16.62 12.54
N ALA B 261 -21.50 17.13 11.69
CA ALA B 261 -20.05 17.18 11.94
C ALA B 261 -19.75 18.00 13.19
N ALA B 262 -18.77 17.56 13.97
CA ALA B 262 -18.22 18.29 15.12
C ALA B 262 -17.65 19.63 14.64
N ASN B 263 -17.01 19.64 13.46
CA ASN B 263 -16.40 20.87 12.91
C ASN B 263 -16.73 20.88 11.41
N SER B 264 -17.45 21.92 10.95
N SER B 264 -17.44 21.92 10.99
CA SER B 264 -17.96 21.99 9.56
CA SER B 264 -17.93 22.06 9.59
C SER B 264 -16.82 22.17 8.55
C SER B 264 -16.77 22.05 8.62
N PHE B 265 -15.66 22.69 8.98
CA PHE B 265 -14.49 22.84 8.08
C PHE B 265 -13.84 21.46 7.91
N GLU B 266 -13.59 20.76 9.01
CA GLU B 266 -12.97 19.40 8.97
C GLU B 266 -13.84 18.48 8.11
N ALA B 267 -15.15 18.66 8.10
CA ALA B 267 -16.10 17.74 7.43
C ALA B 267 -16.06 17.97 5.93
N GLN B 268 -15.50 19.08 5.45
CA GLN B 268 -15.40 19.33 3.97
C GLN B 268 -13.96 19.33 3.47
N ALA B 269 -13.03 19.86 4.25
CA ALA B 269 -11.59 19.91 3.93
C ALA B 269 -11.00 18.49 3.92
N ALA B 270 -11.63 17.55 4.65
CA ALA B 270 -11.09 16.19 4.81
C ALA B 270 -12.18 15.15 4.72
N ARG B 271 -11.76 13.91 4.45
CA ARG B 271 -12.62 12.71 4.46
C ARG B 271 -11.97 11.70 5.39
N ASP B 272 -11.47 12.17 6.51
CA ASP B 272 -10.67 11.34 7.46
C ASP B 272 -11.54 10.24 8.05
N GLY B 273 -12.87 10.44 8.20
CA GLY B 273 -13.77 9.36 8.66
C GLY B 273 -13.76 8.18 7.70
N LEU B 274 -13.63 8.42 6.40
CA LEU B 274 -13.58 7.28 5.42
C LEU B 274 -12.23 6.57 5.52
N VAL B 275 -11.17 7.31 5.77
CA VAL B 275 -9.83 6.69 5.94
C VAL B 275 -9.83 5.83 7.20
N GLU B 276 -10.40 6.34 8.28
CA GLU B 276 -10.51 5.62 9.56
C GLU B 276 -11.29 4.32 9.34
N ALA B 277 -12.44 4.44 8.69
CA ALA B 277 -13.33 3.29 8.49
C ALA B 277 -12.65 2.25 7.61
N SER B 278 -11.95 2.68 6.58
CA SER B 278 -11.22 1.76 5.69
C SER B 278 -10.21 0.99 6.53
N GLY B 279 -9.54 1.62 7.48
CA GLY B 279 -8.59 0.88 8.37
C GLY B 279 -9.27 -0.29 9.08
N ALA B 280 -10.51 -0.10 9.58
CA ALA B 280 -11.26 -1.19 10.22
C ALA B 280 -11.52 -2.28 9.20
N LEU B 281 -11.89 -1.93 7.96
CA LEU B 281 -12.22 -2.96 6.96
C LEU B 281 -10.93 -3.69 6.60
N ARG B 282 -9.83 -2.97 6.51
CA ARG B 282 -8.51 -3.55 6.17
C ARG B 282 -8.08 -4.53 7.27
N THR B 283 -8.35 -4.22 8.54
CA THR B 283 -8.06 -5.14 9.66
C THR B 283 -8.91 -6.38 9.57
N ILE B 284 -10.17 -6.23 9.20
CA ILE B 284 -11.07 -7.38 8.98
C ILE B 284 -10.52 -8.24 7.83
N ALA B 285 -10.05 -7.63 6.78
CA ALA B 285 -9.47 -8.36 5.63
C ALA B 285 -8.22 -9.14 6.09
N VAL B 286 -7.39 -8.55 6.97
CA VAL B 286 -6.21 -9.24 7.53
C VAL B 286 -6.70 -10.45 8.35
N SER B 287 -7.69 -10.28 9.24
CA SER B 287 -8.25 -11.41 10.02
C SER B 287 -8.78 -12.53 9.11
N LEU B 288 -9.60 -12.19 8.13
CA LEU B 288 -10.22 -13.17 7.21
C LEU B 288 -9.16 -13.88 6.41
N THR B 289 -8.06 -13.19 6.08
CA THR B 289 -6.99 -13.87 5.33
C THR B 289 -6.45 -15.04 6.21
N LYS B 290 -6.15 -14.76 7.48
CA LYS B 290 -5.58 -15.77 8.41
C LYS B 290 -6.60 -16.91 8.54
N ILE B 291 -7.86 -16.57 8.77
CA ILE B 291 -8.91 -17.60 8.96
C ILE B 291 -9.01 -18.45 7.68
N ALA B 292 -9.17 -17.83 6.55
CA ALA B 292 -9.40 -18.56 5.29
C ALA B 292 -8.15 -19.38 4.95
N ASN B 293 -6.96 -18.83 5.16
N ASN B 293 -6.97 -18.84 5.19
CA ASN B 293 -5.73 -19.61 4.86
CA ASN B 293 -5.74 -19.58 4.83
C ASN B 293 -5.68 -20.85 5.76
C ASN B 293 -5.61 -20.81 5.76
N ASP B 294 -5.94 -20.68 7.05
CA ASP B 294 -5.84 -21.83 7.96
C ASP B 294 -6.83 -22.90 7.51
N ILE B 295 -8.04 -22.48 7.12
CA ILE B 295 -9.12 -23.43 6.76
C ILE B 295 -8.74 -24.18 5.49
N ARG B 296 -8.21 -23.50 4.47
CA ARG B 296 -7.82 -24.25 3.28
C ARG B 296 -6.63 -25.15 3.57
N TRP B 297 -5.68 -24.72 4.40
CA TRP B 297 -4.59 -25.67 4.79
C TRP B 297 -5.18 -26.87 5.54
N MET B 298 -6.12 -26.65 6.45
N MET B 298 -6.09 -26.62 6.49
CA MET B 298 -6.65 -27.80 7.23
CA MET B 298 -6.74 -27.71 7.25
C MET B 298 -7.48 -28.73 6.31
C MET B 298 -7.38 -28.70 6.26
N GLY B 299 -8.03 -28.20 5.22
CA GLY B 299 -8.75 -29.02 4.23
C GLY B 299 -7.86 -29.63 3.19
N SER B 300 -6.57 -29.33 3.19
CA SER B 300 -5.66 -29.70 2.09
C SER B 300 -5.51 -31.22 1.96
N GLY B 301 -5.31 -31.62 0.71
CA GLY B 301 -4.97 -32.98 0.30
C GLY B 301 -6.05 -33.56 -0.62
N PRO B 302 -6.76 -34.63 -0.20
CA PRO B 302 -6.63 -35.22 1.15
C PRO B 302 -5.38 -36.07 1.40
N LEU B 303 -4.79 -36.62 0.34
CA LEU B 303 -3.75 -37.65 0.54
C LEU B 303 -2.38 -36.98 0.73
N THR B 304 -2.12 -35.79 0.16
CA THR B 304 -0.78 -35.18 0.20
C THR B 304 -0.77 -33.92 1.05
N GLY B 305 -1.86 -33.66 1.75
CA GLY B 305 -1.99 -32.44 2.57
C GLY B 305 -2.12 -32.76 4.05
N LEU B 306 -2.75 -31.87 4.79
CA LEU B 306 -2.90 -31.99 6.25
C LEU B 306 -4.16 -32.78 6.58
N ALA B 307 -5.21 -32.71 5.75
CA ALA B 307 -6.45 -33.53 5.89
C ALA B 307 -7.00 -33.50 7.33
N GLU B 308 -7.06 -32.33 7.92
CA GLU B 308 -7.63 -32.13 9.28
C GLU B 308 -9.16 -32.02 9.23
N ILE B 309 -9.70 -31.39 8.21
CA ILE B 309 -11.15 -31.11 8.06
C ILE B 309 -11.50 -31.36 6.61
N GLN B 310 -12.81 -31.45 6.38
N GLN B 310 -12.80 -31.57 6.35
CA GLN B 310 -13.44 -31.59 5.06
CA GLN B 310 -13.38 -31.61 4.99
C GLN B 310 -14.34 -30.38 4.80
C GLN B 310 -14.30 -30.39 4.81
N LEU B 311 -14.04 -29.63 3.74
CA LEU B 311 -14.92 -28.51 3.31
C LEU B 311 -16.07 -29.06 2.50
N PRO B 312 -17.28 -28.50 2.60
CA PRO B 312 -18.38 -28.82 1.68
C PRO B 312 -17.97 -28.60 0.22
N ASP B 313 -18.32 -29.55 -0.61
CA ASP B 313 -18.07 -29.50 -2.07
C ASP B 313 -19.04 -28.49 -2.66
N LEU B 314 -18.57 -27.58 -3.51
CA LEU B 314 -19.45 -26.54 -4.09
C LEU B 314 -19.51 -26.63 -5.62
N GLN B 315 -18.47 -27.15 -6.25
CA GLN B 315 -18.42 -27.23 -7.74
C GLN B 315 -17.30 -28.13 -8.18
N PRO B 316 -17.36 -28.72 -9.38
CA PRO B 316 -16.23 -29.52 -9.87
C PRO B 316 -14.93 -28.71 -9.92
N GLY B 317 -13.80 -29.32 -9.54
CA GLY B 317 -12.51 -28.59 -9.49
C GLY B 317 -11.73 -28.61 -10.80
N SER B 318 -11.88 -29.66 -11.63
CA SER B 318 -10.92 -29.96 -12.73
C SER B 318 -11.49 -31.00 -13.70
N SER B 319 -11.23 -30.85 -14.99
CA SER B 319 -11.57 -31.87 -16.04
C SER B 319 -10.43 -32.89 -16.19
N ILE B 320 -9.18 -32.46 -16.01
CA ILE B 320 -8.01 -33.39 -16.06
C ILE B 320 -8.07 -34.34 -14.85
N MET B 321 -8.52 -33.85 -13.70
CA MET B 321 -8.60 -34.64 -12.45
C MET B 321 -10.05 -34.64 -11.96
N PRO B 322 -10.92 -35.48 -12.57
CA PRO B 322 -12.37 -35.37 -12.35
C PRO B 322 -12.84 -35.45 -10.89
N GLY B 323 -12.16 -36.14 -10.00
CA GLY B 323 -12.64 -36.21 -8.59
C GLY B 323 -12.30 -35.00 -7.74
N LYS B 324 -11.48 -34.09 -8.26
CA LYS B 324 -10.75 -33.09 -7.43
C LYS B 324 -11.69 -31.91 -7.11
N VAL B 325 -11.87 -31.61 -5.82
CA VAL B 325 -12.69 -30.44 -5.40
C VAL B 325 -11.78 -29.46 -4.65
N ASN B 326 -11.92 -28.18 -4.95
CA ASN B 326 -10.99 -27.13 -4.46
C ASN B 326 -11.67 -26.25 -3.42
N PRO B 327 -10.87 -25.65 -2.49
CA PRO B 327 -11.42 -24.75 -1.46
C PRO B 327 -11.79 -23.37 -2.03
N VAL B 328 -12.86 -23.36 -2.81
CA VAL B 328 -13.23 -22.17 -3.60
C VAL B 328 -13.72 -21.05 -2.71
N LEU B 329 -14.37 -21.30 -1.59
CA LEU B 329 -14.81 -20.19 -0.75
C LEU B 329 -13.60 -19.55 -0.06
N PRO B 330 -12.66 -20.27 0.57
CA PRO B 330 -11.44 -19.62 1.06
C PRO B 330 -10.75 -18.80 -0.02
N GLU B 331 -10.74 -19.27 -1.27
CA GLU B 331 -10.10 -18.48 -2.37
C GLU B 331 -10.89 -17.20 -2.64
N ALA B 332 -12.22 -17.25 -2.64
CA ALA B 332 -13.01 -15.99 -2.81
C ALA B 332 -12.67 -15.03 -1.65
N VAL B 333 -12.60 -15.55 -0.44
CA VAL B 333 -12.39 -14.71 0.76
C VAL B 333 -11.00 -14.05 0.67
N THR B 334 -9.94 -14.80 0.33
CA THR B 334 -8.56 -14.24 0.31
C THR B 334 -8.43 -13.21 -0.84
N GLN B 335 -9.12 -13.43 -1.95
CA GLN B 335 -9.14 -12.49 -3.10
C GLN B 335 -9.89 -11.21 -2.75
N VAL B 336 -11.02 -11.34 -2.05
CA VAL B 336 -11.72 -10.16 -1.51
C VAL B 336 -10.79 -9.40 -0.55
N ALA B 337 -10.13 -10.08 0.35
CA ALA B 337 -9.26 -9.40 1.34
C ALA B 337 -8.19 -8.59 0.56
N ALA B 338 -7.60 -9.16 -0.49
CA ALA B 338 -6.57 -8.46 -1.27
C ALA B 338 -7.19 -7.18 -1.85
N GLN B 339 -8.43 -7.27 -2.37
CA GLN B 339 -9.12 -6.10 -2.96
C GLN B 339 -9.34 -5.04 -1.88
N VAL B 340 -9.72 -5.44 -0.68
CA VAL B 340 -9.95 -4.48 0.42
C VAL B 340 -8.64 -3.76 0.75
N ILE B 341 -7.54 -4.48 0.74
N ILE B 341 -7.51 -4.49 0.80
CA ILE B 341 -6.21 -3.87 1.07
CA ILE B 341 -6.16 -3.90 1.05
C ILE B 341 -5.86 -2.86 -0.03
C ILE B 341 -5.91 -2.84 -0.02
N GLY B 342 -6.10 -3.20 -1.31
CA GLY B 342 -5.86 -2.26 -2.44
C GLY B 342 -6.71 -1.03 -2.29
N ASN B 343 -8.00 -1.25 -2.10
CA ASN B 343 -9.01 -0.18 -1.95
C ASN B 343 -8.60 0.75 -0.80
N ASP B 344 -8.13 0.16 0.30
CA ASP B 344 -7.69 0.91 1.48
C ASP B 344 -6.54 1.87 1.12
N ALA B 345 -5.60 1.41 0.27
CA ALA B 345 -4.48 2.27 -0.14
C ALA B 345 -5.00 3.43 -0.99
N ALA B 346 -5.96 3.21 -1.90
CA ALA B 346 -6.55 4.26 -2.75
C ALA B 346 -7.28 5.29 -1.88
N ILE B 347 -7.95 4.82 -0.84
CA ILE B 347 -8.72 5.74 0.03
C ILE B 347 -7.74 6.65 0.81
N ALA B 348 -6.70 6.11 1.41
CA ALA B 348 -5.73 6.90 2.20
C ALA B 348 -5.10 7.95 1.27
N TRP B 349 -4.76 7.56 0.04
CA TRP B 349 -4.16 8.44 -0.97
C TRP B 349 -5.05 9.64 -1.24
N GLY B 350 -6.34 9.39 -1.46
CA GLY B 350 -7.25 10.51 -1.70
C GLY B 350 -7.47 11.29 -0.45
N GLY B 351 -7.47 10.61 0.69
CA GLY B 351 -7.77 11.31 1.95
C GLY B 351 -6.70 12.36 2.28
N ALA B 352 -5.44 12.07 1.99
CA ALA B 352 -4.29 12.93 2.40
C ALA B 352 -4.22 14.19 1.56
N ASN B 353 -4.85 14.18 0.38
CA ASN B 353 -4.52 15.14 -0.70
C ASN B 353 -5.60 16.19 -0.86
N GLY B 354 -6.38 16.47 0.18
CA GLY B 354 -7.26 17.65 0.16
C GLY B 354 -6.47 18.94 0.09
N ALA B 355 -7.14 20.04 -0.17
CA ALA B 355 -6.49 21.36 -0.12
C ALA B 355 -7.48 22.39 0.42
N PHE B 356 -7.05 23.15 1.41
CA PHE B 356 -7.83 24.29 1.93
C PHE B 356 -9.24 23.76 2.23
N GLU B 357 -10.27 24.36 1.65
CA GLU B 357 -11.64 24.13 2.13
C GLU B 357 -12.23 22.84 1.58
N LEU B 358 -11.60 22.11 0.66
CA LEU B 358 -12.32 20.95 0.09
C LEU B 358 -11.33 19.83 -0.23
N ASN B 359 -11.67 18.61 0.17
CA ASN B 359 -11.02 17.40 -0.37
C ASN B 359 -11.74 17.04 -1.66
N VAL B 360 -10.99 16.98 -2.76
CA VAL B 360 -11.57 16.69 -4.09
C VAL B 360 -11.21 15.28 -4.59
N TYR B 361 -11.29 14.28 -3.73
CA TYR B 361 -11.13 12.84 -4.10
C TYR B 361 -12.39 12.07 -3.72
N ILE B 362 -13.51 12.74 -3.48
CA ILE B 362 -14.67 12.09 -2.86
C ILE B 362 -15.20 10.96 -3.73
N PRO B 363 -15.45 11.13 -5.05
CA PRO B 363 -16.04 10.03 -5.79
C PRO B 363 -15.15 8.78 -5.75
N MET B 364 -13.83 8.97 -5.87
CA MET B 364 -12.93 7.81 -5.86
C MET B 364 -12.91 7.16 -4.47
N MET B 365 -12.88 7.97 -3.42
CA MET B 365 -12.85 7.41 -2.06
C MET B 365 -14.20 6.67 -1.79
N ALA B 366 -15.33 7.24 -2.23
CA ALA B 366 -16.68 6.64 -2.05
C ALA B 366 -16.73 5.30 -2.78
N ARG B 367 -16.20 5.24 -4.00
CA ARG B 367 -16.29 3.98 -4.74
C ARG B 367 -15.57 2.90 -3.94
N ASN B 368 -14.36 3.20 -3.47
CA ASN B 368 -13.46 2.23 -2.82
C ASN B 368 -14.06 1.80 -1.48
N ILE B 369 -14.49 2.73 -0.64
N ILE B 369 -14.51 2.72 -0.66
CA ILE B 369 -15.00 2.37 0.70
CA ILE B 369 -14.99 2.31 0.68
C ILE B 369 -16.30 1.55 0.54
C ILE B 369 -16.30 1.53 0.53
N LEU B 370 -17.22 1.96 -0.32
CA LEU B 370 -18.51 1.24 -0.47
C LEU B 370 -18.27 -0.13 -1.07
N GLU B 371 -17.32 -0.24 -2.00
CA GLU B 371 -17.01 -1.57 -2.54
C GLU B 371 -16.46 -2.48 -1.43
N SER B 372 -15.52 -2.01 -0.62
CA SER B 372 -14.92 -2.82 0.48
C SER B 372 -16.08 -3.30 1.38
N PHE B 373 -16.96 -2.41 1.78
CA PHE B 373 -18.14 -2.82 2.58
C PHE B 373 -18.93 -3.95 1.92
N LYS B 374 -19.25 -3.80 0.64
N LYS B 374 -19.24 -3.81 0.64
CA LYS B 374 -20.08 -4.75 -0.14
CA LYS B 374 -20.09 -4.77 -0.09
C LYS B 374 -19.37 -6.11 -0.23
C LYS B 374 -19.37 -6.13 -0.21
N LEU B 375 -18.09 -6.10 -0.62
CA LEU B 375 -17.34 -7.37 -0.82
C LEU B 375 -17.26 -8.11 0.51
N LEU B 376 -16.92 -7.42 1.60
CA LEU B 376 -16.79 -8.11 2.92
C LEU B 376 -18.15 -8.64 3.40
N THR B 377 -19.22 -7.86 3.24
CA THR B 377 -20.57 -8.29 3.61
C THR B 377 -20.92 -9.56 2.88
N ASN B 378 -20.79 -9.55 1.56
CA ASN B 378 -21.32 -10.68 0.75
C ASN B 378 -20.43 -11.90 0.95
N VAL B 379 -19.11 -11.72 1.02
CA VAL B 379 -18.21 -12.90 1.13
C VAL B 379 -18.30 -13.49 2.54
N SER B 380 -18.49 -12.65 3.56
N SER B 380 -18.50 -12.67 3.58
CA SER B 380 -18.64 -13.14 4.95
CA SER B 380 -18.60 -13.20 4.95
C SER B 380 -19.85 -14.08 5.04
C SER B 380 -19.88 -14.05 5.12
N ARG B 381 -21.01 -13.68 4.48
CA ARG B 381 -22.25 -14.47 4.53
C ARG B 381 -22.03 -15.77 3.77
N LEU B 382 -21.44 -15.73 2.59
CA LEU B 382 -21.19 -16.94 1.81
C LEU B 382 -20.21 -17.85 2.53
N PHE B 383 -19.18 -17.28 3.15
CA PHE B 383 -18.18 -18.10 3.88
C PHE B 383 -18.88 -18.82 5.04
N ALA B 384 -19.75 -18.12 5.75
CA ALA B 384 -20.46 -18.69 6.92
C ALA B 384 -21.37 -19.84 6.45
N GLN B 385 -22.13 -19.61 5.37
CA GLN B 385 -23.22 -20.52 4.97
C GLN B 385 -22.71 -21.66 4.11
N ARG B 386 -21.78 -21.41 3.20
CA ARG B 386 -21.42 -22.37 2.15
C ARG B 386 -20.12 -23.10 2.52
N CYS B 387 -19.45 -22.68 3.58
CA CYS B 387 -18.15 -23.29 3.99
C CYS B 387 -18.18 -23.62 5.49
N ILE B 388 -18.20 -22.64 6.40
CA ILE B 388 -17.99 -22.93 7.84
C ILE B 388 -19.08 -23.88 8.34
N ALA B 389 -20.37 -23.58 8.06
CA ALA B 389 -21.49 -24.34 8.64
C ALA B 389 -21.34 -25.83 8.35
N GLY B 390 -20.85 -26.20 7.17
CA GLY B 390 -20.78 -27.62 6.76
C GLY B 390 -19.45 -28.28 6.99
N LEU B 391 -18.44 -27.61 7.58
CA LEU B 391 -17.14 -28.28 7.84
C LEU B 391 -17.34 -29.55 8.71
N THR B 392 -16.57 -30.58 8.42
CA THR B 392 -16.47 -31.78 9.29
C THR B 392 -15.01 -32.05 9.65
N ALA B 393 -14.78 -32.50 10.86
CA ALA B 393 -13.43 -32.72 11.42
C ALA B 393 -13.05 -34.18 11.24
N ASN B 394 -11.78 -34.43 10.91
N ASN B 394 -11.77 -34.43 10.91
CA ASN B 394 -11.21 -35.80 10.83
CA ASN B 394 -11.16 -35.78 10.84
C ASN B 394 -10.68 -36.15 12.22
C ASN B 394 -10.67 -36.12 12.24
N VAL B 395 -11.61 -36.45 13.13
CA VAL B 395 -11.34 -36.48 14.59
C VAL B 395 -10.27 -37.52 14.91
N GLU B 396 -10.36 -38.70 14.31
N GLU B 396 -10.35 -38.72 14.35
CA GLU B 396 -9.47 -39.85 14.63
CA GLU B 396 -9.40 -39.82 14.74
C GLU B 396 -8.05 -39.56 14.10
C GLU B 396 -8.02 -39.58 14.11
N HIS B 397 -7.95 -38.95 12.92
CA HIS B 397 -6.66 -38.51 12.36
C HIS B 397 -5.97 -37.56 13.35
N LEU B 398 -6.71 -36.56 13.81
CA LEU B 398 -6.10 -35.49 14.62
C LEU B 398 -5.64 -36.07 15.96
N ARG B 399 -6.45 -36.95 16.58
CA ARG B 399 -6.11 -37.58 17.87
C ARG B 399 -4.91 -38.51 17.70
N ARG B 400 -4.85 -39.24 16.59
CA ARG B 400 -3.71 -40.16 16.35
C ARG B 400 -2.39 -39.36 16.37
N LEU B 401 -2.33 -38.23 15.66
CA LEU B 401 -1.09 -37.44 15.59
C LEU B 401 -0.76 -36.88 16.98
N ALA B 402 -1.75 -36.37 17.70
CA ALA B 402 -1.49 -35.79 19.03
C ALA B 402 -0.90 -36.89 19.92
N GLU B 403 -1.44 -38.11 19.84
CA GLU B 403 -1.02 -39.21 20.75
C GLU B 403 0.37 -39.74 20.36
N SER B 404 0.86 -39.43 19.16
CA SER B 404 2.16 -39.90 18.64
C SER B 404 3.22 -38.79 18.67
N SER B 405 2.89 -37.65 19.27
CA SER B 405 3.73 -36.44 19.17
C SER B 405 4.83 -36.49 20.24
N PRO B 406 6.10 -36.32 19.85
CA PRO B 406 7.17 -36.04 20.81
C PRO B 406 6.88 -34.92 21.81
N SER B 407 6.07 -33.92 21.42
CA SER B 407 5.74 -32.75 22.28
C SER B 407 5.04 -33.19 23.56
N ILE B 408 4.41 -34.37 23.61
CA ILE B 408 3.55 -34.72 24.78
C ILE B 408 4.31 -35.52 25.84
N VAL B 409 5.64 -35.66 25.71
CA VAL B 409 6.44 -36.45 26.69
C VAL B 409 6.70 -35.61 27.95
N THR B 410 6.55 -34.29 27.86
CA THR B 410 6.92 -33.35 28.96
C THR B 410 6.28 -33.79 30.27
N PRO B 411 4.96 -34.12 30.30
CA PRO B 411 4.31 -34.55 31.53
C PRO B 411 4.82 -35.87 32.14
N LEU B 412 5.71 -36.60 31.45
CA LEU B 412 6.36 -37.83 32.00
C LEU B 412 7.61 -37.38 32.79
N ASN B 413 8.09 -36.15 32.61
CA ASN B 413 9.38 -35.70 33.22
C ASN B 413 9.42 -36.12 34.69
N SER B 414 8.42 -35.74 35.47
CA SER B 414 8.41 -35.91 36.94
C SER B 414 8.32 -37.39 37.34
N ALA B 415 8.11 -38.33 36.40
CA ALA B 415 8.05 -39.79 36.72
C ALA B 415 9.35 -40.48 36.32
N ILE B 416 9.88 -40.19 35.12
CA ILE B 416 10.99 -40.95 34.49
C ILE B 416 12.18 -40.03 34.18
N GLY B 417 12.01 -38.72 34.36
CA GLY B 417 13.05 -37.73 34.04
C GLY B 417 13.10 -37.38 32.57
N TYR B 418 13.61 -36.20 32.28
CA TYR B 418 13.55 -35.54 30.94
C TYR B 418 14.42 -36.33 29.96
N GLU B 419 15.49 -37.01 30.39
CA GLU B 419 16.35 -37.80 29.47
C GLU B 419 15.64 -39.08 29.00
N GLU B 420 14.95 -39.80 29.90
CA GLU B 420 14.16 -40.99 29.47
C GLU B 420 12.97 -40.51 28.62
N ALA B 421 12.40 -39.34 28.94
CA ALA B 421 11.24 -38.79 28.20
C ALA B 421 11.66 -38.49 26.74
N ALA B 422 12.82 -37.84 26.55
CA ALA B 422 13.41 -37.56 25.22
C ALA B 422 13.68 -38.89 24.48
N ALA B 423 14.18 -39.92 25.15
CA ALA B 423 14.43 -41.22 24.49
C ALA B 423 13.10 -41.84 24.02
N VAL B 424 12.04 -41.72 24.82
CA VAL B 424 10.67 -42.18 24.45
C VAL B 424 10.28 -41.42 23.17
N ALA B 425 10.47 -40.10 23.15
CA ALA B 425 10.12 -39.24 21.98
C ALA B 425 10.87 -39.74 20.74
N LYS B 426 12.17 -39.95 20.85
CA LYS B 426 13.04 -40.37 19.73
C LYS B 426 12.54 -41.69 19.15
N GLN B 427 12.29 -42.66 20.04
CA GLN B 427 11.91 -44.03 19.65
C GLN B 427 10.51 -43.94 19.01
N ALA B 428 9.58 -43.19 19.62
CA ALA B 428 8.19 -43.11 19.08
C ALA B 428 8.25 -42.61 17.63
N LEU B 429 8.98 -41.52 17.41
CA LEU B 429 9.07 -40.77 16.13
C LEU B 429 9.73 -41.66 15.09
N LYS B 430 10.76 -42.41 15.49
CA LYS B 430 11.56 -43.35 14.64
C LYS B 430 10.71 -44.56 14.24
N GLU B 431 10.00 -45.16 15.20
CA GLU B 431 9.22 -46.41 14.98
C GLU B 431 7.74 -46.09 14.67
N ARG B 432 7.39 -44.83 14.41
CA ARG B 432 5.99 -44.43 14.10
C ARG B 432 5.02 -45.03 15.13
N LYS B 433 5.30 -44.89 16.43
CA LYS B 433 4.45 -45.45 17.52
C LYS B 433 3.83 -44.30 18.34
N THR B 434 2.77 -44.60 19.08
CA THR B 434 2.21 -43.66 20.08
C THR B 434 3.24 -43.55 21.20
N ILE B 435 3.24 -42.44 21.91
CA ILE B 435 4.10 -42.24 23.11
C ILE B 435 3.74 -43.30 24.16
N ARG B 436 2.44 -43.50 24.40
CA ARG B 436 1.91 -44.46 25.38
C ARG B 436 2.56 -45.84 25.13
N GLN B 437 2.48 -46.33 23.90
CA GLN B 437 2.99 -47.66 23.49
C GLN B 437 4.51 -47.68 23.64
N THR B 438 5.19 -46.62 23.22
CA THR B 438 6.67 -46.54 23.31
C THR B 438 7.08 -46.65 24.79
N VAL B 439 6.37 -45.94 25.68
CA VAL B 439 6.67 -45.98 27.14
C VAL B 439 6.62 -47.45 27.57
N ILE B 440 5.66 -48.22 27.06
CA ILE B 440 5.44 -49.67 27.38
C ILE B 440 6.59 -50.47 26.78
N ASP B 441 6.84 -50.35 25.47
CA ASP B 441 7.86 -51.13 24.71
C ASP B 441 9.28 -50.90 25.27
N ARG B 442 9.45 -49.98 26.22
CA ARG B 442 10.72 -49.74 26.93
C ARG B 442 10.61 -50.17 28.41
N GLY B 443 9.57 -50.93 28.77
CA GLY B 443 9.34 -51.47 30.13
C GLY B 443 9.55 -50.41 31.22
N LEU B 444 8.82 -49.29 31.17
CA LEU B 444 8.92 -48.23 32.20
C LEU B 444 7.73 -48.30 33.16
N ILE B 445 6.74 -49.17 32.90
CA ILE B 445 5.63 -49.41 33.87
C ILE B 445 6.24 -50.30 34.96
N GLY B 446 5.98 -49.95 36.22
CA GLY B 446 6.66 -50.48 37.42
C GLY B 446 6.29 -49.65 38.64
N ASP B 447 7.26 -49.35 39.50
CA ASP B 447 7.04 -48.69 40.82
C ASP B 447 6.81 -47.19 40.62
N ARG B 448 7.54 -46.56 39.69
CA ARG B 448 7.52 -45.09 39.48
C ARG B 448 6.26 -44.65 38.72
N LEU B 449 5.51 -45.58 38.12
CA LEU B 449 4.51 -45.25 37.05
C LEU B 449 3.64 -46.46 36.72
N SER B 450 2.39 -46.46 37.18
CA SER B 450 1.33 -47.44 36.79
C SER B 450 0.83 -47.13 35.37
N ILE B 451 0.04 -48.05 34.81
CA ILE B 451 -0.55 -47.96 33.45
C ILE B 451 -1.67 -46.91 33.48
N GLU B 452 -2.34 -46.74 34.62
CA GLU B 452 -3.40 -45.73 34.79
C GLU B 452 -2.73 -44.35 34.90
N ASP B 453 -1.56 -44.30 35.53
CA ASP B 453 -0.75 -43.07 35.80
C ASP B 453 -0.15 -42.54 34.48
N LEU B 454 0.21 -43.45 33.58
CA LEU B 454 0.70 -43.16 32.21
C LEU B 454 -0.46 -42.51 31.46
N ASP B 455 -1.66 -43.08 31.59
CA ASP B 455 -2.89 -42.64 30.87
C ASP B 455 -3.30 -41.27 31.41
N ARG B 456 -3.10 -41.00 32.71
CA ARG B 456 -3.36 -39.65 33.27
C ARG B 456 -2.37 -38.65 32.68
N ARG B 457 -1.07 -38.96 32.67
CA ARG B 457 -0.01 -38.01 32.26
C ARG B 457 -0.12 -37.74 30.75
N LEU B 458 -0.49 -38.75 29.98
CA LEU B 458 -0.48 -38.64 28.50
C LEU B 458 -1.91 -38.33 28.00
N ASP B 459 -2.78 -37.79 28.85
CA ASP B 459 -4.16 -37.39 28.43
C ASP B 459 -4.02 -36.14 27.56
N VAL B 460 -4.08 -36.27 26.25
CA VAL B 460 -3.78 -35.12 25.35
C VAL B 460 -4.87 -34.05 25.48
N LEU B 461 -6.13 -34.42 25.67
CA LEU B 461 -7.19 -33.42 25.86
C LEU B 461 -6.91 -32.58 27.11
N ALA B 462 -6.48 -33.18 28.22
CA ALA B 462 -6.12 -32.42 29.43
C ALA B 462 -4.92 -31.50 29.17
N MET B 463 -4.00 -31.93 28.30
N MET B 463 -4.00 -31.94 28.30
CA MET B 463 -2.82 -31.09 27.97
CA MET B 463 -2.82 -31.14 27.92
C MET B 463 -3.26 -29.87 27.14
C MET B 463 -3.27 -29.87 27.16
N ALA B 464 -4.36 -29.95 26.40
CA ALA B 464 -4.91 -28.79 25.65
C ALA B 464 -5.51 -27.79 26.63
N LYS B 465 -5.77 -28.22 27.86
CA LYS B 465 -6.31 -27.40 28.98
C LYS B 465 -7.64 -26.78 28.54
N ALA B 466 -8.53 -27.56 27.94
CA ALA B 466 -9.81 -27.03 27.41
C ALA B 466 -10.67 -26.55 28.61
N GLU B 467 -11.42 -25.44 28.50
CA GLU B 467 -12.25 -24.93 29.63
C GLU B 467 -13.26 -26.00 30.08
N TYR C 10 -36.61 -22.39 -16.75
CA TYR C 10 -35.38 -23.15 -16.38
C TYR C 10 -35.31 -24.46 -17.17
N ARG C 11 -34.11 -24.95 -17.51
CA ARG C 11 -33.85 -26.34 -17.97
C ARG C 11 -32.85 -27.05 -17.05
N ILE C 12 -32.66 -28.36 -17.23
CA ILE C 12 -31.78 -29.22 -16.40
C ILE C 12 -30.49 -29.45 -17.17
N GLU C 13 -29.33 -29.24 -16.54
CA GLU C 13 -28.00 -29.54 -17.11
C GLU C 13 -27.30 -30.43 -16.07
N HIS C 14 -26.19 -31.05 -16.44
CA HIS C 14 -25.50 -32.00 -15.53
C HIS C 14 -23.99 -31.74 -15.60
N ASP C 15 -23.32 -32.00 -14.49
CA ASP C 15 -21.84 -32.07 -14.41
C ASP C 15 -21.52 -33.26 -13.49
N THR C 16 -20.23 -33.47 -13.21
CA THR C 16 -19.73 -34.61 -12.39
C THR C 16 -20.34 -34.60 -10.97
N MET C 17 -20.88 -33.47 -10.48
N MET C 17 -20.87 -33.46 -10.49
CA MET C 17 -21.52 -33.35 -9.14
CA MET C 17 -21.51 -33.33 -9.16
C MET C 17 -23.04 -33.43 -9.26
C MET C 17 -23.02 -33.58 -9.26
N GLY C 18 -23.58 -33.62 -10.47
CA GLY C 18 -25.02 -33.93 -10.67
C GLY C 18 -25.77 -32.85 -11.44
N GLU C 19 -27.04 -32.64 -11.08
CA GLU C 19 -28.05 -31.87 -11.85
C GLU C 19 -28.16 -30.45 -11.33
N VAL C 20 -28.33 -29.49 -12.24
CA VAL C 20 -28.40 -28.03 -11.92
C VAL C 20 -29.49 -27.43 -12.79
N ARG C 21 -30.36 -26.63 -12.19
CA ARG C 21 -31.35 -25.78 -12.89
C ARG C 21 -30.62 -24.57 -13.47
N VAL C 22 -30.80 -24.34 -14.77
CA VAL C 22 -30.17 -23.23 -15.53
C VAL C 22 -31.28 -22.45 -16.19
N PRO C 23 -31.25 -21.09 -16.25
CA PRO C 23 -32.24 -20.32 -17.02
C PRO C 23 -32.47 -20.91 -18.41
N ALA C 24 -33.73 -21.13 -18.77
CA ALA C 24 -34.12 -21.79 -20.03
C ALA C 24 -33.33 -21.21 -21.21
N LYS C 25 -33.19 -19.89 -21.32
CA LYS C 25 -32.60 -19.19 -22.50
C LYS C 25 -31.06 -19.10 -22.42
N ALA C 26 -30.44 -19.21 -21.24
CA ALA C 26 -28.97 -19.03 -21.04
C ALA C 26 -28.15 -20.00 -21.92
N LEU C 27 -27.04 -19.51 -22.48
CA LEU C 27 -26.11 -20.33 -23.32
C LEU C 27 -25.08 -21.01 -22.42
N TRP C 28 -24.99 -20.66 -21.13
CA TRP C 28 -24.07 -21.36 -20.20
C TRP C 28 -24.78 -22.62 -19.69
N ARG C 29 -24.10 -23.48 -18.94
CA ARG C 29 -24.65 -24.80 -18.51
C ARG C 29 -24.34 -24.97 -17.02
N ALA C 30 -24.21 -26.21 -16.57
CA ALA C 30 -24.22 -26.57 -15.14
C ALA C 30 -23.08 -25.86 -14.38
N GLN C 31 -21.84 -25.87 -14.88
CA GLN C 31 -20.72 -25.41 -14.02
C GLN C 31 -20.80 -23.90 -13.88
N THR C 32 -21.19 -23.20 -14.93
CA THR C 32 -21.35 -21.74 -14.87
C THR C 32 -22.43 -21.44 -13.84
N GLN C 33 -23.57 -22.15 -13.90
CA GLN C 33 -24.69 -21.85 -12.98
C GLN C 33 -24.28 -22.11 -11.53
N ARG C 34 -23.50 -23.16 -11.26
CA ARG C 34 -23.02 -23.41 -9.87
C ARG C 34 -22.19 -22.20 -9.41
N ALA C 35 -21.39 -21.63 -10.33
CA ALA C 35 -20.51 -20.47 -9.99
C ALA C 35 -21.36 -19.23 -9.75
N VAL C 36 -22.46 -19.06 -10.47
CA VAL C 36 -23.38 -17.91 -10.25
C VAL C 36 -23.88 -17.95 -8.81
N GLU C 37 -24.19 -19.14 -8.29
CA GLU C 37 -24.75 -19.28 -6.92
C GLU C 37 -23.65 -19.23 -5.84
N ASN C 38 -22.45 -19.72 -6.17
CA ASN C 38 -21.32 -19.82 -5.21
C ASN C 38 -20.71 -18.44 -4.95
N PHE C 39 -20.72 -17.52 -5.93
CA PHE C 39 -19.88 -16.30 -5.81
C PHE C 39 -20.66 -15.01 -6.04
N PRO C 40 -21.88 -14.81 -5.50
CA PRO C 40 -22.54 -13.49 -5.63
C PRO C 40 -21.90 -12.46 -4.68
N ILE C 41 -20.79 -11.88 -5.10
CA ILE C 41 -19.92 -11.09 -4.18
C ILE C 41 -19.87 -9.64 -4.61
N SER C 42 -19.40 -9.34 -5.82
CA SER C 42 -19.17 -7.96 -6.32
C SER C 42 -20.31 -7.55 -7.24
N GLY C 43 -20.95 -8.51 -7.91
CA GLY C 43 -22.00 -8.22 -8.90
C GLY C 43 -21.36 -7.80 -10.21
N ARG C 44 -20.05 -7.93 -10.36
CA ARG C 44 -19.36 -7.59 -11.63
C ARG C 44 -18.62 -8.84 -12.11
N GLY C 45 -18.65 -9.04 -13.41
CA GLY C 45 -17.95 -10.15 -14.07
C GLY C 45 -16.83 -9.67 -14.94
N LEU C 46 -16.41 -10.55 -15.81
CA LEU C 46 -15.30 -10.30 -16.72
C LEU C 46 -15.62 -9.09 -17.60
N GLU C 47 -14.60 -8.32 -17.90
CA GLU C 47 -14.72 -7.16 -18.83
C GLU C 47 -14.68 -7.67 -20.27
N ARG C 48 -15.08 -6.79 -21.20
CA ARG C 48 -15.02 -7.05 -22.65
C ARG C 48 -13.65 -7.61 -23.04
N THR C 49 -12.56 -6.96 -22.62
N THR C 49 -12.54 -6.97 -22.65
CA THR C 49 -11.18 -7.31 -23.02
CA THR C 49 -11.19 -7.37 -23.10
C THR C 49 -10.87 -8.75 -22.59
C THR C 49 -10.89 -8.80 -22.62
N GLN C 50 -11.38 -9.17 -21.43
CA GLN C 50 -11.12 -10.52 -20.87
C GLN C 50 -11.89 -11.57 -21.65
N ILE C 51 -13.13 -11.27 -22.06
CA ILE C 51 -14.03 -12.22 -22.79
C ILE C 51 -13.44 -12.34 -24.19
N ARG C 52 -12.96 -11.23 -24.71
CA ARG C 52 -12.30 -11.21 -26.06
C ARG C 52 -11.13 -12.17 -26.02
N ALA C 53 -10.27 -12.07 -25.00
CA ALA C 53 -9.05 -12.91 -24.91
C ALA C 53 -9.43 -14.39 -24.76
N LEU C 54 -10.43 -14.70 -23.95
CA LEU C 54 -10.87 -16.11 -23.79
C LEU C 54 -11.36 -16.65 -25.15
N GLY C 55 -12.12 -15.87 -25.90
CA GLY C 55 -12.58 -16.27 -27.26
C GLY C 55 -11.42 -16.49 -28.20
N LEU C 56 -10.47 -15.54 -28.27
CA LEU C 56 -9.25 -15.69 -29.11
C LEU C 56 -8.56 -17.00 -28.73
N LEU C 57 -8.35 -17.24 -27.45
CA LEU C 57 -7.57 -18.42 -27.02
C LEU C 57 -8.29 -19.72 -27.38
N LYS C 58 -9.59 -19.77 -27.17
CA LYS C 58 -10.37 -21.01 -27.45
C LYS C 58 -10.29 -21.35 -28.94
N GLY C 59 -10.38 -20.32 -29.78
CA GLY C 59 -10.23 -20.49 -31.24
C GLY C 59 -8.86 -20.96 -31.58
N ALA C 60 -7.80 -20.34 -31.05
CA ALA C 60 -6.44 -20.78 -31.35
C ALA C 60 -6.22 -22.23 -30.90
N CYS C 61 -6.70 -22.63 -29.71
CA CYS C 61 -6.52 -24.03 -29.24
C CYS C 61 -7.18 -25.01 -30.24
N ALA C 62 -8.40 -24.71 -30.69
CA ALA C 62 -9.16 -25.60 -31.61
C ALA C 62 -8.41 -25.67 -32.95
N GLN C 63 -7.83 -24.56 -33.42
CA GLN C 63 -7.02 -24.56 -34.67
C GLN C 63 -5.87 -25.55 -34.50
N VAL C 64 -5.16 -25.49 -33.39
CA VAL C 64 -3.92 -26.28 -33.21
C VAL C 64 -4.34 -27.74 -33.01
N ASN C 65 -5.44 -28.00 -32.31
CA ASN C 65 -5.89 -29.39 -32.07
C ASN C 65 -6.30 -30.03 -33.40
N SER C 66 -6.88 -29.21 -34.28
CA SER C 66 -7.29 -29.65 -35.63
C SER C 66 -6.04 -29.89 -36.47
N ASP C 67 -5.06 -28.99 -36.45
CA ASP C 67 -3.80 -29.11 -37.22
C ASP C 67 -3.06 -30.39 -36.79
N LEU C 68 -3.15 -30.78 -35.51
CA LEU C 68 -2.41 -31.97 -35.01
C LEU C 68 -3.22 -33.24 -35.19
N GLY C 69 -4.40 -33.17 -35.79
CA GLY C 69 -5.26 -34.35 -36.03
C GLY C 69 -5.85 -34.89 -34.74
N LEU C 70 -5.97 -34.09 -33.68
CA LEU C 70 -6.51 -34.58 -32.39
C LEU C 70 -8.00 -34.27 -32.32
N LEU C 71 -8.48 -33.30 -33.09
CA LEU C 71 -9.88 -32.83 -33.04
C LEU C 71 -10.42 -32.82 -34.46
N ALA C 72 -11.63 -33.33 -34.65
CA ALA C 72 -12.27 -33.47 -35.97
C ALA C 72 -12.45 -32.07 -36.55
N PRO C 73 -12.11 -31.88 -37.84
CA PRO C 73 -12.20 -30.58 -38.50
C PRO C 73 -13.57 -29.88 -38.39
N GLU C 74 -14.65 -30.65 -38.44
CA GLU C 74 -16.04 -30.12 -38.31
C GLU C 74 -16.24 -29.57 -36.88
N LYS C 75 -15.61 -30.18 -35.88
CA LYS C 75 -15.73 -29.74 -34.47
C LYS C 75 -14.89 -28.49 -34.28
N ALA C 76 -13.65 -28.51 -34.79
CA ALA C 76 -12.72 -27.37 -34.78
C ALA C 76 -13.37 -26.16 -35.45
N ASP C 77 -13.94 -26.32 -36.64
CA ASP C 77 -14.63 -25.21 -37.35
C ASP C 77 -15.73 -24.61 -36.46
N ALA C 78 -16.58 -25.44 -35.85
CA ALA C 78 -17.70 -25.00 -34.99
C ALA C 78 -17.17 -24.21 -33.77
N ILE C 79 -16.12 -24.71 -33.15
CA ILE C 79 -15.48 -24.01 -31.99
C ILE C 79 -14.96 -22.68 -32.49
N ILE C 80 -14.19 -22.68 -33.58
CA ILE C 80 -13.55 -21.43 -34.09
C ILE C 80 -14.66 -20.41 -34.40
N ALA C 81 -15.75 -20.81 -35.06
CA ALA C 81 -16.84 -19.87 -35.37
C ALA C 81 -17.48 -19.32 -34.08
N ALA C 82 -17.76 -20.18 -33.10
CA ALA C 82 -18.42 -19.77 -31.83
C ALA C 82 -17.48 -18.80 -31.09
N ALA C 83 -16.19 -19.12 -31.08
CA ALA C 83 -15.15 -18.39 -30.34
C ALA C 83 -15.03 -17.01 -30.98
N ALA C 84 -15.17 -16.92 -32.32
CA ALA C 84 -15.16 -15.63 -33.04
C ALA C 84 -16.31 -14.74 -32.57
N GLU C 85 -17.52 -15.29 -32.41
CA GLU C 85 -18.72 -14.54 -31.94
C GLU C 85 -18.49 -14.03 -30.53
N ILE C 86 -17.90 -14.88 -29.69
CA ILE C 86 -17.55 -14.49 -28.29
C ILE C 86 -16.52 -13.36 -28.31
N ALA C 87 -15.46 -13.47 -29.11
CA ALA C 87 -14.37 -12.47 -29.19
C ALA C 87 -14.92 -11.13 -29.66
N ASP C 88 -15.89 -11.19 -30.55
CA ASP C 88 -16.52 -10.01 -31.19
C ASP C 88 -17.47 -9.30 -30.22
N GLY C 89 -17.87 -9.91 -29.08
CA GLY C 89 -18.77 -9.25 -28.13
C GLY C 89 -20.25 -9.56 -28.33
N GLN C 90 -20.62 -10.61 -29.08
CA GLN C 90 -22.05 -10.95 -29.30
C GLN C 90 -22.65 -11.65 -28.09
N HIS C 91 -21.85 -12.13 -27.13
CA HIS C 91 -22.37 -13.01 -26.06
C HIS C 91 -21.91 -12.54 -24.67
N ASP C 92 -21.50 -11.28 -24.51
CA ASP C 92 -20.99 -10.76 -23.20
C ASP C 92 -22.03 -11.01 -22.10
N ASP C 93 -23.32 -11.00 -22.41
CA ASP C 93 -24.41 -11.26 -21.43
C ASP C 93 -24.44 -12.74 -21.04
N GLN C 94 -23.64 -13.61 -21.66
CA GLN C 94 -23.62 -15.05 -21.31
C GLN C 94 -22.44 -15.34 -20.38
N PHE C 95 -21.77 -14.30 -19.84
CA PHE C 95 -20.65 -14.46 -18.87
C PHE C 95 -21.03 -13.82 -17.54
N PRO C 96 -21.88 -14.51 -16.75
CA PRO C 96 -22.47 -13.95 -15.53
C PRO C 96 -21.63 -14.16 -14.25
N ILE C 97 -20.49 -14.83 -14.35
CA ILE C 97 -19.70 -15.22 -13.15
C ILE C 97 -18.97 -13.99 -12.58
N ASP C 98 -19.07 -13.85 -11.25
CA ASP C 98 -18.27 -12.85 -10.50
C ASP C 98 -16.75 -12.94 -10.77
N VAL C 99 -16.10 -11.78 -10.73
CA VAL C 99 -14.63 -11.69 -10.59
C VAL C 99 -14.18 -12.54 -9.41
N PHE C 100 -14.84 -12.45 -8.27
CA PHE C 100 -14.35 -13.11 -7.06
C PHE C 100 -14.81 -14.57 -7.07
N GLN C 101 -14.24 -15.36 -7.97
CA GLN C 101 -14.54 -16.81 -8.16
C GLN C 101 -13.35 -17.64 -7.73
N THR C 102 -13.37 -18.93 -8.01
N THR C 102 -13.35 -18.93 -8.07
CA THR C 102 -12.17 -19.78 -7.78
CA THR C 102 -12.16 -19.74 -7.75
C THR C 102 -10.94 -19.06 -8.32
C THR C 102 -10.96 -18.93 -8.25
N GLY C 103 -9.81 -19.15 -7.63
CA GLY C 103 -8.63 -18.31 -7.89
C GLY C 103 -7.85 -18.71 -9.11
N SER C 104 -8.21 -19.84 -9.73
CA SER C 104 -7.56 -20.29 -11.00
C SER C 104 -8.30 -19.71 -12.20
N GLY C 105 -9.49 -19.16 -12.00
CA GLY C 105 -10.40 -18.81 -13.10
C GLY C 105 -11.07 -20.03 -13.73
N THR C 106 -11.06 -21.20 -13.09
CA THR C 106 -11.78 -22.41 -13.58
C THR C 106 -13.21 -22.08 -14.03
N SER C 107 -13.93 -21.34 -13.21
CA SER C 107 -15.34 -21.03 -13.49
C SER C 107 -15.49 -20.28 -14.84
N SER C 108 -14.72 -19.23 -15.09
CA SER C 108 -14.81 -18.44 -16.35
C SER C 108 -14.28 -19.27 -17.52
N ASN C 109 -13.31 -20.16 -17.28
CA ASN C 109 -12.85 -21.08 -18.34
C ASN C 109 -14.03 -21.98 -18.75
N MET C 110 -14.73 -22.58 -17.81
CA MET C 110 -15.87 -23.49 -18.09
C MET C 110 -17.00 -22.65 -18.73
N ASN C 111 -17.16 -21.39 -18.33
CA ASN C 111 -18.20 -20.49 -18.86
C ASN C 111 -17.98 -20.39 -20.38
N THR C 112 -16.73 -20.22 -20.78
CA THR C 112 -16.35 -20.07 -22.21
C THR C 112 -16.65 -21.39 -22.93
N ASN C 113 -16.25 -22.51 -22.34
CA ASN C 113 -16.41 -23.86 -22.92
C ASN C 113 -17.90 -24.15 -23.14
N GLU C 114 -18.72 -23.90 -22.13
CA GLU C 114 -20.16 -24.19 -22.16
C GLU C 114 -20.84 -23.28 -23.17
N VAL C 115 -20.56 -21.98 -23.14
CA VAL C 115 -21.15 -21.04 -24.13
C VAL C 115 -20.75 -21.48 -25.55
N ILE C 116 -19.50 -21.84 -25.80
CA ILE C 116 -19.11 -22.34 -27.16
C ILE C 116 -19.94 -23.59 -27.50
N ALA C 117 -20.15 -24.51 -26.58
CA ALA C 117 -20.88 -25.77 -26.85
C ALA C 117 -22.32 -25.44 -27.25
N SER C 118 -22.97 -24.56 -26.51
CA SER C 118 -24.37 -24.12 -26.74
C SER C 118 -24.50 -23.41 -28.08
N ILE C 119 -23.58 -22.54 -28.42
CA ILE C 119 -23.59 -21.89 -29.76
C ILE C 119 -23.44 -22.95 -30.84
N ALA C 120 -22.49 -23.86 -30.70
CA ALA C 120 -22.21 -24.89 -31.74
C ALA C 120 -23.49 -25.72 -31.94
N ALA C 121 -24.23 -26.01 -30.86
CA ALA C 121 -25.46 -26.83 -30.90
C ALA C 121 -26.54 -26.13 -31.73
N LYS C 122 -26.67 -24.80 -31.65
CA LYS C 122 -27.64 -24.00 -32.46
C LYS C 122 -27.35 -24.29 -33.94
N GLY C 123 -26.07 -24.45 -34.28
CA GLY C 123 -25.60 -24.69 -35.66
C GLY C 123 -25.58 -26.17 -36.01
N GLY C 124 -26.08 -27.02 -35.11
CA GLY C 124 -26.27 -28.48 -35.30
C GLY C 124 -25.00 -29.30 -35.12
N VAL C 125 -23.99 -28.80 -34.39
CA VAL C 125 -22.74 -29.58 -34.12
C VAL C 125 -22.69 -29.88 -32.62
N THR C 126 -22.57 -31.15 -32.22
CA THR C 126 -22.42 -31.58 -30.81
C THR C 126 -20.95 -31.51 -30.40
N LEU C 127 -20.62 -30.62 -29.46
CA LEU C 127 -19.28 -30.45 -28.82
C LEU C 127 -19.42 -30.73 -27.33
N HIS C 128 -18.50 -31.46 -26.74
CA HIS C 128 -18.41 -31.60 -25.28
C HIS C 128 -17.60 -30.40 -24.76
N PRO C 129 -18.12 -29.65 -23.77
CA PRO C 129 -17.40 -28.48 -23.25
C PRO C 129 -15.97 -28.85 -22.79
N ASN C 130 -15.79 -29.97 -22.08
N ASN C 130 -15.85 -29.93 -22.00
CA ASN C 130 -14.47 -30.40 -21.54
CA ASN C 130 -14.52 -30.43 -21.57
C ASN C 130 -13.67 -31.21 -22.58
C ASN C 130 -13.79 -31.06 -22.78
N ASP C 131 -14.27 -32.21 -23.25
CA ASP C 131 -13.49 -33.14 -24.12
C ASP C 131 -13.09 -32.45 -25.43
N ASP C 132 -13.95 -31.55 -25.95
CA ASP C 132 -13.67 -30.87 -27.25
C ASP C 132 -13.20 -29.43 -27.04
N VAL C 133 -13.95 -28.59 -26.36
CA VAL C 133 -13.59 -27.13 -26.31
C VAL C 133 -12.38 -26.95 -25.40
N ASN C 134 -12.22 -27.80 -24.38
CA ASN C 134 -11.08 -27.74 -23.41
C ASN C 134 -10.01 -28.78 -23.76
N MET C 135 -10.04 -29.37 -24.97
CA MET C 135 -9.00 -30.34 -25.39
C MET C 135 -7.58 -29.75 -25.27
N SER C 136 -6.66 -30.51 -24.69
CA SER C 136 -5.22 -30.19 -24.52
C SER C 136 -5.01 -29.05 -23.52
N GLN C 137 -6.05 -28.67 -22.77
CA GLN C 137 -6.02 -27.47 -21.89
C GLN C 137 -6.36 -27.80 -20.43
N SER C 138 -5.93 -26.92 -19.53
CA SER C 138 -6.36 -26.82 -18.11
C SER C 138 -6.89 -25.39 -17.90
N SER C 139 -7.66 -25.14 -16.83
CA SER C 139 -7.85 -23.74 -16.37
C SER C 139 -6.51 -23.10 -16.01
N ASN C 140 -5.63 -23.91 -15.44
CA ASN C 140 -4.43 -23.39 -14.77
C ASN C 140 -3.54 -22.71 -15.81
N ASP C 141 -3.63 -23.12 -17.08
CA ASP C 141 -2.81 -22.53 -18.15
C ASP C 141 -3.67 -21.61 -19.03
N THR C 142 -4.96 -21.86 -19.21
CA THR C 142 -5.83 -21.04 -20.08
C THR C 142 -6.16 -19.69 -19.42
N PHE C 143 -6.58 -19.67 -18.19
CA PHE C 143 -7.03 -18.37 -17.61
C PHE C 143 -5.86 -17.40 -17.46
N PRO C 144 -4.66 -17.80 -16.97
CA PRO C 144 -3.57 -16.83 -16.96
C PRO C 144 -3.12 -16.48 -18.40
N THR C 145 -3.24 -17.41 -19.35
CA THR C 145 -2.90 -17.06 -20.75
C THR C 145 -3.83 -15.95 -21.28
N ALA C 146 -5.14 -16.08 -21.06
CA ALA C 146 -6.14 -15.10 -21.48
C ALA C 146 -5.86 -13.77 -20.75
N THR C 147 -5.43 -13.84 -19.50
CA THR C 147 -5.15 -12.61 -18.72
C THR C 147 -3.92 -11.86 -19.28
N HIS C 148 -2.86 -12.59 -19.63
CA HIS C 148 -1.61 -12.01 -20.18
C HIS C 148 -1.85 -11.55 -21.64
N ILE C 149 -2.73 -12.18 -22.39
CA ILE C 149 -3.10 -11.70 -23.77
C ILE C 149 -3.80 -10.34 -23.63
N ALA C 150 -4.75 -10.24 -22.70
CA ALA C 150 -5.51 -9.01 -22.50
C ALA C 150 -4.58 -7.92 -22.01
N ALA C 151 -3.67 -8.22 -21.07
CA ALA C 151 -2.78 -7.19 -20.48
C ALA C 151 -1.78 -6.70 -21.53
N THR C 152 -1.24 -7.61 -22.33
CA THR C 152 -0.24 -7.27 -23.36
C THR C 152 -0.88 -6.40 -24.45
N GLU C 153 -2.08 -6.78 -24.90
N GLU C 153 -2.10 -6.73 -24.85
CA GLU C 153 -2.89 -5.97 -25.83
CA GLU C 153 -2.86 -5.93 -25.85
C GLU C 153 -3.10 -4.58 -25.21
C GLU C 153 -3.29 -4.59 -25.26
N ALA C 154 -3.59 -4.53 -23.97
CA ALA C 154 -3.88 -3.23 -23.34
C ALA C 154 -2.59 -2.37 -23.34
N ALA C 155 -1.44 -2.95 -23.06
CA ALA C 155 -0.17 -2.20 -22.99
C ALA C 155 0.20 -1.67 -24.38
N VAL C 156 0.17 -2.55 -25.37
CA VAL C 156 0.78 -2.26 -26.69
C VAL C 156 -0.18 -1.45 -27.55
N ALA C 157 -1.44 -1.86 -27.64
CA ALA C 157 -2.43 -1.27 -28.55
C ALA C 157 -3.15 -0.07 -27.96
N HIS C 158 -3.22 0.05 -26.64
CA HIS C 158 -4.08 1.06 -25.98
C HIS C 158 -3.24 2.05 -25.17
N LEU C 159 -2.51 1.57 -24.15
CA LEU C 159 -1.84 2.50 -23.22
C LEU C 159 -0.68 3.20 -23.90
N ILE C 160 0.19 2.50 -24.62
CA ILE C 160 1.40 3.15 -25.17
C ILE C 160 0.95 4.27 -26.14
N PRO C 161 0.03 4.03 -27.09
CA PRO C 161 -0.48 5.11 -27.94
C PRO C 161 -1.16 6.27 -27.21
N ALA C 162 -1.87 6.01 -26.11
CA ALA C 162 -2.49 7.08 -25.30
C ALA C 162 -1.38 7.91 -24.65
N LEU C 163 -0.39 7.25 -24.08
CA LEU C 163 0.74 7.98 -23.47
C LEU C 163 1.49 8.75 -24.56
N GLN C 164 1.63 8.17 -25.76
CA GLN C 164 2.34 8.94 -26.80
C GLN C 164 1.55 10.22 -27.13
N GLN C 165 0.22 10.15 -27.21
CA GLN C 165 -0.60 11.35 -27.47
C GLN C 165 -0.38 12.38 -26.35
N LEU C 166 -0.39 11.96 -25.09
CA LEU C 166 -0.15 12.93 -23.98
C LEU C 166 1.28 13.48 -24.06
N HIS C 167 2.26 12.64 -24.34
CA HIS C 167 3.66 13.11 -24.48
C HIS C 167 3.67 14.22 -25.56
N ASP C 168 3.04 13.94 -26.69
CA ASP C 168 3.10 14.87 -27.85
C ASP C 168 2.40 16.19 -27.49
N ALA C 169 1.32 16.18 -26.70
CA ALA C 169 0.63 17.44 -26.30
C ALA C 169 1.55 18.21 -25.35
N LEU C 170 2.19 17.53 -24.39
CA LEU C 170 3.09 18.19 -23.42
C LEU C 170 4.32 18.75 -24.16
N ALA C 171 4.88 18.01 -25.11
CA ALA C 171 6.06 18.42 -25.89
C ALA C 171 5.69 19.64 -26.77
N ALA C 172 4.47 19.70 -27.32
CA ALA C 172 3.96 20.82 -28.15
C ALA C 172 3.97 22.08 -27.28
N LYS C 173 3.53 21.97 -26.03
N LYS C 173 3.53 21.98 -26.03
CA LYS C 173 3.56 23.10 -25.07
CA LYS C 173 3.53 23.14 -25.10
C LYS C 173 4.98 23.52 -24.75
C LYS C 173 4.97 23.52 -24.71
N ALA C 174 5.87 22.56 -24.53
CA ALA C 174 7.29 22.81 -24.24
C ALA C 174 7.82 23.73 -25.34
N LEU C 175 7.46 23.47 -26.60
CA LEU C 175 7.96 24.31 -27.73
C LEU C 175 7.21 25.64 -27.77
N ASP C 176 5.89 25.60 -27.73
CA ASP C 176 5.08 26.85 -27.82
C ASP C 176 5.49 27.80 -26.72
N TRP C 177 5.87 27.28 -25.55
CA TRP C 177 6.13 28.10 -24.35
C TRP C 177 7.64 28.21 -24.08
N HIS C 178 8.48 27.97 -25.08
CA HIS C 178 9.94 27.92 -24.89
C HIS C 178 10.48 29.23 -24.27
N THR C 179 9.88 30.38 -24.55
CA THR C 179 10.40 31.69 -24.06
C THR C 179 9.46 32.32 -23.05
N VAL C 180 8.50 31.57 -22.53
CA VAL C 180 7.53 32.09 -21.52
C VAL C 180 8.20 32.04 -20.16
N VAL C 181 8.98 33.07 -19.83
CA VAL C 181 9.77 33.08 -18.59
C VAL C 181 8.86 33.27 -17.38
N LYS C 182 9.28 32.67 -16.29
CA LYS C 182 8.53 32.76 -15.01
C LYS C 182 9.47 32.46 -13.85
N SER C 183 8.99 32.73 -12.65
N SER C 183 8.99 32.69 -12.64
CA SER C 183 9.65 32.32 -11.39
CA SER C 183 9.75 32.34 -11.43
C SER C 183 9.76 30.80 -11.32
C SER C 183 9.75 30.83 -11.20
N GLY C 184 10.94 30.27 -10.97
CA GLY C 184 11.05 28.89 -10.50
C GLY C 184 10.44 28.83 -9.12
N ARG C 185 10.13 27.63 -8.66
CA ARG C 185 9.59 27.44 -7.30
C ARG C 185 10.20 26.17 -6.73
N THR C 186 10.88 26.29 -5.60
CA THR C 186 11.46 25.16 -4.88
C THR C 186 11.00 25.21 -3.44
N HIS C 187 10.49 24.09 -2.91
CA HIS C 187 9.94 24.12 -1.54
C HIS C 187 8.70 25.00 -1.53
N LEU C 188 8.08 25.25 -2.69
CA LEU C 188 6.93 26.19 -2.90
C LEU C 188 7.39 27.64 -2.82
N MET C 189 8.67 27.89 -2.62
CA MET C 189 9.23 29.26 -2.47
C MET C 189 9.83 29.75 -3.78
N ASP C 190 9.78 31.08 -3.97
CA ASP C 190 10.28 31.72 -5.22
C ASP C 190 11.76 31.38 -5.37
N ALA C 191 12.13 31.01 -6.58
CA ALA C 191 13.50 30.64 -6.95
C ALA C 191 13.86 31.32 -8.27
N VAL C 192 15.04 31.01 -8.75
CA VAL C 192 15.53 31.63 -10.01
C VAL C 192 14.63 31.22 -11.17
N PRO C 193 14.69 31.98 -12.28
CA PRO C 193 13.76 31.79 -13.39
C PRO C 193 13.88 30.45 -14.14
N VAL C 194 12.74 30.04 -14.64
CA VAL C 194 12.61 28.92 -15.60
C VAL C 194 11.66 29.41 -16.68
N THR C 195 11.39 28.60 -17.66
CA THR C 195 10.28 28.89 -18.59
C THR C 195 9.18 27.84 -18.39
N LEU C 196 7.96 28.21 -18.72
CA LEU C 196 6.87 27.20 -18.74
C LEU C 196 7.29 26.09 -19.70
N GLY C 197 7.97 26.41 -20.78
CA GLY C 197 8.43 25.41 -21.75
C GLY C 197 9.32 24.38 -21.12
N GLN C 198 10.22 24.81 -20.28
CA GLN C 198 11.18 23.92 -19.63
C GLN C 198 10.38 23.02 -18.68
N GLU C 199 9.44 23.60 -17.91
CA GLU C 199 8.63 22.78 -16.98
C GLU C 199 7.92 21.69 -17.77
N PHE C 200 7.31 22.04 -18.91
CA PHE C 200 6.55 21.10 -19.78
C PHE C 200 7.47 20.05 -20.42
N SER C 201 8.74 20.42 -20.73
N SER C 201 8.75 20.36 -20.68
CA SER C 201 9.77 19.47 -21.22
CA SER C 201 9.72 19.36 -21.21
C SER C 201 9.93 18.38 -20.13
C SER C 201 10.07 18.35 -20.10
N GLY C 202 10.01 18.78 -18.85
CA GLY C 202 10.12 17.83 -17.74
C GLY C 202 8.89 16.92 -17.70
N TYR C 203 7.67 17.46 -17.79
CA TYR C 203 6.44 16.62 -17.80
C TYR C 203 6.52 15.66 -18.98
N ALA C 204 6.91 16.15 -20.17
CA ALA C 204 7.03 15.30 -21.36
C ALA C 204 8.01 14.16 -21.09
N ARG C 205 9.15 14.44 -20.49
CA ARG C 205 10.12 13.39 -20.19
C ARG C 205 9.47 12.36 -19.26
N GLN C 206 8.71 12.79 -18.25
CA GLN C 206 8.09 11.83 -17.32
C GLN C 206 7.22 10.84 -18.11
N ILE C 207 6.46 11.30 -19.10
CA ILE C 207 5.57 10.44 -19.89
C ILE C 207 6.38 9.56 -20.85
N GLU C 208 7.40 10.11 -21.49
CA GLU C 208 8.30 9.29 -22.36
C GLU C 208 8.96 8.17 -21.53
N ALA C 209 9.41 8.48 -20.33
CA ALA C 209 10.02 7.48 -19.42
C ALA C 209 8.93 6.46 -19.05
N GLY C 210 7.69 6.90 -18.84
CA GLY C 210 6.55 5.97 -18.62
C GLY C 210 6.39 4.96 -19.74
N ILE C 211 6.45 5.45 -20.98
CA ILE C 211 6.42 4.55 -22.18
C ILE C 211 7.60 3.58 -22.11
N GLU C 212 8.81 4.04 -21.76
CA GLU C 212 10.03 3.20 -21.65
C GLU C 212 9.79 2.15 -20.54
N ARG C 213 9.13 2.53 -19.43
CA ARG C 213 8.81 1.58 -18.34
C ARG C 213 7.86 0.49 -18.83
N VAL C 214 6.84 0.82 -19.59
CA VAL C 214 5.87 -0.17 -20.09
C VAL C 214 6.59 -1.08 -21.08
N ARG C 215 7.39 -0.50 -21.97
N ARG C 215 7.39 -0.50 -21.97
CA ARG C 215 8.10 -1.33 -22.99
CA ARG C 215 8.10 -1.33 -22.89
CA ARG C 215 8.09 -1.33 -22.98
C ARG C 215 9.07 -2.30 -22.31
C ARG C 215 9.07 -2.30 -22.30
N ALA C 216 9.69 -1.89 -21.21
CA ALA C 216 10.72 -2.70 -20.50
C ALA C 216 10.04 -3.90 -19.82
N CYS C 217 8.74 -3.85 -19.49
CA CYS C 217 8.07 -4.99 -18.82
C CYS C 217 7.54 -5.99 -19.86
N LEU C 218 7.48 -5.66 -21.16
CA LEU C 218 6.75 -6.52 -22.13
C LEU C 218 7.41 -7.89 -22.34
N PRO C 219 8.75 -8.06 -22.25
CA PRO C 219 9.35 -9.38 -22.40
C PRO C 219 8.76 -10.43 -21.43
N ARG C 220 8.32 -10.00 -20.25
CA ARG C 220 7.76 -10.92 -19.23
C ARG C 220 6.22 -10.80 -19.18
N LEU C 221 5.64 -9.63 -19.43
CA LEU C 221 4.16 -9.51 -19.41
C LEU C 221 3.59 -10.38 -20.53
N GLY C 222 4.31 -10.46 -21.65
CA GLY C 222 3.85 -11.20 -22.82
C GLY C 222 4.02 -12.73 -22.76
N GLU C 223 4.62 -13.27 -21.71
CA GLU C 223 4.79 -14.71 -21.50
C GLU C 223 3.43 -15.35 -21.23
N LEU C 224 3.17 -16.41 -21.96
CA LEU C 224 1.92 -17.15 -21.84
C LEU C 224 2.19 -18.54 -21.29
N ALA C 225 1.29 -19.03 -20.43
CA ALA C 225 1.39 -20.34 -19.78
C ALA C 225 0.88 -21.48 -20.67
N ILE C 226 0.19 -21.19 -21.76
CA ILE C 226 -0.57 -22.21 -22.54
C ILE C 226 0.35 -23.37 -22.90
N GLY C 227 -0.12 -24.59 -22.67
CA GLY C 227 0.69 -25.80 -22.93
C GLY C 227 1.21 -26.45 -21.66
N GLY C 228 1.19 -25.75 -20.53
CA GLY C 228 1.68 -26.27 -19.24
C GLY C 228 0.64 -27.15 -18.53
N THR C 229 -0.62 -27.08 -18.93
CA THR C 229 -1.79 -27.84 -18.42
C THR C 229 -1.86 -27.71 -16.89
N ALA C 230 -2.14 -28.79 -16.19
CA ALA C 230 -2.60 -28.69 -14.77
C ALA C 230 -1.53 -28.10 -13.85
N VAL C 231 -0.26 -28.50 -13.97
CA VAL C 231 0.82 -28.21 -12.99
C VAL C 231 2.07 -27.59 -13.61
N GLY C 232 2.11 -27.38 -14.94
CA GLY C 232 3.28 -26.88 -15.64
C GLY C 232 4.01 -27.93 -16.47
N THR C 233 3.66 -29.21 -16.30
CA THR C 233 4.40 -30.35 -16.92
C THR C 233 3.95 -30.55 -18.36
N GLY C 234 2.79 -30.07 -18.74
CA GLY C 234 2.27 -30.28 -20.09
C GLY C 234 1.57 -31.63 -20.23
N LEU C 235 1.35 -32.35 -19.15
CA LEU C 235 0.60 -33.64 -19.20
C LEU C 235 -0.75 -33.43 -19.87
N ASN C 236 -1.09 -34.33 -20.79
CA ASN C 236 -2.39 -34.32 -21.50
C ASN C 236 -2.44 -33.24 -22.58
N ALA C 237 -1.31 -32.65 -22.96
CA ALA C 237 -1.21 -31.79 -24.16
C ALA C 237 -0.08 -32.26 -25.04
N PRO C 238 -0.14 -32.01 -26.36
CA PRO C 238 1.03 -32.20 -27.22
C PRO C 238 2.25 -31.41 -26.74
N ASP C 239 3.46 -31.92 -26.98
CA ASP C 239 4.71 -31.31 -26.45
C ASP C 239 4.89 -29.90 -27.01
N ASP C 240 4.41 -29.63 -28.22
CA ASP C 240 4.57 -28.33 -28.90
C ASP C 240 3.25 -27.55 -28.86
N PHE C 241 2.31 -27.91 -27.97
CA PHE C 241 0.97 -27.28 -28.00
C PHE C 241 1.12 -25.77 -27.86
N GLY C 242 1.96 -25.37 -26.90
CA GLY C 242 2.16 -23.95 -26.53
C GLY C 242 2.79 -23.12 -27.63
N VAL C 243 3.87 -23.62 -28.24
N VAL C 243 3.89 -23.60 -28.22
CA VAL C 243 4.54 -22.91 -29.36
CA VAL C 243 4.54 -22.92 -29.38
C VAL C 243 3.53 -22.76 -30.50
C VAL C 243 3.49 -22.74 -30.47
N ARG C 244 2.74 -23.79 -30.82
CA ARG C 244 1.75 -23.69 -31.92
C ARG C 244 0.64 -22.69 -31.60
N VAL C 245 0.16 -22.64 -30.35
CA VAL C 245 -1.01 -21.79 -30.01
C VAL C 245 -0.51 -20.36 -30.05
N VAL C 246 0.66 -20.13 -29.47
CA VAL C 246 1.26 -18.78 -29.44
C VAL C 246 1.43 -18.31 -30.90
N ALA C 247 1.90 -19.15 -31.83
CA ALA C 247 2.07 -18.68 -33.23
C ALA C 247 0.72 -18.26 -33.81
N VAL C 248 -0.36 -19.01 -33.55
CA VAL C 248 -1.71 -18.66 -34.02
C VAL C 248 -2.09 -17.31 -33.39
N LEU C 249 -1.88 -17.12 -32.09
CA LEU C 249 -2.32 -15.86 -31.42
C LEU C 249 -1.54 -14.66 -31.99
N VAL C 250 -0.25 -14.81 -32.26
CA VAL C 250 0.59 -13.70 -32.79
C VAL C 250 0.04 -13.34 -34.19
N ALA C 251 -0.29 -14.36 -35.00
CA ALA C 251 -0.79 -14.17 -36.38
C ALA C 251 -2.12 -13.42 -36.30
N GLN C 252 -3.02 -13.83 -35.42
CA GLN C 252 -4.41 -13.31 -35.33
C GLN C 252 -4.44 -11.91 -34.72
N THR C 253 -3.52 -11.60 -33.81
CA THR C 253 -3.57 -10.34 -33.03
C THR C 253 -2.57 -9.31 -33.58
N GLY C 254 -1.54 -9.78 -34.27
CA GLY C 254 -0.35 -8.98 -34.64
C GLY C 254 0.47 -8.57 -33.44
N LEU C 255 0.23 -9.15 -32.25
CA LEU C 255 1.03 -8.84 -31.04
C LEU C 255 2.25 -9.75 -31.01
N SER C 256 3.38 -9.28 -31.52
CA SER C 256 4.66 -10.02 -31.54
C SER C 256 5.22 -10.16 -30.14
N GLU C 257 4.68 -9.41 -29.17
CA GLU C 257 5.11 -9.48 -27.76
C GLU C 257 4.63 -10.77 -27.10
N LEU C 258 3.59 -11.42 -27.61
CA LEU C 258 3.13 -12.71 -27.05
C LEU C 258 4.21 -13.76 -27.28
N ARG C 259 4.56 -14.50 -26.25
CA ARG C 259 5.59 -15.54 -26.38
C ARG C 259 5.31 -16.68 -25.41
N THR C 260 5.91 -17.84 -25.67
N THR C 260 5.87 -17.86 -25.67
CA THR C 260 5.93 -18.97 -24.73
CA THR C 260 5.77 -19.00 -24.73
C THR C 260 6.61 -18.52 -23.43
C THR C 260 6.65 -18.72 -23.51
N ALA C 261 6.18 -19.06 -22.31
CA ALA C 261 6.89 -18.80 -21.04
C ALA C 261 8.32 -19.35 -21.09
N ALA C 262 9.26 -18.64 -20.47
CA ALA C 262 10.65 -19.13 -20.31
C ALA C 262 10.66 -20.39 -19.46
N ASN C 263 9.85 -20.42 -18.40
CA ASN C 263 9.76 -21.60 -17.51
C ASN C 263 8.28 -21.89 -17.25
N SER C 264 7.80 -23.08 -17.56
CA SER C 264 6.37 -23.45 -17.54
C SER C 264 5.86 -23.48 -16.09
N PHE C 265 6.75 -23.71 -15.12
CA PHE C 265 6.37 -23.82 -13.68
C PHE C 265 6.19 -22.40 -13.16
N GLU C 266 7.18 -21.55 -13.42
CA GLU C 266 7.10 -20.13 -12.99
C GLU C 266 5.82 -19.50 -13.55
N ALA C 267 5.44 -19.84 -14.77
CA ALA C 267 4.30 -19.20 -15.47
C ALA C 267 2.94 -19.57 -14.86
N GLN C 268 2.87 -20.61 -14.01
CA GLN C 268 1.60 -21.05 -13.36
C GLN C 268 1.68 -20.88 -11.85
N ALA C 269 2.85 -21.11 -11.27
CA ALA C 269 3.03 -20.98 -9.80
C ALA C 269 3.02 -19.49 -9.41
N ALA C 270 3.27 -18.61 -10.37
CA ALA C 270 3.35 -17.16 -10.05
C ALA C 270 2.71 -16.33 -11.14
N ARG C 271 2.41 -15.10 -10.82
CA ARG C 271 1.89 -14.10 -11.77
C ARG C 271 2.83 -12.87 -11.67
N ASP C 272 4.13 -13.09 -11.50
CA ASP C 272 5.10 -12.00 -11.23
C ASP C 272 5.10 -10.95 -12.36
N GLY C 273 4.84 -11.38 -13.59
CA GLY C 273 4.75 -10.47 -14.73
C GLY C 273 3.63 -9.44 -14.57
N LEU C 274 2.51 -9.80 -13.94
CA LEU C 274 1.44 -8.80 -13.67
C LEU C 274 1.90 -7.86 -12.56
N VAL C 275 2.59 -8.36 -11.56
CA VAL C 275 3.13 -7.52 -10.47
C VAL C 275 4.11 -6.51 -11.09
N GLU C 276 4.99 -7.00 -11.97
CA GLU C 276 6.01 -6.14 -12.63
C GLU C 276 5.30 -5.06 -13.43
N ALA C 277 4.35 -5.44 -14.27
CA ALA C 277 3.63 -4.47 -15.12
C ALA C 277 2.90 -3.44 -14.26
N SER C 278 2.31 -3.88 -13.17
CA SER C 278 1.57 -2.95 -12.30
C SER C 278 2.53 -1.89 -11.76
N GLY C 279 3.72 -2.29 -11.42
CA GLY C 279 4.80 -1.37 -11.01
C GLY C 279 5.00 -0.25 -12.02
N ALA C 280 5.09 -0.57 -13.30
CA ALA C 280 5.21 0.44 -14.36
C ALA C 280 3.99 1.34 -14.34
N LEU C 281 2.80 0.79 -14.20
CA LEU C 281 1.52 1.58 -14.20
C LEU C 281 1.52 2.50 -12.96
N ARG C 282 2.01 1.99 -11.83
CA ARG C 282 2.04 2.76 -10.55
C ARG C 282 3.01 3.94 -10.71
N THR C 283 4.12 3.74 -11.41
CA THR C 283 5.10 4.82 -11.62
C THR C 283 4.45 5.89 -12.50
N ILE C 284 3.74 5.47 -13.57
CA ILE C 284 3.02 6.43 -14.46
C ILE C 284 2.00 7.23 -13.63
N ALA C 285 1.30 6.55 -12.73
CA ALA C 285 0.33 7.22 -11.84
C ALA C 285 1.09 8.29 -11.01
N VAL C 286 2.27 7.96 -10.47
CA VAL C 286 3.10 8.88 -9.67
C VAL C 286 3.45 10.09 -10.55
N SER C 287 3.94 9.85 -11.76
CA SER C 287 4.27 10.95 -12.70
C SER C 287 3.04 11.83 -12.97
N LEU C 288 1.91 11.22 -13.33
CA LEU C 288 0.67 11.96 -13.69
C LEU C 288 0.18 12.77 -12.50
N THR C 289 0.42 12.27 -11.29
CA THR C 289 0.00 13.01 -10.08
C THR C 289 0.79 14.32 -10.04
N LYS C 290 2.12 14.26 -10.22
CA LYS C 290 2.98 15.47 -10.22
C LYS C 290 2.48 16.42 -11.31
N ILE C 291 2.33 15.93 -12.54
CA ILE C 291 1.95 16.79 -13.71
C ILE C 291 0.61 17.45 -13.44
N ALA C 292 -0.40 16.66 -13.05
CA ALA C 292 -1.77 17.20 -12.83
C ALA C 292 -1.79 18.20 -11.68
N ASN C 293 -1.05 17.93 -10.60
N ASN C 293 -1.04 17.96 -10.61
CA ASN C 293 -1.02 18.82 -9.41
CA ASN C 293 -1.10 18.85 -9.41
C ASN C 293 -0.45 20.17 -9.84
C ASN C 293 -0.39 20.18 -9.75
N ASP C 294 0.70 20.14 -10.53
CA ASP C 294 1.34 21.39 -10.96
C ASP C 294 0.35 22.18 -11.82
N ILE C 295 -0.32 21.53 -12.78
CA ILE C 295 -1.21 22.21 -13.74
C ILE C 295 -2.38 22.82 -12.97
N ARG C 296 -3.00 22.08 -12.02
CA ARG C 296 -4.12 22.73 -11.30
C ARG C 296 -3.57 23.90 -10.44
N TRP C 297 -2.43 23.76 -9.80
CA TRP C 297 -1.86 24.90 -9.05
C TRP C 297 -1.53 26.08 -9.99
N MET C 298 -0.99 25.82 -11.18
CA MET C 298 -0.71 26.91 -12.15
C MET C 298 -2.01 27.64 -12.55
N GLY C 299 -3.11 26.92 -12.63
CA GLY C 299 -4.43 27.46 -13.00
C GLY C 299 -5.17 28.14 -11.85
N SER C 300 -4.65 28.10 -10.64
CA SER C 300 -5.36 28.54 -9.43
C SER C 300 -5.64 30.05 -9.47
N GLY C 301 -6.78 30.45 -8.92
CA GLY C 301 -7.15 31.87 -8.83
C GLY C 301 -8.62 32.01 -9.16
N PRO C 302 -9.04 33.05 -9.91
CA PRO C 302 -8.16 33.90 -10.69
C PRO C 302 -7.48 35.06 -9.94
N LEU C 303 -7.82 35.30 -8.65
CA LEU C 303 -7.24 36.42 -7.92
C LEU C 303 -6.27 35.94 -6.83
N THR C 304 -6.64 34.93 -6.03
CA THR C 304 -5.85 34.66 -4.79
C THR C 304 -4.82 33.54 -4.99
N GLY C 305 -4.76 32.96 -6.17
CA GLY C 305 -3.86 31.82 -6.43
C GLY C 305 -2.64 32.26 -7.26
N LEU C 306 -2.05 31.31 -7.95
CA LEU C 306 -0.81 31.59 -8.70
C LEU C 306 -1.16 32.28 -10.03
N ALA C 307 -2.29 31.93 -10.65
CA ALA C 307 -2.81 32.54 -11.91
C ALA C 307 -1.77 32.54 -13.02
N GLU C 308 -1.05 31.45 -13.19
CA GLU C 308 -0.01 31.30 -14.21
C GLU C 308 -0.66 30.98 -15.56
N ILE C 309 -1.66 30.10 -15.57
CA ILE C 309 -2.29 29.67 -16.82
C ILE C 309 -3.79 29.66 -16.63
N GLN C 310 -4.50 29.54 -17.73
CA GLN C 310 -5.95 29.25 -17.75
C GLN C 310 -6.21 27.88 -18.37
N LEU C 311 -6.94 27.06 -17.67
CA LEU C 311 -7.39 25.75 -18.21
C LEU C 311 -8.64 26.00 -19.04
N PRO C 312 -8.83 25.22 -20.10
CA PRO C 312 -10.08 25.26 -20.85
C PRO C 312 -11.27 24.80 -20.00
N ASP C 313 -12.41 25.47 -20.18
CA ASP C 313 -13.62 25.33 -19.31
C ASP C 313 -14.47 24.18 -19.87
N LEU C 314 -14.70 23.14 -19.06
CA LEU C 314 -15.47 21.92 -19.45
C LEU C 314 -16.81 21.88 -18.70
N GLN C 315 -16.97 22.56 -17.55
CA GLN C 315 -18.20 22.61 -16.70
C GLN C 315 -18.68 24.06 -16.56
N LYS C 324 -13.99 31.03 -11.90
CA LYS C 324 -14.10 29.67 -11.27
C LYS C 324 -14.29 28.61 -12.37
N VAL C 325 -13.28 28.48 -13.22
CA VAL C 325 -13.04 27.27 -14.09
C VAL C 325 -12.35 26.22 -13.18
N ASN C 326 -13.09 25.22 -12.73
CA ASN C 326 -12.53 24.15 -11.87
C ASN C 326 -11.62 23.26 -12.72
N PRO C 327 -10.49 22.81 -12.14
CA PRO C 327 -9.54 21.94 -12.85
C PRO C 327 -10.06 20.51 -12.77
N VAL C 328 -11.11 20.27 -13.54
CA VAL C 328 -11.82 18.97 -13.42
C VAL C 328 -10.99 17.86 -14.02
N LEU C 329 -10.27 18.07 -15.13
N LEU C 329 -10.28 18.09 -15.13
CA LEU C 329 -9.46 16.97 -15.69
CA LEU C 329 -9.43 17.02 -15.70
C LEU C 329 -8.25 16.67 -14.80
C LEU C 329 -8.29 16.68 -14.74
N PRO C 330 -7.51 17.64 -14.23
CA PRO C 330 -6.53 17.30 -13.20
C PRO C 330 -7.12 16.50 -12.04
N GLU C 331 -8.33 16.83 -11.62
CA GLU C 331 -8.99 16.05 -10.55
C GLU C 331 -9.27 14.61 -11.00
N ALA C 332 -9.71 14.41 -12.24
CA ALA C 332 -9.93 13.05 -12.75
C ALA C 332 -8.61 12.30 -12.82
N VAL C 333 -7.56 12.97 -13.26
CA VAL C 333 -6.23 12.33 -13.40
C VAL C 333 -5.75 11.91 -12.01
N THR C 334 -5.80 12.81 -11.03
CA THR C 334 -5.25 12.45 -9.68
C THR C 334 -6.10 11.39 -8.97
N GLN C 335 -7.41 11.34 -9.22
CA GLN C 335 -8.29 10.23 -8.72
C GLN C 335 -7.95 8.94 -9.43
N VAL C 336 -7.77 8.94 -10.76
CA VAL C 336 -7.31 7.72 -11.47
C VAL C 336 -5.98 7.26 -10.84
N ALA C 337 -5.04 8.15 -10.62
CA ALA C 337 -3.73 7.78 -10.09
C ALA C 337 -3.91 7.06 -8.75
N ALA C 338 -4.72 7.62 -7.83
CA ALA C 338 -4.99 6.99 -6.53
C ALA C 338 -5.53 5.56 -6.77
N GLN C 339 -6.44 5.38 -7.71
CA GLN C 339 -7.02 4.04 -7.98
C GLN C 339 -5.92 3.10 -8.47
N VAL C 340 -5.02 3.56 -9.33
CA VAL C 340 -3.91 2.70 -9.86
C VAL C 340 -3.02 2.28 -8.70
N ILE C 341 -2.71 3.19 -7.78
CA ILE C 341 -1.89 2.88 -6.58
C ILE C 341 -2.61 1.79 -5.76
N GLY C 342 -3.92 1.94 -5.48
CA GLY C 342 -4.69 0.95 -4.74
C GLY C 342 -4.69 -0.38 -5.45
N ASN C 343 -4.99 -0.36 -6.75
CA ASN C 343 -5.02 -1.64 -7.52
C ASN C 343 -3.66 -2.31 -7.47
N ASP C 344 -2.59 -1.51 -7.55
CA ASP C 344 -1.20 -1.99 -7.52
C ASP C 344 -0.95 -2.76 -6.22
N ALA C 345 -1.46 -2.28 -5.10
CA ALA C 345 -1.30 -2.97 -3.80
C ALA C 345 -2.06 -4.32 -3.81
N ALA C 346 -3.28 -4.34 -4.37
CA ALA C 346 -4.07 -5.57 -4.45
C ALA C 346 -3.31 -6.59 -5.33
N ILE C 347 -2.76 -6.17 -6.46
CA ILE C 347 -2.03 -7.07 -7.37
C ILE C 347 -0.83 -7.69 -6.66
N ALA C 348 -0.04 -6.88 -5.95
CA ALA C 348 1.16 -7.40 -5.29
C ALA C 348 0.77 -8.42 -4.21
N TRP C 349 -0.27 -8.11 -3.45
CA TRP C 349 -0.79 -9.00 -2.38
C TRP C 349 -1.18 -10.36 -2.97
N GLY C 350 -1.92 -10.38 -4.08
CA GLY C 350 -2.23 -11.66 -4.75
C GLY C 350 -0.97 -12.33 -5.29
N GLY C 351 -0.05 -11.57 -5.86
CA GLY C 351 1.14 -12.13 -6.50
C GLY C 351 1.96 -12.94 -5.52
N ALA C 352 1.98 -12.52 -4.28
CA ALA C 352 2.92 -13.07 -3.29
C ALA C 352 2.42 -14.40 -2.77
N ASN C 353 1.11 -14.70 -2.93
CA ASN C 353 0.38 -15.68 -2.08
C ASN C 353 0.03 -16.94 -2.87
N GLY C 354 0.79 -17.19 -3.94
CA GLY C 354 0.78 -18.50 -4.62
C GLY C 354 1.20 -19.62 -3.69
N ALA C 355 0.84 -20.85 -4.02
CA ALA C 355 1.37 -22.02 -3.31
C ALA C 355 1.66 -23.11 -4.31
N PHE C 356 2.83 -23.69 -4.17
CA PHE C 356 3.28 -24.86 -4.96
C PHE C 356 3.04 -24.58 -6.43
N GLU C 357 2.21 -25.39 -7.09
CA GLU C 357 2.17 -25.34 -8.57
C GLU C 357 1.20 -24.25 -9.11
N LEU C 358 0.47 -23.50 -8.29
CA LEU C 358 -0.55 -22.56 -8.83
C LEU C 358 -0.69 -21.34 -7.94
N ASN C 359 -0.62 -20.16 -8.54
CA ASN C 359 -1.12 -18.95 -7.84
C ASN C 359 -2.62 -18.83 -8.08
N VAL C 360 -3.42 -18.72 -7.02
CA VAL C 360 -4.91 -18.77 -7.09
C VAL C 360 -5.46 -17.40 -6.70
N TYR C 361 -4.88 -16.33 -7.26
CA TYR C 361 -5.41 -14.97 -7.14
C TYR C 361 -5.66 -14.37 -8.51
N ILE C 362 -5.70 -15.19 -9.56
CA ILE C 362 -5.69 -14.67 -10.96
C ILE C 362 -6.88 -13.78 -11.28
N PRO C 363 -8.15 -14.16 -11.03
CA PRO C 363 -9.26 -13.27 -11.38
C PRO C 363 -9.13 -11.88 -10.73
N MET C 364 -8.76 -11.83 -9.45
CA MET C 364 -8.62 -10.53 -8.75
C MET C 364 -7.42 -9.77 -9.36
N MET C 365 -6.29 -10.40 -9.63
CA MET C 365 -5.11 -9.67 -10.14
C MET C 365 -5.48 -9.16 -11.57
N ALA C 366 -6.20 -9.96 -12.33
CA ALA C 366 -6.64 -9.60 -13.70
C ALA C 366 -7.56 -8.39 -13.66
N ARG C 367 -8.54 -8.38 -12.77
CA ARG C 367 -9.47 -7.26 -12.64
C ARG C 367 -8.65 -5.99 -12.45
N ASN C 368 -7.71 -6.04 -11.52
CA ASN C 368 -7.02 -4.82 -11.07
C ASN C 368 -6.06 -4.34 -12.17
N ILE C 369 -5.30 -5.22 -12.79
N ILE C 369 -5.25 -5.22 -12.77
CA ILE C 369 -4.27 -4.72 -13.73
CA ILE C 369 -4.25 -4.77 -13.78
C ILE C 369 -4.95 -4.27 -15.03
C ILE C 369 -5.03 -4.22 -14.98
N LEU C 370 -6.05 -4.92 -15.43
CA LEU C 370 -6.79 -4.50 -16.64
C LEU C 370 -7.50 -3.19 -16.38
N GLU C 371 -8.04 -2.99 -15.18
CA GLU C 371 -8.63 -1.71 -14.85
C GLU C 371 -7.55 -0.61 -14.89
N SER C 372 -6.41 -0.84 -14.28
CA SER C 372 -5.33 0.17 -14.27
C SER C 372 -4.96 0.56 -15.71
N PHE C 373 -4.74 -0.39 -16.59
CA PHE C 373 -4.50 -0.10 -18.02
C PHE C 373 -5.61 0.79 -18.62
N LYS C 374 -6.88 0.44 -18.42
CA LYS C 374 -8.03 1.16 -18.98
C LYS C 374 -8.10 2.60 -18.45
N LEU C 375 -8.05 2.77 -17.13
CA LEU C 375 -8.15 4.12 -16.56
C LEU C 375 -7.00 4.98 -17.06
N LEU C 376 -5.77 4.47 -17.11
CA LEU C 376 -4.63 5.34 -17.51
C LEU C 376 -4.78 5.67 -19.00
N THR C 377 -5.20 4.70 -19.80
CA THR C 377 -5.42 4.88 -21.25
C THR C 377 -6.41 6.03 -21.45
N ASN C 378 -7.60 5.89 -20.85
CA ASN C 378 -8.73 6.80 -21.13
C ASN C 378 -8.40 8.18 -20.56
N VAL C 379 -7.89 8.26 -19.33
CA VAL C 379 -7.64 9.59 -18.72
C VAL C 379 -6.47 10.28 -19.41
N SER C 380 -5.49 9.55 -19.95
CA SER C 380 -4.32 10.18 -20.61
C SER C 380 -4.79 10.87 -21.90
N ARG C 381 -5.67 10.23 -22.66
CA ARG C 381 -6.23 10.81 -23.91
C ARG C 381 -7.08 12.03 -23.56
N LEU C 382 -7.94 11.91 -22.56
CA LEU C 382 -8.78 13.06 -22.17
C LEU C 382 -7.89 14.23 -21.70
N PHE C 383 -6.90 13.94 -20.89
CA PHE C 383 -6.04 15.02 -20.32
C PHE C 383 -5.35 15.75 -21.48
N ALA C 384 -4.81 14.98 -22.43
CA ALA C 384 -4.05 15.51 -23.58
C ALA C 384 -4.96 16.40 -24.41
N GLN C 385 -6.15 15.92 -24.76
CA GLN C 385 -7.00 16.60 -25.77
C GLN C 385 -7.77 17.76 -25.16
N ARG C 386 -8.27 17.62 -23.93
CA ARG C 386 -9.31 18.53 -23.39
C ARG C 386 -8.74 19.39 -22.27
N CYS C 387 -7.47 19.22 -21.90
CA CYS C 387 -6.83 20.06 -20.90
C CYS C 387 -5.52 20.62 -21.48
N ILE C 388 -4.52 19.78 -21.73
CA ILE C 388 -3.17 20.22 -22.15
C ILE C 388 -3.26 21.08 -23.43
N ALA C 389 -3.93 20.57 -24.47
CA ALA C 389 -3.90 21.21 -25.80
C ALA C 389 -4.39 22.66 -25.71
N GLY C 390 -5.32 22.92 -24.80
CA GLY C 390 -6.08 24.18 -24.70
C GLY C 390 -5.53 25.13 -23.66
N LEU C 391 -4.47 24.78 -22.93
CA LEU C 391 -3.96 25.69 -21.87
C LEU C 391 -3.55 27.01 -22.53
N THR C 392 -3.80 28.11 -21.87
CA THR C 392 -3.19 29.40 -22.25
C THR C 392 -2.39 29.95 -21.08
N ALA C 393 -1.28 30.61 -21.39
CA ALA C 393 -0.33 31.16 -20.40
C ALA C 393 -0.60 32.64 -20.20
N ASN C 394 -0.55 33.10 -18.95
CA ASN C 394 -0.62 34.54 -18.64
C ASN C 394 0.78 35.14 -18.79
N VAL C 395 1.23 35.31 -20.01
CA VAL C 395 2.67 35.61 -20.32
C VAL C 395 3.17 36.87 -19.60
N GLU C 396 2.42 37.98 -19.70
CA GLU C 396 2.83 39.27 -19.12
C GLU C 396 2.98 39.15 -17.60
N HIS C 397 1.99 38.53 -16.93
CA HIS C 397 2.01 38.30 -15.45
C HIS C 397 3.25 37.49 -15.08
N LEU C 398 3.46 36.36 -15.77
CA LEU C 398 4.58 35.45 -15.49
C LEU C 398 5.92 36.20 -15.58
N ARG C 399 6.11 36.98 -16.66
CA ARG C 399 7.36 37.74 -16.85
C ARG C 399 7.49 38.82 -15.75
N ARG C 400 6.43 39.57 -15.52
CA ARG C 400 6.49 40.70 -14.54
C ARG C 400 6.91 40.12 -13.17
N LEU C 401 6.29 39.02 -12.74
CA LEU C 401 6.67 38.44 -11.42
C LEU C 401 8.13 37.96 -11.47
N ALA C 402 8.58 37.30 -12.54
CA ALA C 402 9.98 36.87 -12.64
C ALA C 402 10.90 38.08 -12.47
N GLU C 403 10.60 39.19 -13.13
CA GLU C 403 11.42 40.44 -13.17
C GLU C 403 11.35 41.18 -11.85
N SER C 404 10.42 40.79 -10.99
CA SER C 404 10.14 41.50 -9.72
C SER C 404 10.56 40.66 -8.54
N SER C 405 11.15 39.49 -8.77
CA SER C 405 11.43 38.53 -7.68
C SER C 405 12.76 38.82 -7.01
N PRO C 406 12.83 38.89 -5.65
CA PRO C 406 14.11 38.90 -4.94
C PRO C 406 15.14 37.85 -5.39
N SER C 407 14.70 36.71 -5.92
CA SER C 407 15.65 35.66 -6.38
C SER C 407 16.60 36.17 -7.45
N ILE C 408 16.26 37.21 -8.21
CA ILE C 408 17.15 37.58 -9.34
C ILE C 408 18.13 38.70 -8.93
N VAL C 409 18.15 39.13 -7.68
CA VAL C 409 19.14 40.16 -7.24
C VAL C 409 20.55 39.56 -7.16
N THR C 410 20.70 38.24 -6.93
CA THR C 410 22.04 37.62 -6.75
C THR C 410 23.06 38.09 -7.79
N PRO C 411 22.79 38.09 -9.12
CA PRO C 411 23.83 38.51 -10.05
C PRO C 411 24.27 39.97 -9.86
N LEU C 412 23.59 40.77 -9.04
CA LEU C 412 23.98 42.17 -8.77
C LEU C 412 25.02 42.23 -7.64
N ASN C 413 25.16 41.14 -6.87
CA ASN C 413 25.97 41.11 -5.63
C ASN C 413 27.36 41.70 -5.90
N SER C 414 27.99 41.32 -7.01
CA SER C 414 29.41 41.69 -7.27
C SER C 414 29.51 43.18 -7.61
N ALA C 415 28.44 43.86 -8.04
CA ALA C 415 28.43 45.29 -8.41
C ALA C 415 28.00 46.15 -7.21
N ILE C 416 26.99 45.73 -6.44
CA ILE C 416 26.34 46.62 -5.44
C ILE C 416 26.58 46.15 -4.01
N GLY C 417 27.08 44.93 -3.79
CA GLY C 417 27.26 44.36 -2.44
C GLY C 417 26.02 43.64 -1.92
N TYR C 418 26.20 42.69 -1.01
CA TYR C 418 25.12 41.88 -0.42
C TYR C 418 24.07 42.77 0.26
N GLU C 419 24.52 43.73 1.09
CA GLU C 419 23.63 44.56 1.93
C GLU C 419 22.66 45.34 1.00
N GLU C 420 23.20 45.96 -0.05
CA GLU C 420 22.39 46.76 -0.97
C GLU C 420 21.53 45.82 -1.85
N ALA C 421 22.04 44.67 -2.27
CA ALA C 421 21.19 43.69 -3.01
C ALA C 421 19.98 43.32 -2.14
N ALA C 422 20.18 43.16 -0.83
CA ALA C 422 19.10 42.80 0.11
C ALA C 422 18.08 43.95 0.17
N ALA C 423 18.56 45.19 0.20
CA ALA C 423 17.71 46.40 0.27
C ALA C 423 16.91 46.55 -1.01
N VAL C 424 17.50 46.27 -2.15
CA VAL C 424 16.81 46.28 -3.44
C VAL C 424 15.66 45.26 -3.37
N ALA C 425 15.96 44.02 -2.95
CA ALA C 425 14.95 42.94 -2.93
C ALA C 425 13.76 43.34 -2.03
N LYS C 426 14.06 43.90 -0.88
CA LYS C 426 13.04 44.31 0.10
C LYS C 426 12.19 45.45 -0.46
N GLN C 427 12.81 46.47 -1.05
CA GLN C 427 12.05 47.60 -1.64
C GLN C 427 11.23 47.09 -2.83
N ALA C 428 11.78 46.23 -3.69
CA ALA C 428 11.03 45.78 -4.85
C ALA C 428 9.73 45.06 -4.41
N LEU C 429 9.84 44.22 -3.39
CA LEU C 429 8.65 43.50 -2.88
C LEU C 429 7.64 44.47 -2.29
N LYS C 430 8.09 45.40 -1.46
CA LYS C 430 7.19 46.35 -0.76
C LYS C 430 6.46 47.24 -1.78
N GLU C 431 7.14 47.70 -2.82
N GLU C 431 7.15 47.70 -2.82
CA GLU C 431 6.54 48.66 -3.79
CA GLU C 431 6.63 48.66 -3.84
C GLU C 431 5.86 47.89 -4.93
C GLU C 431 6.03 47.91 -5.04
N ARG C 432 6.08 46.57 -5.03
CA ARG C 432 5.57 45.72 -6.14
C ARG C 432 6.16 46.23 -7.45
N LYS C 433 7.48 46.45 -7.47
CA LYS C 433 8.19 46.97 -8.66
C LYS C 433 9.15 45.90 -9.15
N THR C 434 9.56 46.01 -10.40
CA THR C 434 10.66 45.20 -10.93
C THR C 434 11.97 45.48 -10.17
N ILE C 435 12.84 44.49 -10.14
CA ILE C 435 14.23 44.64 -9.64
C ILE C 435 14.92 45.71 -10.49
N ARG C 436 14.78 45.66 -11.83
CA ARG C 436 15.37 46.70 -12.69
C ARG C 436 14.96 48.10 -12.20
N GLN C 437 13.68 48.32 -12.02
CA GLN C 437 13.21 49.70 -11.68
C GLN C 437 13.66 50.07 -10.26
N THR C 438 13.73 49.11 -9.32
CA THR C 438 14.17 49.40 -7.94
C THR C 438 15.65 49.83 -7.94
N VAL C 439 16.51 49.16 -8.70
CA VAL C 439 17.95 49.48 -8.79
C VAL C 439 18.02 50.93 -9.32
N ILE C 440 17.26 51.25 -10.35
CA ILE C 440 17.24 52.65 -10.92
C ILE C 440 16.74 53.63 -9.86
N ASP C 441 15.64 53.31 -9.21
CA ASP C 441 14.95 54.14 -8.19
C ASP C 441 15.92 54.39 -7.01
N ARG C 442 16.81 53.44 -6.68
CA ARG C 442 17.71 53.60 -5.50
C ARG C 442 18.96 54.38 -5.90
N GLY C 443 19.09 54.79 -7.16
CA GLY C 443 20.21 55.61 -7.63
C GLY C 443 21.48 54.83 -7.84
N LEU C 444 21.40 53.52 -8.11
CA LEU C 444 22.61 52.68 -8.18
C LEU C 444 23.25 52.71 -9.56
N ILE C 445 22.57 53.22 -10.59
CA ILE C 445 23.16 53.29 -11.96
C ILE C 445 24.24 54.38 -11.96
N GLY C 446 25.37 54.15 -12.63
CA GLY C 446 26.52 55.07 -12.68
C GLY C 446 27.63 54.62 -11.75
N ASP C 447 27.41 54.72 -10.45
CA ASP C 447 28.42 54.29 -9.45
C ASP C 447 28.76 52.83 -9.77
N ARG C 448 27.79 51.96 -9.57
CA ARG C 448 28.01 50.51 -9.40
C ARG C 448 28.03 49.85 -10.79
N LEU C 449 27.09 50.24 -11.62
CA LEU C 449 26.99 49.54 -12.92
C LEU C 449 26.18 50.38 -13.90
N SER C 450 26.30 50.02 -15.16
CA SER C 450 25.58 50.72 -16.24
C SER C 450 24.25 50.06 -16.49
N ILE C 451 23.38 50.76 -17.19
CA ILE C 451 22.14 50.13 -17.72
C ILE C 451 22.45 48.88 -18.53
N GLU C 452 23.46 48.91 -19.38
CA GLU C 452 23.85 47.76 -20.25
C GLU C 452 24.16 46.59 -19.34
N ASP C 453 24.92 46.83 -18.27
CA ASP C 453 25.35 45.79 -17.32
C ASP C 453 24.10 45.27 -16.56
N LEU C 454 23.22 46.18 -16.14
CA LEU C 454 21.99 45.83 -15.38
C LEU C 454 21.12 44.93 -16.24
N ASP C 455 20.87 45.32 -17.48
CA ASP C 455 19.98 44.57 -18.40
C ASP C 455 20.59 43.22 -18.74
N ARG C 456 21.92 43.11 -18.79
CA ARG C 456 22.61 41.81 -19.03
C ARG C 456 22.45 40.94 -17.78
N ARG C 457 22.67 41.50 -16.59
CA ARG C 457 22.65 40.69 -15.35
C ARG C 457 21.20 40.24 -14.99
N LEU C 458 20.20 41.05 -15.29
CA LEU C 458 18.81 40.79 -14.90
C LEU C 458 17.95 40.24 -16.05
N ASP C 459 18.51 39.88 -17.19
CA ASP C 459 17.71 39.30 -18.31
C ASP C 459 17.13 37.94 -17.84
N VAL C 460 15.86 37.90 -17.46
CA VAL C 460 15.35 36.66 -16.80
C VAL C 460 15.31 35.50 -17.79
N LEU C 461 15.12 35.74 -19.09
CA LEU C 461 15.10 34.63 -20.07
C LEU C 461 16.51 34.07 -20.24
N ALA C 462 17.54 34.92 -20.25
CA ALA C 462 18.94 34.45 -20.23
C ALA C 462 19.24 33.73 -18.92
N MET C 463 18.69 34.18 -17.80
CA MET C 463 18.93 33.53 -16.48
C MET C 463 18.30 32.12 -16.45
N ALA C 464 17.22 31.89 -17.19
CA ALA C 464 16.57 30.57 -17.32
C ALA C 464 17.41 29.67 -18.23
N LYS C 465 18.45 30.23 -18.88
CA LYS C 465 19.34 29.54 -19.85
C LYS C 465 18.47 28.99 -20.98
N ALA C 466 17.60 29.84 -21.52
CA ALA C 466 16.74 29.53 -22.67
C ALA C 466 16.88 30.64 -23.71
N GLU C 467 16.62 30.33 -24.99
CA GLU C 467 16.52 31.33 -26.10
C GLU C 467 15.49 30.84 -27.13
N TYR D 10 32.61 20.53 23.00
CA TYR D 10 32.25 21.58 24.01
C TYR D 10 32.40 22.99 23.42
N ARG D 11 33.26 23.15 22.40
CA ARG D 11 33.62 24.44 21.74
C ARG D 11 32.37 25.15 21.19
N ILE D 12 32.48 26.47 20.96
CA ILE D 12 31.37 27.34 20.42
C ILE D 12 31.71 27.75 18.98
N GLU D 13 30.67 27.95 18.17
CA GLU D 13 30.76 28.60 16.82
C GLU D 13 29.75 29.75 16.79
N HIS D 14 29.84 30.60 15.76
CA HIS D 14 29.06 31.85 15.60
C HIS D 14 28.29 31.79 14.28
N ASP D 15 26.96 31.93 14.35
CA ASP D 15 26.04 31.78 13.19
C ASP D 15 25.18 33.04 13.13
N THR D 16 24.78 33.45 11.92
CA THR D 16 24.06 34.72 11.63
C THR D 16 22.63 34.67 12.21
N MET D 17 22.39 33.92 13.29
CA MET D 17 21.16 34.00 14.12
C MET D 17 21.49 33.87 15.62
N GLY D 18 22.76 33.71 16.01
CA GLY D 18 23.19 33.57 17.42
C GLY D 18 24.39 32.66 17.58
N GLU D 19 24.65 32.23 18.82
CA GLU D 19 25.80 31.36 19.19
C GLU D 19 25.38 29.88 19.12
N VAL D 20 26.29 28.99 18.69
CA VAL D 20 26.04 27.53 18.45
C VAL D 20 27.12 26.73 19.18
N ARG D 21 26.76 25.87 20.15
CA ARG D 21 27.73 24.96 20.82
C ARG D 21 27.87 23.66 20.01
N VAL D 22 29.10 23.27 19.66
CA VAL D 22 29.41 22.06 18.84
C VAL D 22 30.35 21.14 19.63
N PRO D 23 30.13 19.81 19.63
CA PRO D 23 31.07 18.87 20.25
C PRO D 23 32.51 19.02 19.75
N ALA D 24 33.47 18.69 20.63
CA ALA D 24 34.90 19.05 20.52
C ALA D 24 35.56 18.28 19.37
N LYS D 25 35.33 16.97 19.28
CA LYS D 25 35.94 16.05 18.26
C LYS D 25 35.11 16.06 16.96
N ALA D 26 34.20 17.03 16.80
CA ALA D 26 33.23 17.11 15.68
C ALA D 26 33.82 17.92 14.51
N LEU D 27 33.90 17.29 13.34
CA LEU D 27 34.36 17.92 12.08
C LEU D 27 33.23 18.72 11.45
N TRP D 28 31.98 18.56 11.90
CA TRP D 28 30.86 19.40 11.40
C TRP D 28 30.91 20.76 12.09
N ARG D 29 30.20 21.75 11.58
CA ARG D 29 30.20 23.14 12.10
C ARG D 29 28.76 23.57 12.36
N ALA D 30 28.47 24.88 12.25
CA ALA D 30 27.25 25.54 12.77
C ALA D 30 25.99 25.08 12.04
N GLN D 31 25.98 25.07 10.71
CA GLN D 31 24.79 24.66 9.90
C GLN D 31 24.35 23.25 10.30
N THR D 32 25.29 22.32 10.46
CA THR D 32 25.02 20.92 10.84
C THR D 32 24.44 20.91 12.26
N GLN D 33 25.07 21.66 13.16
CA GLN D 33 24.62 21.68 14.57
C GLN D 33 23.19 22.20 14.64
N ARG D 34 22.84 23.25 13.86
CA ARG D 34 21.48 23.78 13.80
C ARG D 34 20.52 22.69 13.28
N ALA D 35 20.93 21.92 12.27
CA ALA D 35 20.08 20.82 11.73
C ALA D 35 19.88 19.76 12.82
N VAL D 36 20.91 19.44 13.60
CA VAL D 36 20.80 18.44 14.70
C VAL D 36 19.71 18.92 15.66
N GLU D 37 19.70 20.18 16.00
CA GLU D 37 18.72 20.72 16.99
C GLU D 37 17.35 20.85 16.34
N ASN D 38 17.25 21.03 15.03
CA ASN D 38 15.96 21.26 14.35
C ASN D 38 15.17 19.96 14.12
N PHE D 39 15.82 18.82 13.91
CA PHE D 39 15.15 17.57 13.45
C PHE D 39 15.43 16.39 14.37
N PRO D 40 15.18 16.48 15.71
CA PRO D 40 15.25 15.30 16.56
C PRO D 40 14.01 14.40 16.42
N ILE D 41 13.96 13.68 15.34
CA ILE D 41 12.72 12.96 14.94
C ILE D 41 12.94 11.46 15.07
N SER D 42 13.85 10.87 14.32
CA SER D 42 14.03 9.39 14.29
C SER D 42 15.24 8.96 15.12
N GLY D 43 16.20 9.85 15.34
CA GLY D 43 17.48 9.48 15.99
C GLY D 43 18.38 8.67 15.06
N ARG D 44 18.10 8.62 13.77
CA ARG D 44 18.93 7.87 12.79
C ARG D 44 19.32 8.84 11.68
N GLY D 45 20.57 8.74 11.25
CA GLY D 45 21.15 9.62 10.23
C GLY D 45 21.43 8.83 8.97
N LEU D 46 22.23 9.41 8.09
CA LEU D 46 22.61 8.78 6.81
C LEU D 46 23.35 7.47 7.07
N GLU D 47 23.14 6.53 6.16
CA GLU D 47 23.84 5.23 6.14
C GLU D 47 25.20 5.40 5.46
N ARG D 48 26.08 4.44 5.76
CA ARG D 48 27.45 4.36 5.21
C ARG D 48 27.41 4.62 3.70
N THR D 49 26.49 4.00 2.98
CA THR D 49 26.40 4.11 1.49
C THR D 49 26.12 5.54 1.05
N GLN D 50 25.28 6.27 1.81
CA GLN D 50 24.88 7.63 1.47
C GLN D 50 26.06 8.55 1.73
N ILE D 51 26.76 8.34 2.84
CA ILE D 51 27.95 9.16 3.20
C ILE D 51 29.02 8.96 2.14
N ARG D 52 29.24 7.72 1.77
CA ARG D 52 30.22 7.37 0.71
C ARG D 52 29.89 8.12 -0.57
N ALA D 53 28.61 8.07 -1.02
CA ALA D 53 28.17 8.73 -2.24
C ALA D 53 28.41 10.23 -2.15
N LEU D 54 28.12 10.85 -1.01
CA LEU D 54 28.31 12.30 -0.88
C LEU D 54 29.81 12.63 -0.98
N GLY D 55 30.67 11.81 -0.39
CA GLY D 55 32.12 12.04 -0.51
C GLY D 55 32.56 11.88 -1.94
N LEU D 56 32.15 10.80 -2.61
CA LEU D 56 32.50 10.60 -4.04
C LEU D 56 32.10 11.84 -4.84
N LEU D 57 30.89 12.36 -4.64
CA LEU D 57 30.36 13.48 -5.45
C LEU D 57 31.19 14.72 -5.15
N LYS D 58 31.50 14.99 -3.89
CA LYS D 58 32.26 16.23 -3.58
C LYS D 58 33.67 16.17 -4.20
N GLY D 59 34.28 14.99 -4.25
CA GLY D 59 35.62 14.82 -4.83
C GLY D 59 35.54 15.08 -6.33
N ALA D 60 34.51 14.53 -6.98
CA ALA D 60 34.36 14.66 -8.45
C ALA D 60 34.08 16.14 -8.81
N CYS D 61 33.30 16.85 -8.01
CA CYS D 61 32.94 18.25 -8.30
C CYS D 61 34.21 19.11 -8.22
N ALA D 62 35.02 18.90 -7.19
CA ALA D 62 36.29 19.63 -6.95
C ALA D 62 37.23 19.38 -8.15
N GLN D 63 37.31 18.14 -8.60
N GLN D 63 37.37 18.14 -8.60
CA GLN D 63 38.15 17.72 -9.75
CA GLN D 63 38.24 17.90 -9.78
C GLN D 63 37.76 18.50 -11.02
C GLN D 63 37.74 18.76 -10.94
N VAL D 64 36.46 18.62 -11.28
CA VAL D 64 35.92 19.29 -12.48
C VAL D 64 36.10 20.80 -12.33
N ASN D 65 35.81 21.37 -11.15
CA ASN D 65 36.00 22.81 -10.91
C ASN D 65 37.50 23.15 -11.08
N SER D 66 38.41 22.28 -10.68
CA SER D 66 39.87 22.51 -10.86
C SER D 66 40.22 22.43 -12.36
N ASP D 67 39.76 21.40 -13.05
CA ASP D 67 39.99 21.23 -14.51
C ASP D 67 39.52 22.44 -15.28
N LEU D 68 38.41 23.09 -14.88
CA LEU D 68 37.82 24.23 -15.62
C LEU D 68 38.47 25.55 -15.17
N GLY D 69 39.41 25.49 -14.25
CA GLY D 69 40.13 26.69 -13.75
C GLY D 69 39.28 27.55 -12.82
N LEU D 70 38.22 27.01 -12.20
CA LEU D 70 37.28 27.82 -11.37
C LEU D 70 37.73 27.72 -9.91
N LEU D 71 38.49 26.69 -9.59
CA LEU D 71 38.90 26.37 -8.21
C LEU D 71 40.42 26.19 -8.21
N ALA D 72 41.12 26.93 -7.34
CA ALA D 72 42.59 26.89 -7.21
C ALA D 72 43.01 25.45 -6.92
N PRO D 73 44.06 24.93 -7.60
CA PRO D 73 44.42 23.53 -7.46
C PRO D 73 44.76 23.09 -6.02
N GLU D 74 45.27 23.98 -5.16
CA GLU D 74 45.57 23.70 -3.72
C GLU D 74 44.27 23.31 -2.97
N LYS D 75 43.24 24.13 -3.12
CA LYS D 75 41.89 23.91 -2.53
C LYS D 75 41.29 22.61 -3.08
N ALA D 76 41.39 22.37 -4.39
CA ALA D 76 40.81 21.18 -5.03
C ALA D 76 41.47 19.95 -4.45
N ASP D 77 42.81 19.98 -4.33
CA ASP D 77 43.57 18.82 -3.82
C ASP D 77 43.11 18.46 -2.40
N ALA D 78 42.89 19.47 -1.57
CA ALA D 78 42.48 19.29 -0.16
C ALA D 78 41.06 18.70 -0.13
N ILE D 79 40.17 19.22 -0.98
CA ILE D 79 38.75 18.74 -1.06
C ILE D 79 38.80 17.29 -1.53
N ILE D 80 39.58 17.03 -2.57
CA ILE D 80 39.70 15.64 -3.12
C ILE D 80 40.22 14.67 -2.06
N ALA D 81 41.23 15.07 -1.26
CA ALA D 81 41.79 14.15 -0.26
C ALA D 81 40.76 13.94 0.87
N ALA D 82 40.12 15.01 1.31
CA ALA D 82 39.10 14.95 2.38
C ALA D 82 37.91 14.10 1.90
N ALA D 83 37.37 14.37 0.71
CA ALA D 83 36.29 13.53 0.10
C ALA D 83 36.67 12.05 0.01
N ALA D 84 37.93 11.70 -0.32
CA ALA D 84 38.38 10.30 -0.45
C ALA D 84 38.30 9.64 0.93
N GLU D 85 38.65 10.37 1.98
CA GLU D 85 38.55 9.83 3.35
C GLU D 85 37.07 9.48 3.63
N ILE D 86 36.15 10.38 3.28
CA ILE D 86 34.69 10.19 3.51
C ILE D 86 34.20 9.01 2.70
N ALA D 87 34.52 8.90 1.42
CA ALA D 87 34.08 7.79 0.56
C ALA D 87 34.59 6.43 1.07
N ASP D 88 35.68 6.43 1.85
CA ASP D 88 36.39 5.22 2.32
C ASP D 88 35.87 4.85 3.72
N GLY D 89 35.01 5.68 4.32
CA GLY D 89 34.30 5.34 5.57
C GLY D 89 35.05 5.79 6.81
N GLN D 90 35.99 6.74 6.69
CA GLN D 90 36.82 7.18 7.83
C GLN D 90 36.05 8.20 8.67
N HIS D 91 34.89 8.69 8.21
CA HIS D 91 34.19 9.79 8.93
C HIS D 91 32.69 9.51 9.08
N ASP D 92 32.26 8.26 9.07
CA ASP D 92 30.81 7.91 9.21
C ASP D 92 30.21 8.49 10.49
N ASP D 93 31.02 8.85 11.49
CA ASP D 93 30.56 9.39 12.79
C ASP D 93 30.41 10.91 12.71
N GLN D 94 30.66 11.52 11.56
CA GLN D 94 30.61 13.00 11.42
C GLN D 94 29.32 13.47 10.71
N PHE D 95 28.31 12.61 10.60
CA PHE D 95 27.04 12.90 9.87
C PHE D 95 25.83 12.69 10.79
N PRO D 96 25.58 13.60 11.75
CA PRO D 96 24.61 13.33 12.80
C PRO D 96 23.17 13.75 12.49
N ILE D 97 22.94 14.36 11.33
CA ILE D 97 21.60 14.90 10.96
C ILE D 97 20.60 13.76 10.75
N ASP D 98 19.41 13.96 11.29
CA ASP D 98 18.28 13.01 11.06
C ASP D 98 18.00 12.81 9.57
N VAL D 99 17.54 11.62 9.24
CA VAL D 99 16.92 11.32 7.92
C VAL D 99 15.80 12.33 7.67
N PHE D 100 14.97 12.64 8.69
CA PHE D 100 13.76 13.48 8.52
C PHE D 100 14.16 14.95 8.65
N GLN D 101 14.79 15.44 7.61
CA GLN D 101 15.35 16.79 7.47
C GLN D 101 14.68 17.52 6.31
N THR D 102 15.15 18.73 6.02
CA THR D 102 14.69 19.51 4.85
C THR D 102 14.65 18.59 3.63
N GLY D 103 13.61 18.67 2.82
CA GLY D 103 13.24 17.60 1.88
C GLY D 103 14.12 17.61 0.66
N SER D 104 14.98 18.62 0.51
CA SER D 104 15.98 18.66 -0.59
C SER D 104 17.19 17.81 -0.21
N GLY D 105 17.38 17.56 1.07
CA GLY D 105 18.65 17.04 1.61
C GLY D 105 19.72 18.11 1.73
N THR D 106 19.38 19.40 1.63
CA THR D 106 20.35 20.51 1.81
C THR D 106 21.13 20.31 3.12
N SER D 107 20.51 19.93 4.22
CA SER D 107 21.19 19.82 5.53
C SER D 107 22.36 18.84 5.45
N SER D 108 22.15 17.65 4.91
CA SER D 108 23.24 16.66 4.69
C SER D 108 24.27 17.18 3.68
N ASN D 109 23.85 17.90 2.66
CA ASN D 109 24.81 18.49 1.68
C ASN D 109 25.74 19.44 2.43
N MET D 110 25.18 20.32 3.23
CA MET D 110 26.01 21.28 4.02
C MET D 110 26.87 20.53 5.05
N ASN D 111 26.38 19.45 5.65
CA ASN D 111 27.14 18.61 6.60
C ASN D 111 28.42 18.11 5.91
N THR D 112 28.32 17.67 4.66
CA THR D 112 29.44 17.17 3.86
C THR D 112 30.42 18.33 3.58
N ASN D 113 29.91 19.51 3.25
CA ASN D 113 30.75 20.69 2.94
C ASN D 113 31.56 21.05 4.20
N GLU D 114 30.90 21.18 5.35
CA GLU D 114 31.55 21.56 6.63
C GLU D 114 32.59 20.51 7.07
N VAL D 115 32.31 19.22 6.94
CA VAL D 115 33.24 18.15 7.37
C VAL D 115 34.49 18.21 6.48
N ILE D 116 34.29 18.43 5.18
CA ILE D 116 35.45 18.55 4.27
C ILE D 116 36.29 19.78 4.68
N ALA D 117 35.65 20.92 4.95
CA ALA D 117 36.33 22.18 5.35
C ALA D 117 37.22 21.95 6.59
N SER D 118 36.72 21.17 7.56
CA SER D 118 37.42 20.92 8.84
C SER D 118 38.58 19.99 8.53
N ILE D 119 38.37 18.96 7.71
CA ILE D 119 39.43 17.94 7.42
C ILE D 119 40.58 18.68 6.73
N ALA D 120 40.26 19.60 5.81
CA ALA D 120 41.22 20.39 5.04
C ALA D 120 42.02 21.32 5.97
N ALA D 121 41.38 21.89 7.01
CA ALA D 121 42.01 22.80 8.01
C ALA D 121 43.08 22.06 8.84
N LYS D 122 42.83 20.81 9.25
CA LYS D 122 43.86 19.93 9.89
C LYS D 122 45.12 19.81 9.01
N GLY D 123 44.97 19.81 7.69
CA GLY D 123 46.09 19.72 6.72
C GLY D 123 46.64 21.08 6.32
N GLY D 124 46.14 22.18 6.89
CA GLY D 124 46.69 23.54 6.73
C GLY D 124 46.07 24.31 5.57
N VAL D 125 45.00 23.80 4.95
CA VAL D 125 44.28 24.52 3.86
C VAL D 125 42.94 25.05 4.39
N THR D 126 42.64 26.32 4.11
CA THR D 126 41.35 27.03 4.38
C THR D 126 40.38 26.91 3.19
N LEU D 127 39.23 26.25 3.42
CA LEU D 127 38.10 26.12 2.45
C LEU D 127 36.84 26.73 3.06
N HIS D 128 36.11 27.48 2.25
CA HIS D 128 34.73 27.94 2.53
C HIS D 128 33.78 26.80 2.16
N PRO D 129 32.99 26.29 3.13
CA PRO D 129 32.06 25.17 2.85
C PRO D 129 31.18 25.45 1.62
N ASN D 130 30.61 26.66 1.50
CA ASN D 130 29.75 27.02 0.36
C ASN D 130 30.61 27.35 -0.87
N ASP D 131 31.47 28.36 -0.78
CA ASP D 131 32.02 29.02 -1.99
C ASP D 131 33.00 28.06 -2.65
N ASP D 132 33.70 27.24 -1.87
CA ASP D 132 34.71 26.28 -2.37
C ASP D 132 34.11 24.87 -2.49
N VAL D 133 33.65 24.27 -1.40
CA VAL D 133 33.28 22.82 -1.45
C VAL D 133 31.97 22.66 -2.25
N ASN D 134 31.09 23.67 -2.25
CA ASN D 134 29.77 23.62 -2.92
C ASN D 134 29.84 24.38 -4.26
N MET D 135 31.04 24.72 -4.75
CA MET D 135 31.17 25.50 -6.01
C MET D 135 30.48 24.76 -7.16
N SER D 136 29.69 25.47 -7.96
CA SER D 136 29.01 24.99 -9.19
C SER D 136 27.81 24.05 -8.87
N GLN D 137 27.46 23.96 -7.60
CA GLN D 137 26.44 23.03 -7.07
C GLN D 137 25.36 23.86 -6.37
N SER D 138 24.22 23.24 -6.20
CA SER D 138 23.16 23.92 -5.45
C SER D 138 22.81 23.08 -4.23
N SER D 139 21.98 23.65 -3.38
CA SER D 139 21.38 22.90 -2.28
C SER D 139 20.47 21.77 -2.80
N ASN D 140 20.19 21.65 -4.14
CA ASN D 140 19.07 20.84 -4.72
C ASN D 140 19.44 19.78 -5.75
N ASP D 141 20.63 19.82 -6.35
CA ASP D 141 21.06 18.83 -7.37
C ASP D 141 22.08 17.85 -6.77
N THR D 142 22.56 18.12 -5.58
CA THR D 142 23.63 17.35 -4.91
C THR D 142 23.05 16.10 -4.22
N PHE D 143 22.10 16.26 -3.31
CA PHE D 143 21.59 15.11 -2.52
C PHE D 143 20.90 14.11 -3.43
N PRO D 144 20.08 14.49 -4.41
CA PRO D 144 19.50 13.49 -5.33
C PRO D 144 20.57 12.76 -6.13
N THR D 145 21.63 13.47 -6.51
CA THR D 145 22.74 12.82 -7.23
C THR D 145 23.38 11.75 -6.32
N ALA D 146 23.74 12.10 -5.09
CA ALA D 146 24.34 11.13 -4.14
C ALA D 146 23.38 9.97 -3.91
N THR D 147 22.07 10.24 -3.83
CA THR D 147 21.05 9.17 -3.69
C THR D 147 21.13 8.21 -4.87
N HIS D 148 21.11 8.71 -6.09
CA HIS D 148 21.10 7.84 -7.29
C HIS D 148 22.45 7.13 -7.43
N ILE D 149 23.55 7.76 -7.04
CA ILE D 149 24.85 7.02 -7.05
C ILE D 149 24.71 5.80 -6.11
N ALA D 150 24.25 6.05 -4.89
CA ALA D 150 24.17 5.01 -3.85
C ALA D 150 23.25 3.90 -4.33
N ALA D 151 22.14 4.25 -4.98
CA ALA D 151 21.13 3.25 -5.37
C ALA D 151 21.66 2.44 -6.54
N THR D 152 22.40 3.09 -7.44
CA THR D 152 22.93 2.38 -8.62
C THR D 152 24.05 1.45 -8.15
N GLU D 153 24.92 1.89 -7.26
CA GLU D 153 25.99 1.02 -6.67
C GLU D 153 25.34 -0.17 -5.95
N ALA D 154 24.31 0.09 -5.17
CA ALA D 154 23.62 -0.99 -4.44
C ALA D 154 23.06 -2.00 -5.45
N ALA D 155 22.47 -1.56 -6.57
CA ALA D 155 21.87 -2.46 -7.56
C ALA D 155 22.96 -3.32 -8.22
N VAL D 156 24.01 -2.64 -8.70
CA VAL D 156 24.97 -3.26 -9.64
C VAL D 156 25.99 -4.06 -8.86
N ALA D 157 26.59 -3.49 -7.82
CA ALA D 157 27.75 -4.10 -7.14
C ALA D 157 27.30 -5.11 -6.09
N HIS D 158 26.06 -5.01 -5.57
CA HIS D 158 25.62 -5.77 -4.37
C HIS D 158 24.40 -6.64 -4.67
N LEU D 159 23.28 -6.07 -5.11
CA LEU D 159 22.03 -6.86 -5.24
C LEU D 159 22.15 -7.87 -6.34
N ILE D 160 22.55 -7.44 -7.53
CA ILE D 160 22.58 -8.36 -8.69
C ILE D 160 23.48 -9.55 -8.36
N PRO D 161 24.71 -9.39 -7.84
CA PRO D 161 25.50 -10.56 -7.50
C PRO D 161 24.86 -11.45 -6.43
N ALA D 162 24.16 -10.85 -5.47
CA ALA D 162 23.52 -11.66 -4.42
C ALA D 162 22.38 -12.49 -5.02
N LEU D 163 21.59 -11.90 -5.90
CA LEU D 163 20.48 -12.60 -6.57
C LEU D 163 21.08 -13.67 -7.45
N GLN D 164 22.23 -13.39 -8.08
CA GLN D 164 22.84 -14.44 -8.93
C GLN D 164 23.24 -15.65 -8.08
N GLN D 165 23.83 -15.42 -6.90
CA GLN D 165 24.20 -16.48 -5.94
C GLN D 165 22.93 -17.29 -5.58
N LEU D 166 21.84 -16.61 -5.30
CA LEU D 166 20.58 -17.32 -4.97
C LEU D 166 20.06 -18.08 -6.18
N HIS D 167 20.03 -17.46 -7.35
CA HIS D 167 19.63 -18.14 -8.60
C HIS D 167 20.46 -19.42 -8.76
N ASP D 168 21.76 -19.31 -8.61
CA ASP D 168 22.68 -20.45 -8.89
C ASP D 168 22.43 -21.57 -7.86
N ALA D 169 22.17 -21.25 -6.60
CA ALA D 169 21.81 -22.26 -5.57
C ALA D 169 20.50 -22.96 -5.94
N LEU D 170 19.46 -22.22 -6.33
CA LEU D 170 18.15 -22.78 -6.74
C LEU D 170 18.32 -23.63 -8.00
N ALA D 171 19.08 -23.17 -8.98
CA ALA D 171 19.33 -23.92 -10.23
C ALA D 171 20.08 -25.22 -9.94
N ALA D 172 21.03 -25.20 -9.01
CA ALA D 172 21.79 -26.42 -8.66
C ALA D 172 20.83 -27.47 -8.09
N LYS D 173 19.88 -27.10 -7.25
CA LYS D 173 18.85 -28.05 -6.72
C LYS D 173 17.90 -28.52 -7.82
N ALA D 174 17.56 -27.65 -8.76
CA ALA D 174 16.67 -28.01 -9.88
C ALA D 174 17.32 -29.17 -10.65
N LEU D 175 18.64 -29.13 -10.79
CA LEU D 175 19.37 -30.22 -11.51
C LEU D 175 19.55 -31.46 -10.61
N ASP D 176 19.92 -31.27 -9.36
N ASP D 176 20.01 -31.28 -9.37
CA ASP D 176 20.20 -32.39 -8.42
CA ASP D 176 20.15 -32.37 -8.37
C ASP D 176 18.90 -33.17 -8.14
C ASP D 176 18.85 -33.19 -8.40
N TRP D 177 17.73 -32.50 -8.22
CA TRP D 177 16.40 -33.11 -7.96
C TRP D 177 15.56 -33.31 -9.20
N HIS D 178 16.19 -33.36 -10.38
CA HIS D 178 15.46 -33.40 -11.67
C HIS D 178 14.53 -34.62 -11.72
N THR D 179 14.85 -35.74 -11.08
CA THR D 179 13.99 -36.96 -11.16
C THR D 179 13.42 -37.32 -9.80
N VAL D 180 13.47 -36.42 -8.82
CA VAL D 180 12.86 -36.64 -7.48
C VAL D 180 11.35 -36.36 -7.60
N VAL D 181 10.61 -37.38 -8.00
CA VAL D 181 9.17 -37.25 -8.25
C VAL D 181 8.43 -36.98 -6.94
N LYS D 182 7.34 -36.21 -7.04
CA LYS D 182 6.44 -35.94 -5.90
C LYS D 182 5.04 -35.67 -6.41
N SER D 183 4.12 -35.38 -5.49
CA SER D 183 2.78 -34.94 -5.92
C SER D 183 2.80 -33.44 -6.21
N GLY D 184 2.20 -33.07 -7.34
CA GLY D 184 1.79 -31.67 -7.61
C GLY D 184 0.74 -31.28 -6.58
N ARG D 185 0.61 -30.00 -6.32
CA ARG D 185 -0.49 -29.48 -5.46
C ARG D 185 -0.97 -28.22 -6.16
N THR D 186 -2.24 -28.18 -6.47
CA THR D 186 -2.93 -26.99 -6.99
C THR D 186 -4.09 -26.72 -6.03
N HIS D 187 -4.27 -25.47 -5.67
CA HIS D 187 -5.30 -25.04 -4.69
C HIS D 187 -5.04 -25.75 -3.34
N LEU D 188 -3.83 -26.25 -3.09
CA LEU D 188 -3.42 -27.04 -1.87
C LEU D 188 -3.93 -28.48 -1.96
N MET D 189 -4.55 -28.85 -3.08
CA MET D 189 -5.15 -30.18 -3.25
C MET D 189 -4.28 -31.04 -4.13
N ASP D 190 -4.41 -32.36 -3.92
CA ASP D 190 -3.60 -33.37 -4.63
C ASP D 190 -3.75 -33.19 -6.11
N ALA D 191 -2.65 -33.08 -6.82
CA ALA D 191 -2.66 -32.89 -8.28
C ALA D 191 -1.70 -33.92 -8.87
N VAL D 192 -1.58 -33.90 -10.18
CA VAL D 192 -0.70 -34.88 -10.91
C VAL D 192 0.76 -34.65 -10.55
N PRO D 193 1.62 -35.67 -10.78
CA PRO D 193 3.00 -35.58 -10.34
C PRO D 193 3.80 -34.45 -11.00
N VAL D 194 4.77 -33.95 -10.24
CA VAL D 194 5.88 -33.07 -10.69
C VAL D 194 7.16 -33.60 -10.07
N THR D 195 8.28 -32.98 -10.37
CA THR D 195 9.51 -33.27 -9.63
C THR D 195 9.83 -32.09 -8.76
N LEU D 196 10.55 -32.37 -7.69
CA LEU D 196 11.09 -31.31 -6.85
C LEU D 196 12.02 -30.43 -7.69
N GLY D 197 12.71 -30.99 -8.69
CA GLY D 197 13.60 -30.16 -9.51
C GLY D 197 12.82 -29.20 -10.38
N GLN D 198 11.67 -29.60 -10.88
CA GLN D 198 10.79 -28.76 -11.72
C GLN D 198 10.34 -27.56 -10.89
N GLU D 199 9.94 -27.80 -9.67
CA GLU D 199 9.50 -26.72 -8.76
C GLU D 199 10.68 -25.77 -8.55
N PHE D 200 11.87 -26.30 -8.25
CA PHE D 200 13.06 -25.44 -8.04
C PHE D 200 13.45 -24.71 -9.33
N SER D 201 13.22 -25.28 -10.51
CA SER D 201 13.49 -24.60 -11.81
C SER D 201 12.58 -23.36 -11.89
N GLY D 202 11.33 -23.43 -11.39
CA GLY D 202 10.41 -22.29 -11.31
C GLY D 202 10.93 -21.23 -10.32
N TYR D 203 11.41 -21.61 -9.14
CA TYR D 203 12.03 -20.66 -8.18
C TYR D 203 13.22 -19.98 -8.87
N ALA D 204 14.08 -20.76 -9.54
CA ALA D 204 15.28 -20.17 -10.14
C ALA D 204 14.83 -19.14 -11.19
N ARG D 205 13.80 -19.46 -11.99
CA ARG D 205 13.33 -18.54 -13.04
C ARG D 205 12.86 -17.25 -12.36
N GLN D 206 12.18 -17.35 -11.22
CA GLN D 206 11.64 -16.15 -10.59
C GLN D 206 12.81 -15.23 -10.21
N ILE D 207 13.92 -15.77 -9.73
CA ILE D 207 15.06 -14.93 -9.32
C ILE D 207 15.76 -14.39 -10.57
N GLU D 208 15.85 -15.22 -11.61
CA GLU D 208 16.48 -14.78 -12.89
C GLU D 208 15.70 -13.60 -13.46
N ALA D 209 14.38 -13.70 -13.46
CA ALA D 209 13.49 -12.60 -13.90
C ALA D 209 13.66 -11.39 -12.96
N GLY D 210 13.85 -11.63 -11.67
CA GLY D 210 14.22 -10.55 -10.74
C GLY D 210 15.46 -9.79 -11.18
N ILE D 211 16.49 -10.51 -11.61
CA ILE D 211 17.73 -9.84 -12.09
C ILE D 211 17.38 -9.04 -13.34
N GLU D 212 16.62 -9.61 -14.28
CA GLU D 212 16.17 -8.91 -15.51
C GLU D 212 15.44 -7.62 -15.16
N ARG D 213 14.63 -7.64 -14.10
CA ARG D 213 13.81 -6.49 -13.69
C ARG D 213 14.74 -5.39 -13.14
N VAL D 214 15.68 -5.73 -12.29
CA VAL D 214 16.66 -4.75 -11.79
C VAL D 214 17.43 -4.18 -12.99
N ARG D 215 17.94 -5.02 -13.88
N ARG D 215 17.96 -5.01 -13.88
CA ARG D 215 18.70 -4.53 -15.04
CA ARG D 215 18.72 -4.47 -15.02
C ARG D 215 17.87 -3.53 -15.85
C ARG D 215 17.87 -3.51 -15.86
N ALA D 216 16.59 -3.81 -16.06
CA ALA D 216 15.68 -3.01 -16.89
C ALA D 216 15.50 -1.61 -16.29
N CYS D 217 15.69 -1.43 -14.99
CA CYS D 217 15.47 -0.09 -14.38
C CYS D 217 16.74 0.77 -14.40
N LEU D 218 17.90 0.20 -14.74
CA LEU D 218 19.21 0.88 -14.57
C LEU D 218 19.34 2.12 -15.47
N PRO D 219 18.81 2.13 -16.71
CA PRO D 219 18.94 3.32 -17.57
C PRO D 219 18.35 4.57 -16.92
N ARG D 220 17.35 4.41 -16.06
CA ARG D 220 16.69 5.56 -15.38
C ARG D 220 17.21 5.71 -13.93
N LEU D 221 17.50 4.63 -13.24
CA LEU D 221 18.04 4.72 -11.86
C LEU D 221 19.41 5.42 -11.86
N GLY D 222 20.21 5.19 -12.92
CA GLY D 222 21.57 5.74 -12.96
C GLY D 222 21.61 7.21 -13.39
N GLU D 223 20.46 7.83 -13.69
CA GLU D 223 20.42 9.26 -14.11
C GLU D 223 20.74 10.16 -12.92
N LEU D 224 21.69 11.08 -13.09
CA LEU D 224 22.15 11.99 -12.02
C LEU D 224 21.74 13.42 -12.39
N ALA D 225 21.27 14.18 -11.42
CA ALA D 225 20.83 15.59 -11.59
C ALA D 225 22.01 16.56 -11.61
N ILE D 226 23.23 16.14 -11.26
CA ILE D 226 24.35 17.10 -11.01
C ILE D 226 24.55 17.99 -12.24
N GLY D 227 24.73 19.29 -12.02
CA GLY D 227 24.82 20.29 -13.10
C GLY D 227 23.54 21.09 -13.27
N GLY D 228 22.39 20.62 -12.77
CA GLY D 228 21.10 21.30 -12.95
C GLY D 228 20.97 22.49 -12.01
N THR D 229 21.78 22.53 -10.95
CA THR D 229 21.77 23.54 -9.87
C THR D 229 20.33 23.74 -9.35
N ALA D 230 19.94 24.97 -9.02
CA ALA D 230 18.80 25.20 -8.10
C ALA D 230 17.49 24.69 -8.68
N VAL D 231 17.24 24.91 -9.97
CA VAL D 231 15.89 24.63 -10.53
C VAL D 231 15.97 23.71 -11.73
N GLY D 232 17.15 23.29 -12.14
CA GLY D 232 17.31 22.44 -13.33
C GLY D 232 17.89 23.12 -14.56
N THR D 233 18.06 24.45 -14.50
CA THR D 233 18.50 25.28 -15.64
C THR D 233 20.04 25.28 -15.73
N GLY D 234 20.76 24.89 -14.69
CA GLY D 234 22.23 24.88 -14.70
C GLY D 234 22.78 26.28 -14.47
N LEU D 235 21.93 27.25 -14.10
CA LEU D 235 22.45 28.60 -13.73
C LEU D 235 23.52 28.48 -12.66
N ASN D 236 24.65 29.18 -12.86
CA ASN D 236 25.79 29.25 -11.90
C ASN D 236 26.60 27.95 -11.91
N ALA D 237 26.41 27.08 -12.90
CA ALA D 237 27.30 25.95 -13.18
C ALA D 237 27.83 26.07 -14.60
N PRO D 238 29.04 25.57 -14.88
CA PRO D 238 29.48 25.37 -16.26
C PRO D 238 28.48 24.55 -17.08
N ASP D 239 28.38 24.82 -18.39
CA ASP D 239 27.32 24.15 -19.21
C ASP D 239 27.55 22.63 -19.24
N ASP D 240 28.80 22.20 -19.17
CA ASP D 240 29.11 20.75 -19.26
C ASP D 240 29.47 20.20 -17.87
N PHE D 241 29.06 20.84 -16.77
CA PHE D 241 29.50 20.41 -15.43
C PHE D 241 29.03 18.97 -15.20
N GLY D 242 27.75 18.71 -15.51
CA GLY D 242 27.12 17.40 -15.30
C GLY D 242 27.89 16.31 -16.02
N VAL D 243 28.10 16.46 -17.33
N VAL D 243 28.11 16.45 -17.33
CA VAL D 243 28.77 15.41 -18.13
CA VAL D 243 28.77 15.38 -18.13
C VAL D 243 30.20 15.19 -17.57
C VAL D 243 30.21 15.19 -17.62
N ARG D 244 30.89 16.25 -17.16
CA ARG D 244 32.29 16.11 -16.67
C ARG D 244 32.29 15.39 -15.32
N VAL D 245 31.39 15.76 -14.40
CA VAL D 245 31.33 15.13 -13.07
C VAL D 245 30.95 13.65 -13.23
N VAL D 246 29.98 13.36 -14.08
CA VAL D 246 29.58 11.93 -14.31
C VAL D 246 30.78 11.12 -14.82
N ALA D 247 31.55 11.64 -15.76
CA ALA D 247 32.74 10.89 -16.25
C ALA D 247 33.72 10.63 -15.09
N VAL D 248 33.98 11.59 -14.22
CA VAL D 248 34.87 11.36 -13.06
C VAL D 248 34.25 10.25 -12.19
N LEU D 249 32.93 10.32 -11.89
CA LEU D 249 32.31 9.27 -11.04
C LEU D 249 32.38 7.89 -11.69
N VAL D 250 32.12 7.78 -12.99
CA VAL D 250 32.14 6.46 -13.66
C VAL D 250 33.57 5.93 -13.49
N ALA D 251 34.59 6.76 -13.75
CA ALA D 251 35.99 6.31 -13.67
C ALA D 251 36.36 5.87 -12.25
N GLN D 252 35.92 6.60 -11.24
N GLN D 252 35.88 6.58 -11.23
CA GLN D 252 36.33 6.30 -9.85
CA GLN D 252 36.34 6.33 -9.83
C GLN D 252 35.61 5.02 -9.38
C GLN D 252 35.53 5.18 -9.19
N THR D 253 34.33 4.88 -9.69
CA THR D 253 33.46 3.82 -9.12
C THR D 253 33.48 2.56 -9.99
N GLY D 254 33.76 2.68 -11.29
CA GLY D 254 33.60 1.59 -12.25
C GLY D 254 32.13 1.36 -12.60
N LEU D 255 31.23 2.24 -12.17
CA LEU D 255 29.79 2.09 -12.43
C LEU D 255 29.46 2.74 -13.76
N SER D 256 29.53 1.98 -14.85
CA SER D 256 29.17 2.48 -16.19
C SER D 256 27.68 2.83 -16.32
N GLU D 257 26.83 2.50 -15.33
CA GLU D 257 25.38 2.75 -15.41
C GLU D 257 25.08 4.19 -15.02
N LEU D 258 26.03 4.91 -14.41
CA LEU D 258 25.78 6.33 -14.07
C LEU D 258 25.74 7.13 -15.37
N ARG D 259 24.84 8.12 -15.44
N ARG D 259 24.76 8.03 -15.49
CA ARG D 259 24.70 8.99 -16.62
CA ARG D 259 24.54 8.87 -16.68
C ARG D 259 24.03 10.30 -16.25
C ARG D 259 24.10 10.24 -16.23
N THR D 260 24.26 11.31 -17.07
N THR D 260 24.20 11.21 -17.13
CA THR D 260 23.59 12.62 -16.97
CA THR D 260 23.55 12.52 -16.94
C THR D 260 22.09 12.39 -17.24
C THR D 260 22.05 12.30 -17.17
N ALA D 261 21.24 13.15 -16.57
CA ALA D 261 19.79 13.09 -16.77
C ALA D 261 19.47 13.34 -18.23
N ALA D 262 18.52 12.61 -18.77
CA ALA D 262 17.92 12.91 -20.09
C ALA D 262 17.32 14.32 -20.08
N ASN D 263 16.61 14.71 -19.02
CA ASN D 263 15.99 16.04 -18.93
C ASN D 263 16.28 16.57 -17.54
N SER D 264 16.92 17.73 -17.44
CA SER D 264 17.43 18.27 -16.16
C SER D 264 16.27 18.71 -15.26
N PHE D 265 15.13 19.05 -15.82
CA PHE D 265 13.94 19.46 -15.03
C PHE D 265 13.33 18.18 -14.41
N GLU D 266 13.10 17.13 -15.19
CA GLU D 266 12.54 15.85 -14.70
C GLU D 266 13.44 15.33 -13.56
N ALA D 267 14.76 15.49 -13.67
CA ALA D 267 15.71 14.87 -12.72
C ALA D 267 15.66 15.55 -11.36
N GLN D 268 15.04 16.74 -11.26
CA GLN D 268 14.97 17.45 -9.96
C GLN D 268 13.54 17.59 -9.47
N ALA D 269 12.58 17.79 -10.37
CA ALA D 269 11.15 17.92 -10.07
C ALA D 269 10.57 16.58 -9.60
N ALA D 270 11.18 15.48 -9.99
CA ALA D 270 10.71 14.10 -9.70
C ALA D 270 11.87 13.18 -9.31
N ARG D 271 11.51 12.10 -8.62
CA ARG D 271 12.41 11.00 -8.25
C ARG D 271 11.80 9.72 -8.82
N ASP D 272 11.24 9.78 -10.04
CA ASP D 272 10.51 8.64 -10.62
C ASP D 272 11.42 7.42 -10.78
N GLY D 273 12.72 7.63 -10.97
CA GLY D 273 13.71 6.55 -11.08
C GLY D 273 13.76 5.68 -9.84
N LEU D 274 13.60 6.30 -8.68
CA LEU D 274 13.56 5.54 -7.38
C LEU D 274 12.25 4.79 -7.26
N VAL D 275 11.15 5.41 -7.70
CA VAL D 275 9.84 4.76 -7.69
C VAL D 275 9.89 3.52 -8.61
N GLU D 276 10.45 3.68 -9.80
CA GLU D 276 10.59 2.58 -10.75
C GLU D 276 11.42 1.45 -10.14
N ALA D 277 12.61 1.77 -9.63
CA ALA D 277 13.51 0.75 -9.05
C ALA D 277 12.80 0.03 -7.89
N SER D 278 12.12 0.77 -7.01
CA SER D 278 11.40 0.15 -5.88
C SER D 278 10.38 -0.86 -6.38
N GLY D 279 9.70 -0.61 -7.49
CA GLY D 279 8.79 -1.59 -8.11
C GLY D 279 9.52 -2.89 -8.49
N ALA D 280 10.74 -2.82 -9.02
CA ALA D 280 11.54 -4.04 -9.27
C ALA D 280 11.82 -4.75 -7.95
N LEU D 281 12.19 -4.01 -6.89
CA LEU D 281 12.53 -4.65 -5.61
C LEU D 281 11.25 -5.27 -4.99
N ARG D 282 10.12 -4.59 -5.13
CA ARG D 282 8.83 -5.08 -4.63
C ARG D 282 8.47 -6.37 -5.35
N THR D 283 8.73 -6.46 -6.66
CA THR D 283 8.42 -7.68 -7.41
C THR D 283 9.33 -8.81 -6.88
N ILE D 284 10.62 -8.53 -6.68
CA ILE D 284 11.53 -9.56 -6.12
C ILE D 284 11.04 -9.99 -4.71
N ALA D 285 10.53 -9.08 -3.90
CA ALA D 285 9.98 -9.42 -2.60
C ALA D 285 8.79 -10.38 -2.75
N VAL D 286 7.93 -10.15 -3.74
CA VAL D 286 6.77 -11.02 -4.06
C VAL D 286 7.28 -12.40 -4.46
N SER D 287 8.28 -12.48 -5.35
CA SER D 287 8.87 -13.77 -5.74
C SER D 287 9.43 -14.50 -4.50
N LEU D 288 10.23 -13.81 -3.69
CA LEU D 288 10.92 -14.38 -2.53
C LEU D 288 9.87 -14.89 -1.52
N THR D 289 8.76 -14.18 -1.38
CA THR D 289 7.66 -14.66 -0.51
C THR D 289 7.14 -16.05 -0.97
N LYS D 290 6.89 -16.25 -2.26
CA LYS D 290 6.38 -17.54 -2.78
C LYS D 290 7.45 -18.60 -2.52
N ILE D 291 8.71 -18.31 -2.86
CA ILE D 291 9.78 -19.32 -2.73
C ILE D 291 9.93 -19.71 -1.26
N ALA D 292 10.05 -18.72 -0.38
CA ALA D 292 10.26 -18.96 1.06
C ALA D 292 9.08 -19.71 1.70
N ASN D 293 7.85 -19.38 1.31
N ASN D 293 7.86 -19.35 1.33
CA ASN D 293 6.63 -20.03 1.83
CA ASN D 293 6.62 -19.99 1.83
C ASN D 293 6.57 -21.48 1.36
C ASN D 293 6.63 -21.46 1.39
N ASP D 294 6.93 -21.76 0.11
CA ASP D 294 6.91 -23.14 -0.37
C ASP D 294 7.97 -23.93 0.42
N ILE D 295 9.13 -23.36 0.64
CA ILE D 295 10.26 -24.05 1.32
C ILE D 295 9.87 -24.31 2.78
N ARG D 296 9.29 -23.36 3.50
CA ARG D 296 8.90 -23.71 4.89
C ARG D 296 7.73 -24.71 4.91
N TRP D 297 6.79 -24.64 3.98
CA TRP D 297 5.75 -25.70 3.95
C TRP D 297 6.39 -27.06 3.62
N MET D 298 7.27 -27.13 2.64
CA MET D 298 7.90 -28.42 2.36
C MET D 298 8.65 -28.94 3.58
N GLY D 299 9.21 -28.07 4.43
CA GLY D 299 9.96 -28.49 5.62
C GLY D 299 9.08 -28.79 6.82
N SER D 300 7.78 -28.55 6.74
CA SER D 300 6.86 -28.53 7.90
C SER D 300 6.76 -29.91 8.56
N GLY D 301 6.48 -29.91 9.86
CA GLY D 301 6.23 -31.16 10.61
C GLY D 301 7.21 -31.35 11.74
N PRO D 302 7.84 -32.53 11.86
CA PRO D 302 7.70 -33.60 10.84
C PRO D 302 6.37 -34.41 10.81
N LEU D 303 5.73 -34.64 11.94
CA LEU D 303 4.54 -35.54 11.96
C LEU D 303 3.30 -34.85 11.44
N THR D 304 3.13 -33.55 11.69
CA THR D 304 1.88 -32.79 11.40
C THR D 304 1.94 -32.08 10.06
N GLY D 305 3.05 -32.19 9.33
CA GLY D 305 3.27 -31.32 8.17
C GLY D 305 3.46 -32.14 6.91
N LEU D 306 4.13 -31.56 5.94
CA LEU D 306 4.33 -32.21 4.64
C LEU D 306 5.63 -33.02 4.68
N ALA D 307 6.66 -32.57 5.39
CA ALA D 307 7.90 -33.34 5.63
C ALA D 307 8.52 -33.76 4.30
N GLU D 308 8.51 -32.90 3.31
CA GLU D 308 9.08 -33.24 1.97
C GLU D 308 10.59 -33.03 1.98
N ILE D 309 11.12 -32.05 2.70
CA ILE D 309 12.55 -31.70 2.76
C ILE D 309 12.93 -31.41 4.20
N GLN D 310 14.23 -31.41 4.46
N GLN D 310 14.23 -31.44 4.48
CA GLN D 310 14.82 -31.00 5.75
CA GLN D 310 14.81 -31.01 5.75
C GLN D 310 15.62 -29.72 5.52
C GLN D 310 15.61 -29.73 5.52
N LEU D 311 15.34 -28.68 6.29
CA LEU D 311 16.15 -27.45 6.27
C LEU D 311 17.34 -27.61 7.19
N PRO D 312 18.50 -27.00 6.86
CA PRO D 312 19.62 -26.95 7.78
C PRO D 312 19.21 -26.24 9.06
N ASP D 313 19.69 -26.76 10.17
CA ASP D 313 19.45 -26.22 11.53
C ASP D 313 20.44 -25.08 11.80
N LEU D 314 19.94 -23.89 12.11
CA LEU D 314 20.75 -22.68 12.44
C LEU D 314 20.55 -22.26 13.90
N GLN D 315 19.43 -22.64 14.51
N GLN D 315 19.40 -22.57 14.50
CA GLN D 315 19.08 -22.19 15.88
CA GLN D 315 19.12 -22.16 15.90
C GLN D 315 18.40 -23.32 16.65
C GLN D 315 18.35 -23.27 16.62
N LYS D 324 13.52 -31.32 14.83
CA LYS D 324 12.48 -30.27 14.57
C LYS D 324 13.16 -28.88 14.43
N VAL D 325 13.50 -28.54 13.19
CA VAL D 325 14.21 -27.30 12.82
C VAL D 325 13.16 -26.23 12.46
N ASN D 326 13.12 -25.11 13.17
CA ASN D 326 12.27 -23.97 12.74
C ASN D 326 12.84 -23.35 11.46
N PRO D 327 11.98 -22.94 10.49
CA PRO D 327 12.44 -22.40 9.21
C PRO D 327 12.83 -20.93 9.41
N VAL D 328 13.89 -20.71 10.13
CA VAL D 328 14.24 -19.33 10.58
C VAL D 328 14.64 -18.48 9.35
N LEU D 329 15.34 -19.04 8.35
N LEU D 329 15.36 -19.03 8.36
CA LEU D 329 15.68 -18.19 7.18
CA LEU D 329 15.71 -18.16 7.19
C LEU D 329 14.44 -17.86 6.35
C LEU D 329 14.48 -17.88 6.32
N PRO D 330 13.56 -18.82 6.02
CA PRO D 330 12.29 -18.43 5.38
C PRO D 330 11.58 -17.35 6.18
N GLU D 331 11.55 -17.39 7.51
CA GLU D 331 10.86 -16.33 8.27
C GLU D 331 11.61 -14.99 8.07
N ALA D 332 12.95 -15.01 8.06
CA ALA D 332 13.70 -13.74 7.84
C ALA D 332 13.39 -13.21 6.43
N VAL D 333 13.35 -14.09 5.43
CA VAL D 333 13.05 -13.68 4.03
C VAL D 333 11.64 -13.06 3.93
N THR D 334 10.63 -13.68 4.51
CA THR D 334 9.23 -13.22 4.38
C THR D 334 9.08 -11.91 5.15
N GLN D 335 9.80 -11.74 6.25
CA GLN D 335 9.76 -10.47 7.03
C GLN D 335 10.46 -9.36 6.22
N VAL D 336 11.55 -9.68 5.57
CA VAL D 336 12.24 -8.68 4.70
C VAL D 336 11.29 -8.27 3.57
N ALA D 337 10.60 -9.21 2.96
CA ALA D 337 9.67 -8.97 1.86
C ALA D 337 8.57 -8.01 2.32
N ALA D 338 8.07 -8.20 3.53
CA ALA D 338 7.02 -7.32 4.07
C ALA D 338 7.61 -5.91 4.16
N GLN D 339 8.84 -5.82 4.68
CA GLN D 339 9.50 -4.48 4.86
C GLN D 339 9.68 -3.82 3.49
N VAL D 340 10.06 -4.58 2.47
CA VAL D 340 10.28 -4.01 1.10
C VAL D 340 8.95 -3.49 0.55
N ILE D 341 7.85 -4.20 0.77
CA ILE D 341 6.47 -3.79 0.37
C ILE D 341 6.11 -2.48 1.08
N GLY D 342 6.40 -2.34 2.37
CA GLY D 342 6.13 -1.10 3.08
C GLY D 342 6.96 0.06 2.59
N ASN D 343 8.27 -0.19 2.49
CA ASN D 343 9.22 0.84 2.01
C ASN D 343 8.76 1.30 0.62
N ASP D 344 8.30 0.38 -0.22
CA ASP D 344 7.85 0.70 -1.59
C ASP D 344 6.65 1.67 -1.59
N ALA D 345 5.72 1.50 -0.62
CA ALA D 345 4.59 2.41 -0.48
C ALA D 345 5.08 3.80 -0.07
N ALA D 346 6.02 3.88 0.87
CA ALA D 346 6.57 5.20 1.29
C ALA D 346 7.25 5.90 0.12
N ILE D 347 7.94 5.10 -0.72
CA ILE D 347 8.72 5.69 -1.82
C ILE D 347 7.74 6.29 -2.83
N ALA D 348 6.68 5.58 -3.16
CA ALA D 348 5.71 6.03 -4.18
C ALA D 348 5.00 7.29 -3.65
N TRP D 349 4.71 7.31 -2.35
CA TRP D 349 4.01 8.44 -1.73
C TRP D 349 4.90 9.70 -1.85
N GLY D 350 6.17 9.59 -1.49
CA GLY D 350 7.07 10.72 -1.64
C GLY D 350 7.23 11.09 -3.13
N GLY D 351 7.32 10.10 -4.00
CA GLY D 351 7.54 10.33 -5.44
C GLY D 351 6.42 11.15 -6.08
N ALA D 352 5.19 10.97 -5.62
CA ALA D 352 4.02 11.59 -6.27
C ALA D 352 3.91 13.04 -5.87
N ASN D 353 4.55 13.45 -4.77
CA ASN D 353 4.19 14.68 -4.05
C ASN D 353 5.22 15.79 -4.29
N GLY D 354 5.98 15.73 -5.38
CA GLY D 354 6.82 16.87 -5.77
C GLY D 354 5.98 18.09 -6.14
N ALA D 355 6.61 19.25 -6.24
CA ALA D 355 5.92 20.46 -6.68
C ALA D 355 6.87 21.28 -7.54
N PHE D 356 6.41 21.69 -8.73
CA PHE D 356 7.17 22.62 -9.59
C PHE D 356 8.60 22.08 -9.79
N GLU D 357 9.61 22.82 -9.34
CA GLU D 357 10.98 22.48 -9.75
C GLU D 357 11.65 21.50 -8.80
N LEU D 358 11.01 21.04 -7.72
CA LEU D 358 11.74 20.20 -6.74
C LEU D 358 10.79 19.17 -6.09
N ASN D 359 11.18 17.91 -6.15
CA ASN D 359 10.58 16.91 -5.21
C ASN D 359 11.31 17.02 -3.88
N VAL D 360 10.60 17.34 -2.79
CA VAL D 360 11.18 17.53 -1.44
C VAL D 360 10.85 16.34 -0.49
N TYR D 361 10.96 15.12 -0.99
CA TYR D 361 10.84 13.89 -0.18
C TYR D 361 12.12 13.06 -0.30
N ILE D 362 13.23 13.68 -0.69
CA ILE D 362 14.41 12.89 -1.13
C ILE D 362 15.01 12.13 0.05
N PRO D 363 15.24 12.71 1.24
CA PRO D 363 15.84 11.95 2.34
C PRO D 363 15.02 10.71 2.73
N MET D 364 13.70 10.87 2.82
CA MET D 364 12.80 9.74 3.14
C MET D 364 12.85 8.67 2.02
N MET D 365 12.74 9.07 0.77
CA MET D 365 12.79 8.14 -0.37
C MET D 365 14.16 7.43 -0.38
N ALA D 366 15.24 8.14 -0.12
CA ALA D 366 16.61 7.54 -0.11
C ALA D 366 16.70 6.46 0.97
N ARG D 367 16.27 6.80 2.19
CA ARG D 367 16.35 5.83 3.29
C ARG D 367 15.66 4.52 2.88
N ASN D 368 14.48 4.65 2.33
CA ASN D 368 13.61 3.50 2.02
C ASN D 368 14.15 2.67 0.86
N ILE D 369 14.56 3.28 -0.24
N ILE D 369 14.54 3.30 -0.24
CA ILE D 369 15.07 2.43 -1.34
CA ILE D 369 15.08 2.56 -1.42
C ILE D 369 16.41 1.81 -0.93
C ILE D 369 16.41 1.89 -1.03
N LEU D 370 17.29 2.58 -0.28
CA LEU D 370 18.62 2.02 0.09
C LEU D 370 18.44 0.90 1.12
N GLU D 371 17.48 1.02 2.03
CA GLU D 371 17.20 -0.12 2.91
C GLU D 371 16.70 -1.33 2.13
N SER D 372 15.76 -1.16 1.20
CA SER D 372 15.22 -2.29 0.40
C SER D 372 16.36 -2.96 -0.35
N PHE D 373 17.29 -2.19 -0.93
CA PHE D 373 18.44 -2.83 -1.60
C PHE D 373 19.21 -3.69 -0.62
N LYS D 374 19.57 -3.11 0.51
CA LYS D 374 20.41 -3.77 1.52
C LYS D 374 19.75 -5.05 2.05
N LEU D 375 18.49 -4.96 2.50
CA LEU D 375 17.74 -6.15 3.03
C LEU D 375 17.71 -7.26 2.00
N LEU D 376 17.46 -6.94 0.73
CA LEU D 376 17.25 -8.01 -0.29
C LEU D 376 18.63 -8.62 -0.58
N THR D 377 19.66 -7.78 -0.65
CA THR D 377 21.05 -8.25 -0.88
C THR D 377 21.45 -9.23 0.24
N ASN D 378 21.31 -8.80 1.50
CA ASN D 378 21.86 -9.58 2.62
C ASN D 378 21.06 -10.86 2.80
N VAL D 379 19.73 -10.78 2.73
CA VAL D 379 18.88 -11.98 3.00
C VAL D 379 18.99 -12.95 1.84
N SER D 380 19.21 -12.47 0.61
CA SER D 380 19.31 -13.37 -0.56
C SER D 380 20.58 -14.23 -0.39
N ARG D 381 21.67 -13.61 0.02
CA ARG D 381 22.96 -14.33 0.21
C ARG D 381 22.80 -15.32 1.35
N LEU D 382 22.23 -14.90 2.47
CA LEU D 382 22.03 -15.85 3.61
C LEU D 382 21.10 -16.98 3.20
N PHE D 383 20.02 -16.69 2.52
CA PHE D 383 19.05 -17.71 2.07
C PHE D 383 19.77 -18.74 1.19
N ALA D 384 20.54 -18.23 0.22
CA ALA D 384 21.29 -19.05 -0.75
C ALA D 384 22.21 -20.01 0.02
N GLN D 385 23.01 -19.47 0.92
CA GLN D 385 24.20 -20.16 1.49
C GLN D 385 23.79 -21.03 2.68
N ARG D 386 22.87 -20.57 3.49
N ARG D 386 22.91 -20.52 3.54
CA ARG D 386 22.57 -21.25 4.78
CA ARG D 386 22.56 -21.15 4.84
C ARG D 386 21.21 -21.94 4.78
C ARG D 386 21.18 -21.84 4.81
N CYS D 387 20.46 -21.84 3.70
CA CYS D 387 19.19 -22.59 3.59
C CYS D 387 19.20 -23.40 2.33
N ILE D 388 19.17 -22.78 1.17
CA ILE D 388 18.97 -23.52 -0.10
C ILE D 388 20.09 -24.53 -0.28
N ALA D 389 21.35 -24.14 -0.09
CA ALA D 389 22.47 -25.02 -0.51
C ALA D 389 22.42 -26.33 0.33
N GLY D 390 21.97 -26.24 1.56
CA GLY D 390 21.95 -27.39 2.50
C GLY D 390 20.66 -28.18 2.55
N LEU D 391 19.62 -27.85 1.79
CA LEU D 391 18.34 -28.58 1.82
C LEU D 391 18.62 -30.05 1.48
N THR D 392 17.97 -30.96 2.16
CA THR D 392 17.95 -32.39 1.75
C THR D 392 16.51 -32.84 1.46
N ALA D 393 16.34 -33.61 0.41
CA ALA D 393 15.03 -34.12 -0.01
C ALA D 393 14.76 -35.47 0.68
N ASN D 394 13.53 -35.67 1.14
CA ASN D 394 13.06 -36.98 1.68
C ASN D 394 12.52 -37.78 0.51
N VAL D 395 13.42 -38.36 -0.27
CA VAL D 395 13.12 -38.90 -1.63
C VAL D 395 12.04 -39.98 -1.53
N GLU D 396 12.16 -40.89 -0.57
CA GLU D 396 11.24 -42.06 -0.50
C GLU D 396 9.86 -41.54 -0.12
N HIS D 397 9.80 -40.58 0.81
CA HIS D 397 8.51 -39.94 1.21
C HIS D 397 7.88 -39.24 -0.01
N LEU D 398 8.67 -38.47 -0.77
CA LEU D 398 8.19 -37.77 -1.96
C LEU D 398 7.64 -38.75 -3.00
N ARG D 399 8.30 -39.89 -3.22
CA ARG D 399 7.80 -40.88 -4.19
C ARG D 399 6.47 -41.45 -3.67
N ARG D 400 6.33 -41.66 -2.37
CA ARG D 400 5.04 -42.18 -1.82
C ARG D 400 3.94 -41.14 -2.08
N LEU D 401 4.25 -39.83 -1.97
CA LEU D 401 3.26 -38.78 -2.29
C LEU D 401 2.92 -38.81 -3.78
N ALA D 402 3.92 -39.00 -4.66
CA ALA D 402 3.70 -39.07 -6.11
C ALA D 402 2.79 -40.27 -6.43
N GLU D 403 3.06 -41.40 -5.78
CA GLU D 403 2.26 -42.66 -5.98
C GLU D 403 0.86 -42.51 -5.36
N SER D 404 0.53 -41.35 -4.77
CA SER D 404 -0.80 -41.06 -4.19
C SER D 404 -1.54 -39.93 -4.97
N SER D 405 -0.87 -39.28 -5.93
CA SER D 405 -1.48 -38.28 -6.85
C SER D 405 -2.57 -38.93 -7.68
N PRO D 406 -3.52 -38.14 -8.19
CA PRO D 406 -4.43 -38.64 -9.22
C PRO D 406 -3.63 -39.05 -10.46
N SER D 407 -4.19 -40.03 -11.15
CA SER D 407 -3.72 -40.48 -12.47
C SER D 407 -4.72 -40.05 -13.55
N ILE D 408 -4.34 -40.28 -14.79
CA ILE D 408 -5.18 -40.03 -15.98
C ILE D 408 -5.14 -41.27 -16.88
N VAL D 409 -6.16 -41.42 -17.74
CA VAL D 409 -6.33 -42.64 -18.58
C VAL D 409 -5.62 -42.47 -19.92
N THR D 410 -5.26 -41.23 -20.31
CA THR D 410 -4.67 -40.91 -21.63
C THR D 410 -3.56 -41.88 -22.00
N PRO D 411 -2.58 -42.19 -21.11
CA PRO D 411 -1.46 -43.07 -21.48
C PRO D 411 -1.85 -44.55 -21.70
N LEU D 412 -3.13 -44.91 -21.54
CA LEU D 412 -3.67 -46.26 -21.84
C LEU D 412 -4.29 -46.31 -23.26
N ASN D 413 -4.61 -45.18 -23.89
CA ASN D 413 -5.33 -45.09 -25.19
C ASN D 413 -4.77 -46.10 -26.21
N SER D 414 -3.48 -46.02 -26.51
CA SER D 414 -2.80 -46.88 -27.52
C SER D 414 -3.00 -48.37 -27.20
N ALA D 415 -3.33 -48.72 -25.96
CA ALA D 415 -3.42 -50.13 -25.49
C ALA D 415 -4.86 -50.62 -25.48
N ILE D 416 -5.80 -49.85 -24.91
CA ILE D 416 -7.19 -50.30 -24.65
C ILE D 416 -8.17 -49.55 -25.55
N GLY D 417 -7.74 -48.48 -26.23
CA GLY D 417 -8.61 -47.64 -27.08
C GLY D 417 -9.32 -46.55 -26.30
N TYR D 418 -9.80 -45.53 -27.01
CA TYR D 418 -10.39 -44.28 -26.45
C TYR D 418 -11.70 -44.60 -25.72
N GLU D 419 -12.43 -45.60 -26.20
CA GLU D 419 -13.76 -45.98 -25.66
C GLU D 419 -13.58 -46.70 -24.31
N GLU D 420 -12.73 -47.72 -24.23
CA GLU D 420 -12.49 -48.48 -22.97
C GLU D 420 -11.85 -47.53 -21.95
N ALA D 421 -10.86 -46.72 -22.36
CA ALA D 421 -10.22 -45.66 -21.53
C ALA D 421 -11.30 -44.78 -20.91
N ALA D 422 -12.23 -44.27 -21.72
CA ALA D 422 -13.31 -43.37 -21.25
C ALA D 422 -14.15 -44.09 -20.20
N ALA D 423 -14.44 -45.39 -20.40
CA ALA D 423 -15.22 -46.22 -19.44
C ALA D 423 -14.40 -46.43 -18.16
N VAL D 424 -13.08 -46.67 -18.26
CA VAL D 424 -12.17 -46.68 -17.06
C VAL D 424 -12.33 -45.35 -16.31
N ALA D 425 -12.23 -44.22 -17.01
CA ALA D 425 -12.28 -42.88 -16.38
C ALA D 425 -13.59 -42.74 -15.62
N LYS D 426 -14.70 -43.11 -16.25
CA LYS D 426 -16.05 -42.86 -15.68
C LYS D 426 -16.18 -43.77 -14.45
N GLN D 427 -15.78 -45.04 -14.54
CA GLN D 427 -15.95 -46.02 -13.42
C GLN D 427 -15.04 -45.63 -12.25
N ALA D 428 -13.80 -45.19 -12.53
CA ALA D 428 -12.88 -44.73 -11.46
C ALA D 428 -13.53 -43.57 -10.71
N LEU D 429 -14.09 -42.60 -11.44
CA LEU D 429 -14.76 -41.45 -10.79
C LEU D 429 -15.93 -41.94 -9.94
N LYS D 430 -16.79 -42.77 -10.54
CA LYS D 430 -18.05 -43.26 -9.92
C LYS D 430 -17.70 -44.01 -8.62
N GLU D 431 -16.69 -44.87 -8.64
CA GLU D 431 -16.44 -45.82 -7.52
C GLU D 431 -15.33 -45.24 -6.64
N ARG D 432 -14.79 -44.06 -6.98
CA ARG D 432 -13.69 -43.41 -6.19
C ARG D 432 -12.51 -44.38 -6.10
N LYS D 433 -12.11 -44.93 -7.24
CA LYS D 433 -11.00 -45.91 -7.33
C LYS D 433 -9.89 -45.24 -8.11
N THR D 434 -8.68 -45.79 -8.07
CA THR D 434 -7.58 -45.27 -8.92
C THR D 434 -7.82 -45.75 -10.35
N ILE D 435 -7.12 -45.16 -11.30
CA ILE D 435 -7.14 -45.65 -12.71
C ILE D 435 -6.58 -47.08 -12.68
N ARG D 436 -5.45 -47.29 -12.00
CA ARG D 436 -4.73 -48.58 -12.02
C ARG D 436 -5.71 -49.69 -11.60
N GLN D 437 -6.34 -49.52 -10.46
CA GLN D 437 -7.19 -50.58 -9.86
C GLN D 437 -8.45 -50.77 -10.72
N THR D 438 -8.98 -49.70 -11.31
CA THR D 438 -10.17 -49.76 -12.19
C THR D 438 -9.80 -50.61 -13.42
N VAL D 439 -8.58 -50.47 -13.94
CA VAL D 439 -8.15 -51.29 -15.11
C VAL D 439 -8.14 -52.76 -14.69
N ILE D 440 -7.54 -53.07 -13.54
CA ILE D 440 -7.48 -54.46 -13.00
C ILE D 440 -8.91 -54.99 -12.82
N ASP D 441 -9.76 -54.21 -12.16
CA ASP D 441 -11.14 -54.61 -11.76
C ASP D 441 -11.99 -54.85 -13.01
N ARG D 442 -11.80 -54.08 -14.08
CA ARG D 442 -12.53 -54.26 -15.35
C ARG D 442 -11.95 -55.44 -16.16
N GLY D 443 -10.99 -56.19 -15.61
CA GLY D 443 -10.42 -57.41 -16.25
C GLY D 443 -9.68 -57.09 -17.54
N LEU D 444 -8.99 -55.94 -17.63
CA LEU D 444 -8.30 -55.48 -18.87
C LEU D 444 -6.87 -56.01 -18.95
N ILE D 445 -6.31 -56.53 -17.85
CA ILE D 445 -4.97 -57.20 -17.90
C ILE D 445 -5.14 -58.46 -18.77
N GLY D 446 -4.39 -58.54 -19.87
CA GLY D 446 -4.59 -59.49 -20.99
C GLY D 446 -3.60 -59.20 -22.12
N ASP D 447 -3.90 -59.63 -23.36
CA ASP D 447 -2.99 -59.48 -24.54
C ASP D 447 -2.77 -58.00 -24.85
N ARG D 448 -3.79 -57.16 -24.65
CA ARG D 448 -3.76 -55.70 -24.93
C ARG D 448 -2.86 -54.98 -23.91
N LEU D 449 -2.57 -55.61 -22.76
CA LEU D 449 -2.00 -54.86 -21.60
C LEU D 449 -1.57 -55.80 -20.49
N SER D 450 -0.27 -56.03 -20.32
CA SER D 450 0.29 -56.75 -19.14
C SER D 450 0.26 -55.79 -17.94
N ILE D 451 0.44 -56.34 -16.74
CA ILE D 451 0.62 -55.58 -15.47
C ILE D 451 1.88 -54.70 -15.55
N GLU D 452 2.90 -55.14 -16.28
CA GLU D 452 4.13 -54.34 -16.42
C GLU D 452 3.87 -53.19 -17.38
N ASP D 453 3.05 -53.42 -18.40
CA ASP D 453 2.71 -52.39 -19.39
C ASP D 453 1.85 -51.30 -18.71
N LEU D 454 0.90 -51.72 -17.88
CA LEU D 454 0.02 -50.79 -17.09
C LEU D 454 0.95 -49.90 -16.26
N ASP D 455 1.92 -50.49 -15.57
CA ASP D 455 2.82 -49.82 -14.62
C ASP D 455 3.78 -48.87 -15.35
N ARG D 456 4.25 -49.24 -16.55
CA ARG D 456 5.10 -48.33 -17.37
C ARG D 456 4.27 -47.13 -17.81
N ARG D 457 3.05 -47.38 -18.30
CA ARG D 457 2.23 -46.31 -18.92
C ARG D 457 1.86 -45.27 -17.85
N LEU D 458 1.61 -45.71 -16.62
CA LEU D 458 1.11 -44.84 -15.50
C LEU D 458 2.25 -44.40 -14.59
N ASP D 459 3.50 -44.70 -14.93
CA ASP D 459 4.66 -44.44 -14.05
C ASP D 459 4.67 -42.94 -13.66
N VAL D 460 4.76 -42.65 -12.37
CA VAL D 460 4.63 -41.27 -11.83
C VAL D 460 5.77 -40.39 -12.32
N LEU D 461 7.00 -40.87 -12.48
CA LEU D 461 8.07 -40.02 -13.07
C LEU D 461 7.74 -39.73 -14.53
N ALA D 462 7.23 -40.71 -15.29
CA ALA D 462 6.83 -40.49 -16.69
C ALA D 462 5.69 -39.45 -16.76
N MET D 463 4.76 -39.49 -15.80
CA MET D 463 3.62 -38.56 -15.77
C MET D 463 4.12 -37.13 -15.47
N ALA D 464 5.24 -36.98 -14.77
CA ALA D 464 5.86 -35.67 -14.48
C ALA D 464 6.55 -35.11 -15.73
N LYS D 465 6.75 -35.92 -16.77
CA LYS D 465 7.35 -35.49 -18.06
C LYS D 465 8.65 -34.74 -17.80
N ALA D 466 9.55 -35.31 -17.00
CA ALA D 466 10.82 -34.67 -16.62
C ALA D 466 11.86 -35.01 -17.69
N GLU D 467 12.08 -36.33 -17.88
CA GLU D 467 13.06 -36.96 -18.79
C GLU D 467 12.45 -37.03 -20.20
O3 KYZ E . -1.94 40.13 -10.30
C4 KYZ E . 0.54 35.37 -7.29
C5 KYZ E . -0.41 38.76 -8.27
O4 KYZ E . 0.81 42.69 -6.74
C6 KYZ E . -2.39 39.14 -9.70
N1 KYZ E . -5.25 40.18 -11.04
C7 KYZ E . -3.82 38.71 -9.86
C8 KYZ E . -4.46 39.18 -11.13
N2 KYZ E . -5.80 40.70 -12.25
C9 KYZ E . -5.56 40.29 -13.49
C10 KYZ E . -4.65 39.16 -13.60
C11 KYZ E . -4.31 38.65 -14.87
C12 KYZ E . -3.47 37.55 -14.96
N3 KYZ E . 2.07 42.53 -8.84
C13 KYZ E . -2.91 36.99 -13.80
C14 KYZ E . -3.23 37.50 -12.54
C15 KYZ E . -4.11 38.59 -12.43
S KYZ E . 1.87 41.95 -7.36
O KYZ E . 3.15 41.93 -6.73
C17 KYZ E . 0.91 43.15 -9.49
C KYZ E . 1.31 40.30 -7.58
C16 KYZ E . 0.09 40.07 -8.19
C3 KYZ E . 0.36 37.72 -7.75
O1 KYZ E . -0.17 36.47 -7.90
C2 KYZ E . 1.59 37.96 -7.15
C1 KYZ E . 2.06 39.27 -7.05
N KYZ E . -1.64 38.40 -8.84
O2 KYZ E . -6.15 40.77 -14.45
C FMT F . -7.11 -27.83 -10.69
O1 FMT F . -5.91 -27.78 -10.55
O2 FMT F . -7.88 -28.28 -9.76
MG MG G . -0.34 -35.97 7.61
O3 KYZ H . 0.54 41.39 -3.33
C4 KYZ H . -1.73 35.81 -4.46
C5 KYZ H . -0.92 39.36 -4.71
O4 KYZ H . -4.53 41.82 -7.11
C6 KYZ H . 1.04 40.26 -3.53
N1 KYZ H . 3.87 41.83 -2.63
C7 KYZ H . 2.48 39.98 -3.22
C8 KYZ H . 3.07 40.92 -2.20
N2 KYZ H . 4.41 42.73 -1.71
C9 KYZ H . 4.17 42.76 -0.38
C10 KYZ H . 3.26 41.70 0.12
C11 KYZ H . 3.00 41.60 1.48
C12 KYZ H . 2.17 40.59 1.95
N3 KYZ H . -3.27 43.19 -5.52
C13 KYZ H . 1.63 39.66 1.06
C14 KYZ H . 1.89 39.76 -0.30
C15 KYZ H . 2.72 40.78 -0.78
S KYZ H . -3.20 42.05 -6.63
O KYZ H . -2.20 42.44 -7.57
C17 KYZ H . -2.05 43.92 -5.16
C KYZ H . -2.64 40.56 -5.86
C16 KYZ H . -1.41 40.55 -5.23
C3 KYZ H . -1.66 38.19 -4.86
O1 KYZ H . -1.07 37.07 -4.31
C2 KYZ H . -2.88 38.21 -5.49
C1 KYZ H . -3.38 39.40 -6.01
N KYZ H . 0.35 39.26 -4.08
O2 KYZ H . 4.75 43.55 0.35
MG MG I . 29.92 -1.62 -16.16
#